data_7PFS
#
_entry.id   7PFS
#
_cell.length_a   75.135
_cell.length_b   133.822
_cell.length_c   128.703
_cell.angle_alpha   90.000
_cell.angle_beta   90.285
_cell.angle_gamma   90.000
#
_symmetry.space_group_name_H-M   'P 1 21 1'
#
loop_
_entity.id
_entity.type
_entity.pdbx_description
1 polymer 'Endoplasmic reticulum aminopeptidase 2'
2 branched beta-D-mannopyranose-(1-4)-2-acetamido-2-deoxy-beta-D-glucopyranose-(1-4)-2-acetamido-2-deoxy-beta-D-glucopyranose
3 branched 2-acetamido-2-deoxy-beta-D-glucopyranose-(1-4)-2-acetamido-2-deoxy-beta-D-glucopyranose
4 branched alpha-D-mannopyranose-(1-3)-[alpha-D-mannopyranose-(1-6)]beta-D-mannopyranose-(1-4)-2-acetamido-2-deoxy-beta-D-glucopyranose-(1-4)-2-acetamido-2-deoxy-beta-D-glucopyranose
5 non-polymer 2-acetamido-2-deoxy-beta-D-glucopyranose
6 non-polymer '[(2~{S})-3-[[(2~{S})-1-azanyl-4-methyl-1-oxidanylidene-pentan-2-yl]amino]-2-[(3,5-diphenylphenyl)methyl]-3-oxidanylidene-propyl]-[(1~{R})-1-azanyl-3-phenyl-propyl]phosphinic acid'
7 non-polymer 1,2-ETHANEDIOL
8 non-polymer IMIDAZOLE
9 non-polymer 'ZINC ION'
10 water water
#
_entity_poly.entity_id   1
_entity_poly.type   'polypeptide(L)'
_entity_poly.pdbx_seq_one_letter_code
;MFHSSAMVNSHRKPMFNIHRGFYCLTAILPQICICSQFSVPSSYHFTEDPGAFPVATNGERFPWQELRLPSVVIPLHYDL
FVHPNLTSLDFVASEKIEVLVSNATQFIILHSKDLEITNATLQSEEDSRYMKPGKELKVLSYPAHEQIALLVPEKLTPHL
KYYVAMDFQAKLGDGFEGFYKSTYRTLGGETRILAVTDFEPTQARMAFPCFDEPLFKANFSIKIRRESRHIALSNMPKVK
TIELEGGLLEDHFETTVKMSTYLVAYIVCDFHSLSGFTSSGVKVSIYASPDKRNQTHYALQASLKLLDFYEKYFDIYYPL
SKLDLIAIPDFAPGAMENWGLITYRETSLLFDPKTSSASDKLWVTRVIAHELAHQWFGNLVTMEWWNDIWLNEGFAKYME
LIAVNATYPELQFDDYFLNVCFEVITKDSLNSSRPISKPAETPTQIQEMFDEVSYNKGACILNMLKDFLGEEKFQKGIIQ
YLKKFSYRNAKNDDLWSSLSNSCLESDFTSGGVCHSDPKMTSNMLAFLGENAEVKEMMTTWTLQKGIPLLVVKQDGCSLR
LQQERFLQGVFQEDPEWRALQERYLWHIPLTYSTSSSNVIHRHILKSKTDTLDLPEKTSWVKFNVDSNGYYIVHYEGHGW
DQLITQLNQNHTLLRPKDRVGLIHDVFQLVGAGRLTLDKALDMTYYLQHETSSPALLEGLSYLESFYHMMDRRNISDISE
NLKRYLLQYFKPVIDRQSWSDKGSVWDRMLRSALLKLACDLNHAPCIQKAAELFSQWMESSGKLNIPTDVLKIVYSVGAQ
TTAGWNYLLEQYELSMSSAEQNKILYALSTSKHQEKLLKLIELGMEGKVIKTQNLAALLHAIARRPKGQQLAWDFVRENW
THLLKKFDLGSYDIRMIISGTTAHFSSKDKLQEVKLFFESLEAQGSHLDIFQTVLETITKNIKWLEKNLPTLRTWLMVNT
RHH
;
_entity_poly.pdbx_strand_id   A,B
#
loop_
_chem_comp.id
_chem_comp.type
_chem_comp.name
_chem_comp.formula
7OO non-polymer '[(2~{S})-3-[[(2~{S})-1-azanyl-4-methyl-1-oxidanylidene-pentan-2-yl]amino]-2-[(3,5-diphenylphenyl)methyl]-3-oxidanylidene-propyl]-[(1~{R})-1-azanyl-3-phenyl-propyl]phosphinic acid' 'C37 H44 N3 O4 P'
BMA D-saccharide, beta linking beta-D-mannopyranose 'C6 H12 O6'
EDO non-polymer 1,2-ETHANEDIOL 'C2 H6 O2'
IMD non-polymer IMIDAZOLE 'C3 H5 N2 1'
MAN D-saccharide, alpha linking alpha-D-mannopyranose 'C6 H12 O6'
NAG D-saccharide, beta linking 2-acetamido-2-deoxy-beta-D-glucopyranose 'C8 H15 N O6'
ZN non-polymer 'ZINC ION' 'Zn 2'
#
# COMPACT_ATOMS: atom_id res chain seq x y z
N GLU A 48 -18.96 -52.88 -0.73
CA GLU A 48 -19.13 -52.94 -2.18
C GLU A 48 -18.33 -54.10 -2.78
N ASP A 49 -18.58 -54.41 -4.07
CA ASP A 49 -17.79 -55.36 -4.87
C ASP A 49 -16.59 -54.81 -5.64
N PRO A 50 -16.79 -53.87 -6.62
CA PRO A 50 -15.73 -53.58 -7.60
C PRO A 50 -14.69 -52.57 -7.13
N GLY A 51 -13.46 -53.03 -6.90
CA GLY A 51 -12.41 -52.16 -6.42
C GLY A 51 -12.21 -50.92 -7.27
N ALA A 52 -12.40 -51.03 -8.59
CA ALA A 52 -12.11 -49.93 -9.52
C ALA A 52 -13.12 -48.79 -9.41
N PHE A 53 -12.90 -47.96 -8.39
CA PHE A 53 -13.63 -46.80 -7.87
C PHE A 53 -12.73 -45.58 -8.04
N PRO A 54 -13.17 -44.39 -7.64
CA PRO A 54 -12.21 -43.29 -7.56
C PRO A 54 -11.11 -43.61 -6.56
N VAL A 55 -9.94 -43.01 -6.78
CA VAL A 55 -8.76 -43.26 -5.96
C VAL A 55 -8.51 -42.03 -5.10
N ALA A 56 -8.59 -42.21 -3.78
CA ALA A 56 -8.29 -41.13 -2.85
C ALA A 56 -6.80 -40.78 -2.89
N THR A 57 -6.44 -39.77 -2.11
CA THR A 57 -5.14 -39.14 -2.26
C THR A 57 -4.00 -39.89 -1.56
N ASN A 58 -4.29 -41.02 -0.92
CA ASN A 58 -3.29 -41.84 -0.23
C ASN A 58 -3.26 -43.27 -0.81
N GLY A 59 -3.48 -43.42 -2.11
CA GLY A 59 -3.86 -44.72 -2.64
C GLY A 59 -5.35 -44.89 -2.45
N GLU A 60 -5.76 -46.05 -1.98
CA GLU A 60 -7.02 -46.06 -1.23
C GLU A 60 -8.28 -45.66 -1.99
N ARG A 61 -8.85 -46.60 -2.73
CA ARG A 61 -10.19 -46.45 -3.28
C ARG A 61 -11.17 -45.81 -2.32
N PHE A 62 -11.87 -44.78 -2.82
CA PHE A 62 -12.77 -43.85 -2.15
C PHE A 62 -14.22 -44.24 -2.39
N PRO A 63 -15.05 -44.34 -1.34
CA PRO A 63 -16.23 -45.21 -1.41
C PRO A 63 -17.50 -44.61 -1.97
N TRP A 64 -17.40 -43.47 -2.62
CA TRP A 64 -18.55 -42.79 -3.20
C TRP A 64 -18.06 -42.13 -4.47
N GLN A 65 -18.93 -42.01 -5.50
CA GLN A 65 -18.39 -41.33 -6.67
C GLN A 65 -19.33 -40.40 -7.43
N GLU A 66 -20.48 -40.07 -6.91
CA GLU A 66 -21.27 -38.99 -7.49
C GLU A 66 -20.78 -37.65 -6.92
N LEU A 67 -21.10 -36.55 -7.61
CA LEU A 67 -20.73 -35.28 -6.99
C LEU A 67 -21.79 -34.82 -6.04
N ARG A 68 -23.05 -35.16 -6.30
CA ARG A 68 -23.98 -34.88 -5.22
C ARG A 68 -23.63 -35.76 -4.02
N LEU A 69 -24.09 -35.33 -2.84
CA LEU A 69 -23.87 -36.05 -1.59
C LEU A 69 -24.96 -37.10 -1.40
N PRO A 70 -24.70 -38.11 -0.60
CA PRO A 70 -25.77 -39.06 -0.27
C PRO A 70 -26.64 -38.45 0.82
N SER A 71 -27.92 -38.82 0.79
CA SER A 71 -28.87 -38.26 1.74
C SER A 71 -29.18 -39.23 2.89
N VAL A 72 -28.32 -40.23 3.11
CA VAL A 72 -28.57 -41.15 4.21
C VAL A 72 -28.25 -40.50 5.55
N VAL A 73 -27.21 -39.65 5.59
CA VAL A 73 -26.87 -38.93 6.82
C VAL A 73 -27.34 -37.50 6.69
N ILE A 74 -28.03 -37.03 7.72
CA ILE A 74 -28.66 -35.70 7.77
C ILE A 74 -28.00 -34.91 8.89
N PRO A 75 -27.36 -33.77 8.59
CA PRO A 75 -26.90 -32.89 9.65
C PRO A 75 -28.07 -32.20 10.33
N LEU A 76 -27.94 -31.95 11.61
CA LEU A 76 -28.95 -31.24 12.38
C LEU A 76 -28.41 -29.97 13.02
N HIS A 77 -27.17 -30.00 13.51
CA HIS A 77 -26.69 -28.89 14.32
C HIS A 77 -25.17 -28.92 14.33
N TYR A 78 -24.55 -27.88 13.80
CA TYR A 78 -23.10 -27.78 13.77
C TYR A 78 -22.59 -26.99 14.96
N ASP A 79 -21.65 -27.58 15.67
CA ASP A 79 -20.95 -26.90 16.74
C ASP A 79 -19.59 -26.50 16.17
N LEU A 80 -19.41 -25.22 15.83
CA LEU A 80 -18.21 -24.81 15.11
C LEU A 80 -17.38 -23.82 15.93
N PHE A 81 -16.15 -24.18 16.23
CA PHE A 81 -15.19 -23.30 16.91
C PHE A 81 -14.13 -22.84 15.92
N VAL A 82 -13.97 -21.53 15.76
CA VAL A 82 -12.94 -20.99 14.88
C VAL A 82 -11.99 -20.14 15.71
N HIS A 83 -10.68 -20.23 15.41
CA HIS A 83 -9.64 -19.43 16.07
C HIS A 83 -8.67 -18.92 15.02
N PRO A 84 -8.97 -17.81 14.37
CA PRO A 84 -8.03 -17.26 13.37
C PRO A 84 -6.93 -16.42 14.04
N ASN A 85 -5.84 -16.25 13.32
CA ASN A 85 -4.79 -15.36 13.75
C ASN A 85 -4.44 -14.39 12.63
N LEU A 86 -4.55 -13.10 12.90
CA LEU A 86 -4.46 -12.14 11.81
C LEU A 86 -3.07 -11.56 11.65
N THR A 87 -2.10 -12.01 12.45
CA THR A 87 -0.71 -11.69 12.15
C THR A 87 0.06 -12.87 11.59
N SER A 88 -0.44 -14.08 11.77
CA SER A 88 0.14 -15.20 11.05
C SER A 88 -0.67 -15.61 9.83
N LEU A 89 -1.86 -15.01 9.62
CA LEU A 89 -2.65 -15.22 8.41
C LEU A 89 -3.05 -16.69 8.22
N ASP A 90 -3.33 -17.38 9.33
CA ASP A 90 -3.86 -18.73 9.25
C ASP A 90 -4.93 -18.91 10.32
N PHE A 91 -5.60 -20.07 10.29
CA PHE A 91 -6.63 -20.34 11.29
C PHE A 91 -6.62 -21.80 11.70
N VAL A 92 -7.16 -22.02 12.90
CA VAL A 92 -7.25 -23.30 13.59
C VAL A 92 -8.71 -23.48 14.01
N ALA A 93 -9.28 -24.67 13.78
CA ALA A 93 -10.71 -24.85 14.04
C ALA A 93 -11.06 -26.27 14.45
N SER A 94 -12.25 -26.38 15.07
CA SER A 94 -12.83 -27.62 15.58
C SER A 94 -14.32 -27.59 15.30
N GLU A 95 -14.94 -28.77 15.22
CA GLU A 95 -16.32 -28.83 14.76
C GLU A 95 -16.94 -30.15 15.21
N LYS A 96 -18.21 -30.09 15.65
CA LYS A 96 -18.96 -31.27 16.06
C LYS A 96 -20.35 -31.22 15.44
N ILE A 97 -20.62 -32.11 14.48
CA ILE A 97 -21.87 -32.15 13.74
C ILE A 97 -22.76 -33.22 14.33
N GLU A 98 -23.93 -32.82 14.82
CA GLU A 98 -24.96 -33.76 15.27
C GLU A 98 -25.71 -34.22 14.02
N VAL A 99 -25.56 -35.51 13.67
CA VAL A 99 -26.15 -36.03 12.44
C VAL A 99 -27.15 -37.09 12.81
N LEU A 100 -28.15 -37.26 11.95
CA LEU A 100 -29.15 -38.31 12.12
C LEU A 100 -29.05 -39.25 10.93
N VAL A 101 -28.81 -40.53 11.20
CA VAL A 101 -28.59 -41.54 10.17
C VAL A 101 -29.93 -42.15 9.77
N SER A 102 -30.14 -42.31 8.47
CA SER A 102 -31.42 -42.78 7.93
C SER A 102 -31.36 -44.24 7.47
N ASN A 103 -30.42 -44.59 6.60
CA ASN A 103 -30.12 -45.96 6.22
C ASN A 103 -28.73 -46.33 6.74
N ALA A 104 -28.52 -47.57 7.13
CA ALA A 104 -27.23 -47.91 7.75
C ALA A 104 -26.08 -47.78 6.75
N THR A 105 -24.98 -47.14 7.18
CA THR A 105 -23.77 -47.00 6.35
C THR A 105 -22.55 -47.50 7.09
N GLN A 106 -21.49 -47.69 6.32
CA GLN A 106 -20.11 -47.81 6.78
C GLN A 106 -19.30 -46.52 6.59
N PHE A 107 -19.92 -45.43 6.12
CA PHE A 107 -19.14 -44.23 5.88
C PHE A 107 -20.04 -43.01 5.79
N ILE A 108 -19.46 -41.87 6.15
CA ILE A 108 -20.11 -40.59 6.00
C ILE A 108 -19.39 -39.85 4.90
N ILE A 109 -20.14 -39.14 4.04
CA ILE A 109 -19.55 -38.31 2.99
C ILE A 109 -19.82 -36.85 3.31
N LEU A 110 -18.75 -36.05 3.32
CA LEU A 110 -18.73 -34.65 3.64
C LEU A 110 -18.07 -33.89 2.50
N HIS A 111 -18.35 -32.58 2.42
CA HIS A 111 -17.55 -31.68 1.58
C HIS A 111 -16.39 -31.12 2.38
N SER A 112 -15.28 -30.91 1.70
CA SER A 112 -14.11 -30.29 2.30
C SER A 112 -13.14 -29.94 1.20
N LYS A 113 -12.68 -28.70 1.15
CA LYS A 113 -11.72 -28.30 0.13
C LYS A 113 -10.60 -27.51 0.79
N ASP A 114 -9.38 -27.95 0.54
CA ASP A 114 -8.20 -27.18 0.97
C ASP A 114 -8.12 -27.06 2.49
N LEU A 115 -8.64 -28.04 3.22
CA LEU A 115 -8.61 -28.02 4.67
C LEU A 115 -7.81 -29.22 5.18
N GLU A 116 -6.85 -28.95 6.06
CA GLU A 116 -6.06 -30.01 6.68
C GLU A 116 -6.83 -30.56 7.88
N ILE A 117 -7.28 -31.80 7.78
CA ILE A 117 -7.93 -32.46 8.91
C ILE A 117 -6.88 -33.29 9.67
N THR A 118 -6.83 -33.11 10.98
CA THR A 118 -5.80 -33.67 11.83
C THR A 118 -6.29 -34.86 12.64
N ASN A 119 -7.51 -34.82 13.17
CA ASN A 119 -8.05 -36.05 13.71
C ASN A 119 -9.56 -35.93 13.73
N ALA A 120 -10.23 -37.08 13.86
CA ALA A 120 -11.69 -37.12 13.70
C ALA A 120 -12.24 -38.31 14.46
N THR A 121 -13.06 -38.03 15.47
CA THR A 121 -13.71 -39.06 16.28
C THR A 121 -15.17 -39.15 15.89
N LEU A 122 -15.84 -40.20 16.41
CA LEU A 122 -17.29 -40.34 16.32
C LEU A 122 -17.84 -40.76 17.67
N GLN A 123 -18.94 -40.14 18.09
CA GLN A 123 -19.60 -40.46 19.35
C GLN A 123 -21.11 -40.52 19.14
N SER A 124 -21.76 -41.21 20.07
CA SER A 124 -23.22 -41.19 20.15
C SER A 124 -23.62 -41.36 21.61
N GLU A 125 -24.85 -40.97 21.91
CA GLU A 125 -25.46 -41.30 23.18
C GLU A 125 -26.81 -41.97 23.03
N GLU A 126 -27.23 -42.25 21.80
CA GLU A 126 -28.32 -43.19 21.52
C GLU A 126 -27.79 -44.57 21.16
N ASP A 127 -26.59 -44.63 20.55
CA ASP A 127 -25.88 -45.87 20.21
C ASP A 127 -24.71 -46.02 21.18
N SER A 128 -24.74 -47.04 22.01
CA SER A 128 -23.74 -47.14 23.07
C SER A 128 -22.41 -47.67 22.56
N ARG A 129 -22.36 -48.27 21.38
CA ARG A 129 -21.08 -48.75 20.87
C ARG A 129 -20.12 -47.59 20.73
N TYR A 130 -20.61 -46.48 20.16
CA TYR A 130 -19.86 -45.23 20.17
C TYR A 130 -20.22 -44.39 21.39
N MET A 131 -20.32 -44.98 22.57
CA MET A 131 -20.53 -44.16 23.75
C MET A 131 -19.25 -43.40 24.02
N LYS A 132 -19.41 -42.24 24.63
CA LYS A 132 -18.33 -41.33 25.01
C LYS A 132 -17.15 -42.13 25.58
N PRO A 133 -15.92 -41.90 25.08
CA PRO A 133 -15.43 -40.88 24.14
C PRO A 133 -15.45 -41.30 22.67
N GLY A 134 -16.20 -42.35 22.36
CA GLY A 134 -16.35 -42.68 20.94
C GLY A 134 -15.13 -43.32 20.31
N LYS A 135 -15.07 -43.20 18.98
CA LYS A 135 -14.12 -43.93 18.16
C LYS A 135 -13.43 -43.00 17.18
N GLU A 136 -12.21 -43.38 16.79
CA GLU A 136 -11.46 -42.65 15.79
C GLU A 136 -11.85 -43.10 14.39
N LEU A 137 -11.97 -42.13 13.48
CA LEU A 137 -12.37 -42.40 12.11
C LEU A 137 -11.22 -42.20 11.15
N LYS A 138 -11.09 -43.12 10.18
CA LYS A 138 -10.16 -42.94 9.06
C LYS A 138 -10.71 -41.91 8.08
N VAL A 139 -9.88 -40.94 7.70
CA VAL A 139 -10.32 -39.88 6.80
C VAL A 139 -9.70 -40.08 5.42
N LEU A 140 -10.55 -40.00 4.40
CA LEU A 140 -10.20 -40.22 3.00
C LEU A 140 -10.52 -38.96 2.21
N SER A 141 -9.52 -38.39 1.56
CA SER A 141 -9.70 -37.17 0.77
C SER A 141 -9.76 -37.50 -0.72
N TYR A 142 -10.87 -37.11 -1.37
CA TYR A 142 -11.00 -37.17 -2.83
C TYR A 142 -11.14 -35.76 -3.43
N PRO A 143 -10.03 -34.98 -3.47
CA PRO A 143 -10.13 -33.54 -3.80
C PRO A 143 -10.41 -33.26 -5.24
N ALA A 144 -11.36 -33.95 -5.81
CA ALA A 144 -11.77 -33.68 -7.18
C ALA A 144 -13.25 -33.59 -7.27
N HIS A 145 -13.91 -34.05 -6.24
CA HIS A 145 -15.30 -33.92 -5.94
C HIS A 145 -15.51 -32.92 -4.79
N GLU A 146 -14.37 -32.39 -4.27
CA GLU A 146 -14.30 -31.66 -3.01
C GLU A 146 -14.93 -32.44 -1.82
N GLN A 147 -14.93 -33.76 -1.89
CA GLN A 147 -15.57 -34.59 -0.87
C GLN A 147 -14.52 -35.26 0.01
N ILE A 148 -14.90 -35.57 1.25
CA ILE A 148 -14.12 -36.46 2.09
C ILE A 148 -15.01 -37.62 2.51
N ALA A 149 -14.38 -38.73 2.89
CA ALA A 149 -15.08 -39.86 3.46
C ALA A 149 -14.50 -40.16 4.84
N LEU A 150 -15.39 -40.24 5.83
CA LEU A 150 -15.03 -40.70 7.15
C LEU A 150 -15.36 -42.18 7.23
N LEU A 151 -14.36 -43.00 7.55
CA LEU A 151 -14.53 -44.45 7.54
C LEU A 151 -14.90 -44.94 8.93
N VAL A 152 -16.05 -45.62 9.01
CA VAL A 152 -16.69 -46.18 10.20
C VAL A 152 -16.12 -47.56 10.53
N PRO A 153 -15.71 -47.81 11.79
CA PRO A 153 -15.26 -49.17 12.12
C PRO A 153 -16.40 -50.18 12.23
N GLU A 154 -17.54 -49.78 12.78
CA GLU A 154 -18.72 -50.63 12.85
C GLU A 154 -19.91 -49.92 12.23
N LYS A 155 -20.58 -50.60 11.30
CA LYS A 155 -21.67 -50.00 10.51
C LYS A 155 -22.74 -49.39 11.42
N LEU A 156 -23.20 -48.18 11.08
CA LEU A 156 -24.08 -47.47 12.00
C LEU A 156 -25.52 -47.92 11.84
N THR A 157 -26.33 -47.59 12.86
CA THR A 157 -27.73 -47.97 13.05
C THR A 157 -28.68 -46.86 12.62
N PRO A 158 -29.73 -47.22 11.90
CA PRO A 158 -30.73 -46.23 11.50
C PRO A 158 -31.41 -45.55 12.69
N HIS A 159 -31.91 -44.34 12.43
CA HIS A 159 -32.76 -43.56 13.33
C HIS A 159 -32.02 -43.07 14.57
N LEU A 160 -30.70 -43.14 14.58
CA LEU A 160 -29.93 -42.77 15.75
C LEU A 160 -29.02 -41.57 15.46
N LYS A 161 -28.87 -40.71 16.46
CA LYS A 161 -28.14 -39.47 16.33
C LYS A 161 -26.69 -39.70 16.76
N TYR A 162 -25.76 -39.24 15.95
CA TYR A 162 -24.34 -39.34 16.27
C TYR A 162 -23.71 -37.96 16.23
N TYR A 163 -22.50 -37.89 16.74
CA TYR A 163 -21.74 -36.64 16.75
C TYR A 163 -20.39 -36.90 16.09
N VAL A 164 -20.16 -36.26 14.95
CA VAL A 164 -18.91 -36.31 14.21
C VAL A 164 -18.08 -35.09 14.58
N ALA A 165 -16.82 -35.31 14.90
CA ALA A 165 -15.95 -34.23 15.36
C ALA A 165 -14.63 -34.29 14.61
N MET A 166 -14.24 -33.17 14.00
CA MET A 166 -12.96 -33.05 13.32
C MET A 166 -12.23 -31.81 13.80
N ASP A 167 -10.91 -31.91 13.88
CA ASP A 167 -10.04 -30.74 13.97
C ASP A 167 -9.49 -30.47 12.58
N PHE A 168 -9.57 -29.23 12.12
CA PHE A 168 -9.02 -28.88 10.82
C PHE A 168 -8.29 -27.55 10.94
N GLN A 169 -7.47 -27.25 9.94
CA GLN A 169 -6.72 -26.02 9.93
C GLN A 169 -6.41 -25.63 8.49
N ALA A 170 -6.18 -24.34 8.27
CA ALA A 170 -5.79 -23.84 6.96
C ALA A 170 -5.18 -22.45 7.10
N LYS A 171 -4.52 -22.02 6.04
CA LYS A 171 -4.15 -20.62 5.89
C LYS A 171 -5.38 -19.81 5.49
N LEU A 172 -5.38 -18.53 5.89
CA LEU A 172 -6.48 -17.66 5.47
C LEU A 172 -6.45 -17.51 3.96
N GLY A 173 -7.61 -17.63 3.33
CA GLY A 173 -7.74 -17.49 1.90
C GLY A 173 -7.10 -16.23 1.32
N ASP A 174 -6.74 -16.32 0.05
CA ASP A 174 -6.20 -15.21 -0.71
C ASP A 174 -7.08 -14.83 -1.90
N GLY A 175 -8.08 -15.65 -2.24
CA GLY A 175 -8.87 -15.37 -3.40
C GLY A 175 -10.20 -14.72 -3.13
N PHE A 176 -10.39 -14.16 -1.93
CA PHE A 176 -11.64 -13.47 -1.62
C PHE A 176 -12.83 -14.41 -1.76
N GLU A 177 -12.62 -15.66 -1.37
CA GLU A 177 -13.65 -16.67 -1.18
C GLU A 177 -13.22 -17.58 -0.03
N GLY A 178 -14.19 -18.25 0.56
CA GLY A 178 -13.89 -19.09 1.72
C GLY A 178 -13.77 -18.21 2.95
N PHE A 179 -12.84 -18.56 3.85
CA PHE A 179 -12.45 -17.66 4.93
C PHE A 179 -11.12 -16.98 4.58
N TYR A 180 -11.19 -15.74 4.14
CA TYR A 180 -10.03 -15.06 3.54
C TYR A 180 -9.60 -13.78 4.27
N LYS A 181 -8.45 -13.26 3.81
CA LYS A 181 -7.85 -12.04 4.38
C LYS A 181 -8.08 -10.86 3.45
N SER A 182 -8.46 -9.74 4.04
CA SER A 182 -8.74 -8.52 3.31
C SER A 182 -8.03 -7.40 4.05
N THR A 183 -7.75 -6.30 3.34
CA THR A 183 -7.08 -5.18 3.98
C THR A 183 -7.74 -3.88 3.58
N TYR A 184 -7.57 -2.86 4.41
CA TYR A 184 -7.98 -1.53 4.01
C TYR A 184 -6.97 -0.49 4.49
N ARG A 185 -7.14 0.73 3.97
CA ARG A 185 -6.30 1.87 4.33
C ARG A 185 -7.11 2.86 5.18
N THR A 186 -6.46 3.41 6.19
CA THR A 186 -7.08 4.39 7.08
C THR A 186 -6.81 5.79 6.58
N LEU A 187 -7.31 6.79 7.33
CA LEU A 187 -6.96 8.17 7.00
C LEU A 187 -5.48 8.45 7.17
N GLY A 188 -4.85 7.86 8.21
CA GLY A 188 -3.45 8.10 8.45
C GLY A 188 -2.54 7.46 7.44
N GLY A 189 -3.05 6.54 6.65
CA GLY A 189 -2.24 5.78 5.74
C GLY A 189 -1.87 4.41 6.27
N GLU A 190 -2.36 4.05 7.44
CA GLU A 190 -2.12 2.72 7.97
C GLU A 190 -2.87 1.68 7.14
N THR A 191 -2.35 0.46 7.17
CA THR A 191 -2.98 -0.71 6.56
C THR A 191 -3.44 -1.66 7.65
N ARG A 192 -4.70 -2.08 7.59
CA ARG A 192 -5.28 -2.99 8.56
C ARG A 192 -5.83 -4.24 7.88
N ILE A 193 -5.84 -5.32 8.62
CA ILE A 193 -6.25 -6.62 8.10
C ILE A 193 -7.60 -6.94 8.71
N LEU A 194 -8.42 -7.67 7.96
CA LEU A 194 -9.58 -8.35 8.55
C LEU A 194 -9.77 -9.69 7.86
N ALA A 195 -10.51 -10.56 8.54
CA ALA A 195 -10.81 -11.90 8.08
C ALA A 195 -12.31 -11.99 7.84
N VAL A 196 -12.66 -12.48 6.66
CA VAL A 196 -14.04 -12.43 6.20
C VAL A 196 -14.41 -13.77 5.58
N THR A 197 -15.66 -14.17 5.78
CA THR A 197 -16.19 -15.30 5.03
C THR A 197 -17.01 -14.78 3.88
N ASP A 198 -16.98 -15.54 2.78
CA ASP A 198 -17.97 -15.47 1.70
C ASP A 198 -18.16 -16.86 1.09
N PHE A 199 -19.36 -17.40 1.19
CA PHE A 199 -19.55 -18.80 0.84
C PHE A 199 -20.34 -19.07 -0.43
N GLU A 200 -21.36 -18.26 -0.77
CA GLU A 200 -22.18 -18.61 -1.93
C GLU A 200 -21.36 -18.59 -3.21
N PRO A 201 -21.51 -19.61 -4.06
CA PRO A 201 -22.45 -20.72 -3.77
C PRO A 201 -21.89 -21.97 -3.08
N THR A 202 -20.62 -22.37 -3.25
CA THR A 202 -20.14 -23.65 -2.69
C THR A 202 -18.77 -23.52 -2.04
N GLN A 203 -18.47 -22.37 -1.43
CA GLN A 203 -17.17 -22.22 -0.77
C GLN A 203 -17.19 -22.43 0.76
N ALA A 204 -18.36 -22.64 1.39
CA ALA A 204 -18.32 -22.98 2.82
C ALA A 204 -17.44 -24.19 3.09
N ARG A 205 -17.34 -25.10 2.14
CA ARG A 205 -16.50 -26.27 2.35
C ARG A 205 -15.02 -25.92 2.42
N MET A 206 -14.64 -24.69 2.06
CA MET A 206 -13.23 -24.28 2.17
C MET A 206 -12.89 -23.69 3.52
N ALA A 207 -13.89 -23.54 4.40
CA ALA A 207 -13.72 -23.03 5.75
C ALA A 207 -13.97 -24.07 6.83
N PHE A 208 -14.96 -24.94 6.66
CA PHE A 208 -15.09 -26.03 7.64
C PHE A 208 -15.73 -27.15 6.87
N PRO A 209 -15.32 -28.41 7.09
CA PRO A 209 -16.00 -29.55 6.48
C PRO A 209 -17.49 -29.47 6.72
N CYS A 210 -18.29 -29.74 5.69
CA CYS A 210 -19.72 -29.73 5.98
C CYS A 210 -20.45 -30.41 4.84
N PHE A 211 -21.75 -30.61 5.04
CA PHE A 211 -22.65 -31.02 3.96
C PHE A 211 -23.06 -29.73 3.25
N ASP A 212 -22.20 -29.29 2.34
CA ASP A 212 -22.37 -28.04 1.59
C ASP A 212 -23.38 -28.17 0.45
N GLU A 213 -24.65 -28.40 0.80
CA GLU A 213 -25.70 -28.28 -0.22
C GLU A 213 -26.91 -27.59 0.40
N PRO A 214 -27.65 -26.79 -0.38
CA PRO A 214 -28.65 -25.88 0.23
C PRO A 214 -29.75 -26.57 1.03
N LEU A 215 -30.15 -27.80 0.67
CA LEU A 215 -31.20 -28.54 1.37
C LEU A 215 -30.78 -29.10 2.74
N PHE A 216 -29.47 -29.21 3.03
CA PHE A 216 -29.01 -29.73 4.31
C PHE A 216 -28.97 -28.63 5.37
N LYS A 217 -30.15 -28.07 5.66
CA LYS A 217 -30.21 -27.00 6.64
C LYS A 217 -29.90 -27.54 8.04
N ALA A 218 -29.41 -26.65 8.88
CA ALA A 218 -29.04 -27.04 10.23
C ALA A 218 -29.05 -25.79 11.12
N ASN A 219 -28.96 -26.02 12.43
CA ASN A 219 -28.62 -24.95 13.35
C ASN A 219 -27.10 -24.77 13.44
N PHE A 220 -26.64 -23.53 13.54
CA PHE A 220 -25.20 -23.25 13.70
C PHE A 220 -24.90 -22.52 15.01
N SER A 221 -24.08 -23.14 15.85
CA SER A 221 -23.54 -22.60 17.10
C SER A 221 -22.08 -22.23 16.88
N ILE A 222 -21.77 -20.94 16.96
CA ILE A 222 -20.45 -20.44 16.55
C ILE A 222 -19.76 -19.78 17.72
N LYS A 223 -18.53 -20.26 18.03
CA LYS A 223 -17.61 -19.63 18.98
C LYS A 223 -16.37 -19.16 18.23
N ILE A 224 -15.89 -17.95 18.53
CA ILE A 224 -14.72 -17.33 17.90
C ILE A 224 -13.73 -16.94 18.99
N ARG A 225 -12.47 -16.82 18.62
CA ARG A 225 -11.45 -16.44 19.59
C ARG A 225 -10.55 -15.37 18.98
N ARG A 226 -10.25 -14.34 19.76
CA ARG A 226 -9.73 -13.12 19.16
C ARG A 226 -8.89 -12.35 20.17
N GLU A 227 -8.15 -11.38 19.64
CA GLU A 227 -7.36 -10.48 20.48
C GLU A 227 -8.21 -9.31 20.97
N SER A 228 -7.59 -8.54 21.87
CA SER A 228 -8.24 -7.37 22.45
C SER A 228 -8.67 -6.37 21.38
N ARG A 229 -7.82 -6.13 20.38
CA ARG A 229 -8.05 -5.03 19.45
C ARG A 229 -9.12 -5.31 18.42
N HIS A 230 -9.61 -6.55 18.31
CA HIS A 230 -10.60 -6.92 17.30
C HIS A 230 -11.95 -7.21 17.95
N ILE A 231 -13.03 -6.85 17.22
CA ILE A 231 -14.35 -7.43 17.46
C ILE A 231 -14.53 -8.62 16.53
N ALA A 232 -15.43 -9.52 16.92
CA ALA A 232 -15.86 -10.62 16.08
C ALA A 232 -17.36 -10.51 15.83
N LEU A 233 -17.77 -10.67 14.60
CA LEU A 233 -19.19 -10.74 14.26
C LEU A 233 -19.56 -12.08 13.64
N SER A 234 -20.78 -12.54 13.92
CA SER A 234 -21.31 -13.71 13.24
C SER A 234 -22.75 -13.43 12.82
N ASN A 235 -23.44 -14.48 12.39
CA ASN A 235 -24.84 -14.35 11.96
C ASN A 235 -25.72 -13.83 13.09
N MET A 236 -25.61 -14.43 14.28
CA MET A 236 -26.51 -14.14 15.39
C MET A 236 -25.78 -13.35 16.47
N PRO A 237 -26.51 -12.76 17.41
CA PRO A 237 -25.87 -11.89 18.40
C PRO A 237 -24.93 -12.62 19.33
N LYS A 238 -24.01 -11.83 19.91
CA LYS A 238 -23.02 -12.38 20.84
C LYS A 238 -23.65 -12.55 22.23
N VAL A 239 -23.69 -13.78 22.71
CA VAL A 239 -24.26 -14.06 24.01
C VAL A 239 -23.30 -13.68 25.12
N LYS A 240 -22.02 -14.02 24.99
CA LYS A 240 -21.18 -13.77 26.14
C LYS A 240 -19.71 -13.87 25.76
N THR A 241 -18.89 -13.04 26.39
CA THR A 241 -17.48 -12.96 26.07
C THR A 241 -16.67 -13.41 27.27
N ILE A 242 -16.05 -14.61 27.17
CA ILE A 242 -15.23 -15.15 28.25
C ILE A 242 -13.79 -14.71 28.02
N GLU A 243 -13.12 -14.31 29.09
CA GLU A 243 -11.71 -13.97 29.02
C GLU A 243 -10.88 -15.23 29.27
N LEU A 244 -9.65 -15.21 28.79
CA LEU A 244 -8.80 -16.38 28.90
C LEU A 244 -7.41 -15.99 29.37
N GLU A 245 -6.73 -16.96 29.98
CA GLU A 245 -5.33 -16.80 30.32
C GLU A 245 -4.52 -16.42 29.09
N GLY A 246 -3.69 -15.39 29.24
CA GLY A 246 -2.94 -14.84 28.13
C GLY A 246 -3.55 -13.60 27.53
N GLY A 247 -4.78 -13.27 27.93
CA GLY A 247 -5.47 -12.08 27.49
C GLY A 247 -6.26 -12.21 26.21
N LEU A 248 -6.33 -13.40 25.62
CA LEU A 248 -7.23 -13.59 24.48
C LEU A 248 -8.66 -13.68 24.98
N LEU A 249 -9.61 -13.18 24.18
CA LEU A 249 -11.03 -13.33 24.50
C LEU A 249 -11.68 -14.34 23.56
N GLU A 250 -12.72 -14.99 24.07
CA GLU A 250 -13.54 -15.92 23.32
C GLU A 250 -14.98 -15.44 23.32
N ASP A 251 -15.55 -15.26 22.13
CA ASP A 251 -16.96 -14.90 21.95
C ASP A 251 -17.81 -16.13 21.66
N HIS A 252 -18.93 -16.26 22.36
CA HIS A 252 -19.98 -17.23 22.06
C HIS A 252 -21.15 -16.50 21.41
N PHE A 253 -21.70 -17.05 20.34
CA PHE A 253 -22.88 -16.50 19.69
C PHE A 253 -24.07 -17.42 19.89
N GLU A 254 -25.24 -16.81 20.03
CA GLU A 254 -26.51 -17.54 20.11
C GLU A 254 -26.62 -18.53 18.96
N THR A 255 -27.23 -19.70 19.19
CA THR A 255 -27.22 -20.69 18.11
C THR A 255 -28.32 -20.32 17.12
N THR A 256 -28.03 -20.49 15.84
CA THR A 256 -28.92 -19.98 14.79
C THR A 256 -30.16 -20.83 14.66
N VAL A 257 -31.12 -20.33 13.87
CA VAL A 257 -32.26 -21.13 13.45
C VAL A 257 -31.73 -22.01 12.32
N LYS A 258 -32.50 -23.02 11.89
CA LYS A 258 -32.10 -23.81 10.72
C LYS A 258 -31.74 -22.91 9.55
N MET A 259 -30.72 -23.31 8.78
CA MET A 259 -30.06 -22.41 7.83
C MET A 259 -29.23 -23.21 6.82
N SER A 260 -29.20 -22.78 5.58
CA SER A 260 -28.29 -23.49 4.68
C SER A 260 -26.86 -23.08 4.95
N THR A 261 -25.91 -23.94 4.55
CA THR A 261 -24.51 -23.66 4.89
C THR A 261 -24.01 -22.36 4.26
N TYR A 262 -24.48 -22.05 3.05
CA TYR A 262 -23.81 -20.97 2.32
C TYR A 262 -24.03 -19.59 2.93
N LEU A 263 -24.99 -19.47 3.85
CA LEU A 263 -25.30 -18.24 4.59
C LEU A 263 -24.50 -18.08 5.89
N VAL A 264 -23.82 -19.13 6.38
CA VAL A 264 -23.01 -18.97 7.59
C VAL A 264 -22.00 -17.86 7.40
N ALA A 265 -21.72 -17.11 8.46
CA ALA A 265 -20.77 -16.02 8.27
C ALA A 265 -20.04 -15.69 9.54
N TYR A 266 -18.75 -15.35 9.42
CA TYR A 266 -18.11 -14.79 10.60
C TYR A 266 -16.95 -13.89 10.22
N ILE A 267 -16.69 -12.89 11.06
CA ILE A 267 -15.79 -11.80 10.69
C ILE A 267 -14.98 -11.40 11.90
N VAL A 268 -13.69 -11.14 11.66
CA VAL A 268 -12.82 -10.60 12.68
C VAL A 268 -12.23 -9.30 12.14
N CYS A 269 -12.45 -8.19 12.86
CA CYS A 269 -12.05 -6.88 12.35
C CYS A 269 -12.05 -5.88 13.50
N ASP A 270 -11.90 -4.62 13.15
CA ASP A 270 -11.90 -3.51 14.11
C ASP A 270 -12.82 -2.39 13.63
N PHE A 271 -13.96 -2.75 13.05
CA PHE A 271 -14.79 -1.71 12.45
C PHE A 271 -15.57 -0.99 13.54
N HIS A 272 -16.03 0.22 13.22
CA HIS A 272 -16.99 0.94 14.03
C HIS A 272 -18.40 0.80 13.46
N SER A 273 -19.39 1.11 14.30
CA SER A 273 -20.81 0.87 14.06
C SER A 273 -21.64 2.09 14.44
N LEU A 274 -22.65 2.41 13.63
CA LEU A 274 -23.80 3.22 14.07
C LEU A 274 -25.02 2.31 14.13
N SER A 275 -25.94 2.62 15.03
CA SER A 275 -27.00 1.68 15.35
C SER A 275 -28.33 2.39 15.47
N GLY A 276 -29.38 1.58 15.32
CA GLY A 276 -30.74 2.03 15.52
C GLY A 276 -31.65 0.83 15.54
N PHE A 277 -32.91 1.08 15.93
CA PHE A 277 -33.93 0.04 16.09
C PHE A 277 -35.12 0.27 15.15
N THR A 278 -35.63 -0.81 14.60
CA THR A 278 -36.83 -0.80 13.78
C THR A 278 -38.07 -0.79 14.65
N SER A 279 -39.23 -0.67 13.99
CA SER A 279 -40.50 -0.76 14.69
C SER A 279 -40.66 -2.10 15.40
N SER A 280 -40.16 -3.19 14.81
CA SER A 280 -40.34 -4.49 15.43
C SER A 280 -39.28 -4.79 16.47
N GLY A 281 -38.37 -3.85 16.72
CA GLY A 281 -37.38 -4.03 17.76
C GLY A 281 -36.13 -4.78 17.35
N VAL A 282 -35.85 -4.88 16.03
CA VAL A 282 -34.55 -5.35 15.55
C VAL A 282 -33.49 -4.26 15.72
N LYS A 283 -32.32 -4.67 16.20
CA LYS A 283 -31.14 -3.79 16.23
C LYS A 283 -30.39 -3.87 14.87
N VAL A 284 -30.59 -2.86 14.03
CA VAL A 284 -29.82 -2.71 12.80
C VAL A 284 -28.56 -1.92 13.10
N SER A 285 -27.42 -2.42 12.65
CA SER A 285 -26.13 -1.77 12.89
C SER A 285 -25.41 -1.66 11.56
N ILE A 286 -24.77 -0.52 11.29
CA ILE A 286 -23.94 -0.38 10.09
C ILE A 286 -22.48 -0.35 10.53
N TYR A 287 -21.70 -1.28 10.00
CA TYR A 287 -20.29 -1.38 10.36
C TYR A 287 -19.44 -0.90 9.19
N ALA A 288 -18.38 -0.18 9.51
CA ALA A 288 -17.44 0.27 8.48
C ALA A 288 -16.08 0.47 9.14
N SER A 289 -15.07 0.59 8.31
CA SER A 289 -13.76 0.97 8.83
C SER A 289 -13.87 2.31 9.57
N PRO A 290 -13.07 2.49 10.63
CA PRO A 290 -13.41 3.54 11.63
C PRO A 290 -13.45 4.97 11.09
N ASP A 291 -12.61 5.29 10.09
CA ASP A 291 -12.60 6.64 9.57
C ASP A 291 -13.77 6.93 8.62
N LYS A 292 -14.71 5.99 8.49
CA LYS A 292 -15.79 6.13 7.53
C LYS A 292 -17.15 6.08 8.18
N ARG A 293 -17.21 6.14 9.52
CA ARG A 293 -18.50 6.06 10.20
C ARG A 293 -19.49 7.08 9.68
N ASN A 294 -19.02 8.27 9.34
CA ASN A 294 -19.75 9.30 8.62
C ASN A 294 -20.64 8.79 7.50
N GLN A 295 -20.11 7.86 6.71
CA GLN A 295 -20.72 7.50 5.45
C GLN A 295 -21.78 6.40 5.59
N THR A 296 -22.09 5.98 6.82
CA THR A 296 -23.07 4.95 7.03
C THR A 296 -24.43 5.49 7.45
N HIS A 297 -24.58 6.80 7.63
CA HIS A 297 -25.85 7.37 8.05
C HIS A 297 -26.99 7.00 7.09
N TYR A 298 -26.78 7.15 5.78
CA TYR A 298 -27.91 6.96 4.88
C TYR A 298 -28.31 5.49 4.83
N ALA A 299 -27.33 4.59 4.85
CA ALA A 299 -27.60 3.16 4.92
C ALA A 299 -28.52 2.81 6.09
N LEU A 300 -28.19 3.32 7.28
CA LEU A 300 -29.01 3.06 8.46
C LEU A 300 -30.43 3.56 8.26
N GLN A 301 -30.55 4.77 7.69
CA GLN A 301 -31.87 5.34 7.49
C GLN A 301 -32.70 4.46 6.56
N ALA A 302 -32.07 3.92 5.50
CA ALA A 302 -32.83 3.17 4.52
C ALA A 302 -33.12 1.76 4.97
N SER A 303 -32.18 1.16 5.71
CA SER A 303 -32.39 -0.23 6.10
C SER A 303 -33.49 -0.33 7.16
N LEU A 304 -33.56 0.65 8.08
CA LEU A 304 -34.68 0.69 9.02
C LEU A 304 -36.01 0.75 8.26
N LYS A 305 -36.10 1.67 7.30
CA LYS A 305 -37.35 1.83 6.57
C LYS A 305 -37.68 0.61 5.74
N LEU A 306 -36.67 0.03 5.09
CA LEU A 306 -36.95 -1.08 4.20
C LEU A 306 -37.34 -2.32 5.00
N LEU A 307 -36.57 -2.63 6.06
CA LEU A 307 -36.94 -3.71 6.96
C LEU A 307 -38.39 -3.58 7.45
N ASP A 308 -38.76 -2.39 7.95
CA ASP A 308 -40.13 -2.18 8.41
C ASP A 308 -41.13 -2.45 7.29
N PHE A 309 -40.81 -2.00 6.06
CA PHE A 309 -41.68 -2.30 4.94
C PHE A 309 -41.82 -3.80 4.75
N TYR A 310 -40.68 -4.52 4.73
CA TYR A 310 -40.71 -5.96 4.47
C TYR A 310 -41.53 -6.70 5.53
N GLU A 311 -41.40 -6.29 6.80
CA GLU A 311 -42.15 -7.02 7.82
C GLU A 311 -43.66 -6.80 7.65
N LYS A 312 -44.10 -5.61 7.23
CA LYS A 312 -45.54 -5.48 7.02
C LYS A 312 -45.96 -6.19 5.75
N TYR A 313 -45.15 -6.08 4.70
CA TYR A 313 -45.57 -6.59 3.40
C TYR A 313 -45.62 -8.12 3.39
N PHE A 314 -44.56 -8.78 3.86
CA PHE A 314 -44.59 -10.24 3.94
C PHE A 314 -45.48 -10.75 5.09
N ASP A 315 -45.80 -9.88 6.08
CA ASP A 315 -46.49 -10.30 7.30
C ASP A 315 -45.74 -11.48 7.97
N ILE A 316 -44.41 -11.36 7.98
CA ILE A 316 -43.56 -12.26 8.73
C ILE A 316 -42.45 -11.41 9.31
N TYR A 317 -42.24 -11.52 10.62
CA TYR A 317 -41.13 -10.77 11.21
C TYR A 317 -39.79 -11.33 10.76
N TYR A 318 -38.80 -10.46 10.70
CA TYR A 318 -37.42 -10.89 10.67
C TYR A 318 -37.13 -11.61 11.98
N PRO A 319 -36.67 -12.86 11.93
CA PRO A 319 -36.67 -13.67 13.15
C PRO A 319 -35.49 -13.43 14.09
N LEU A 320 -34.40 -12.81 13.64
CA LEU A 320 -33.23 -12.60 14.50
C LEU A 320 -33.36 -11.31 15.33
N SER A 321 -32.58 -11.22 16.40
CA SER A 321 -32.62 -10.04 17.25
C SER A 321 -31.89 -8.85 16.62
N LYS A 322 -30.88 -9.09 15.81
CA LYS A 322 -30.11 -8.01 15.23
C LYS A 322 -29.88 -8.32 13.77
N LEU A 323 -29.70 -7.25 12.99
CA LEU A 323 -29.27 -7.30 11.60
C LEU A 323 -28.07 -6.37 11.41
N ASP A 324 -26.95 -6.94 10.98
CA ASP A 324 -25.73 -6.18 10.75
C ASP A 324 -25.49 -6.05 9.25
N LEU A 325 -25.17 -4.83 8.83
CA LEU A 325 -24.73 -4.49 7.49
C LEU A 325 -23.31 -3.93 7.61
N ILE A 326 -22.35 -4.56 6.92
CA ILE A 326 -20.94 -4.21 7.07
C ILE A 326 -20.34 -4.03 5.69
N ALA A 327 -19.60 -2.92 5.51
CA ALA A 327 -19.00 -2.53 4.23
C ALA A 327 -17.57 -3.05 4.15
N ILE A 328 -17.39 -4.21 3.49
CA ILE A 328 -16.06 -4.82 3.42
C ILE A 328 -15.27 -4.13 2.31
N PRO A 329 -14.03 -3.71 2.56
CA PRO A 329 -13.23 -3.02 1.53
C PRO A 329 -12.78 -3.85 0.33
N ASP A 330 -12.18 -5.01 0.52
CA ASP A 330 -11.77 -5.84 -0.63
C ASP A 330 -12.80 -6.96 -0.80
N PHE A 331 -13.90 -6.64 -1.51
CA PHE A 331 -15.05 -7.53 -1.56
C PHE A 331 -15.43 -7.82 -3.01
N ALA A 332 -15.37 -9.10 -3.37
CA ALA A 332 -15.62 -9.51 -4.76
C ALA A 332 -17.07 -9.38 -5.18
N PRO A 333 -18.04 -9.95 -4.45
CA PRO A 333 -19.41 -9.95 -4.96
C PRO A 333 -20.12 -8.58 -5.01
N GLY A 334 -19.78 -7.59 -4.24
CA GLY A 334 -20.83 -6.56 -4.29
C GLY A 334 -21.87 -6.54 -3.17
N ALA A 335 -22.53 -7.66 -2.89
CA ALA A 335 -23.30 -7.84 -1.68
C ALA A 335 -23.55 -9.33 -1.45
N MET A 336 -23.74 -9.73 -0.19
CA MET A 336 -23.93 -11.13 0.15
C MET A 336 -24.81 -11.16 1.38
N GLU A 337 -25.94 -11.90 1.27
CA GLU A 337 -27.11 -11.69 2.13
C GLU A 337 -27.07 -12.57 3.37
N ASN A 338 -25.87 -12.96 3.87
CA ASN A 338 -25.76 -13.83 5.06
C ASN A 338 -26.72 -13.38 6.15
N TRP A 339 -27.45 -14.36 6.70
CA TRP A 339 -28.48 -14.09 7.69
C TRP A 339 -27.89 -13.33 8.89
N GLY A 340 -28.43 -12.13 9.15
CA GLY A 340 -28.02 -11.33 10.29
C GLY A 340 -26.64 -10.67 10.19
N LEU A 341 -25.88 -10.94 9.12
CA LEU A 341 -24.58 -10.25 8.94
C LEU A 341 -24.31 -10.14 7.43
N ILE A 342 -24.74 -9.03 6.85
CA ILE A 342 -24.79 -8.88 5.39
C ILE A 342 -23.58 -8.07 4.97
N THR A 343 -22.82 -8.60 4.01
CA THR A 343 -21.61 -7.96 3.53
C THR A 343 -21.82 -7.20 2.21
N TYR A 344 -21.24 -5.97 2.16
CA TYR A 344 -21.37 -5.12 0.98
C TYR A 344 -20.00 -4.61 0.55
N ARG A 345 -19.87 -4.43 -0.75
CA ARG A 345 -18.91 -3.46 -1.27
C ARG A 345 -19.23 -2.09 -0.70
N GLU A 346 -18.18 -1.35 -0.34
CA GLU A 346 -18.33 0.03 0.08
C GLU A 346 -19.21 0.84 -0.90
N THR A 347 -18.97 0.74 -2.19
CA THR A 347 -19.83 1.44 -3.13
C THR A 347 -21.26 0.99 -3.02
N SER A 348 -21.52 -0.20 -2.48
CA SER A 348 -22.89 -0.66 -2.43
C SER A 348 -23.59 -0.20 -1.18
N LEU A 349 -22.86 0.32 -0.22
CA LEU A 349 -23.47 0.53 1.10
C LEU A 349 -23.25 1.92 1.65
N LEU A 350 -22.07 2.51 1.42
CA LEU A 350 -21.66 3.81 1.94
C LEU A 350 -22.11 4.96 1.03
N PHE A 351 -22.52 6.05 1.64
CA PHE A 351 -22.92 7.21 0.88
C PHE A 351 -22.39 8.43 1.59
N ASP A 352 -21.85 9.34 0.81
CA ASP A 352 -21.29 10.60 1.26
C ASP A 352 -21.80 11.68 0.32
N PRO A 353 -22.43 12.73 0.84
CA PRO A 353 -23.09 13.70 -0.07
C PRO A 353 -22.10 14.58 -0.84
N LYS A 354 -20.88 14.82 -0.33
CA LYS A 354 -19.94 15.69 -1.04
C LYS A 354 -19.43 15.02 -2.33
N THR A 355 -19.40 13.70 -2.37
CA THR A 355 -18.88 13.00 -3.55
C THR A 355 -19.80 11.95 -4.18
N SER A 356 -20.85 11.51 -3.51
CA SER A 356 -21.71 10.47 -4.09
C SER A 356 -22.78 11.14 -4.94
N SER A 357 -22.98 10.63 -6.15
CA SER A 357 -23.99 11.17 -7.05
C SER A 357 -25.40 10.84 -6.56
N ALA A 358 -26.39 11.37 -7.27
CA ALA A 358 -27.76 10.88 -7.08
C ALA A 358 -27.92 9.46 -7.62
N SER A 359 -27.29 9.16 -8.76
CA SER A 359 -27.29 7.79 -9.26
C SER A 359 -26.70 6.85 -8.21
N ASP A 360 -25.62 7.28 -7.57
CA ASP A 360 -25.01 6.51 -6.50
C ASP A 360 -26.01 6.24 -5.40
N LYS A 361 -26.80 7.26 -5.05
CA LYS A 361 -27.78 7.10 -3.98
C LYS A 361 -28.83 6.07 -4.36
N LEU A 362 -29.30 6.13 -5.60
CA LEU A 362 -30.25 5.15 -6.06
C LEU A 362 -29.66 3.75 -6.00
N TRP A 363 -28.37 3.62 -6.33
CA TRP A 363 -27.74 2.30 -6.35
C TRP A 363 -27.69 1.71 -4.95
N VAL A 364 -27.25 2.52 -3.97
CA VAL A 364 -27.16 2.01 -2.62
C VAL A 364 -28.52 1.59 -2.10
N THR A 365 -29.59 2.29 -2.52
CA THR A 365 -30.91 1.91 -1.99
C THR A 365 -31.36 0.60 -2.59
N ARG A 366 -31.14 0.43 -3.89
CA ARG A 366 -31.43 -0.84 -4.56
C ARG A 366 -30.75 -2.02 -3.90
N VAL A 367 -29.44 -1.94 -3.70
CA VAL A 367 -28.71 -3.07 -3.13
C VAL A 367 -29.22 -3.40 -1.74
N ILE A 368 -29.31 -2.37 -0.87
CA ILE A 368 -29.81 -2.60 0.49
C ILE A 368 -31.17 -3.25 0.46
N ALA A 369 -32.08 -2.70 -0.37
CA ALA A 369 -33.38 -3.32 -0.55
C ALA A 369 -33.22 -4.77 -1.01
N HIS A 370 -32.33 -5.00 -1.98
CA HIS A 370 -32.12 -6.34 -2.51
C HIS A 370 -31.67 -7.30 -1.41
N GLU A 371 -30.59 -6.99 -0.71
CA GLU A 371 -30.11 -7.88 0.36
C GLU A 371 -31.20 -8.16 1.39
N LEU A 372 -32.00 -7.15 1.77
CA LEU A 372 -32.95 -7.39 2.85
C LEU A 372 -34.05 -8.34 2.40
N ALA A 373 -34.51 -8.18 1.16
CA ALA A 373 -35.45 -9.14 0.55
C ALA A 373 -34.95 -10.59 0.71
N HIS A 374 -33.64 -10.81 0.53
CA HIS A 374 -33.10 -12.15 0.63
C HIS A 374 -33.32 -12.78 2.01
N GLN A 375 -33.46 -11.96 3.07
CA GLN A 375 -33.68 -12.55 4.38
C GLN A 375 -34.98 -13.34 4.39
N TRP A 376 -35.93 -12.98 3.54
CA TRP A 376 -37.06 -13.87 3.34
C TRP A 376 -36.81 -14.79 2.14
N PHE A 377 -36.67 -14.23 0.94
CA PHE A 377 -36.51 -15.05 -0.26
C PHE A 377 -35.04 -15.46 -0.33
N GLY A 378 -34.75 -16.63 0.19
CA GLY A 378 -33.43 -17.20 0.12
C GLY A 378 -32.95 -17.72 1.44
N ASN A 379 -33.24 -17.01 2.54
CA ASN A 379 -32.77 -17.45 3.85
C ASN A 379 -33.90 -18.11 4.62
N LEU A 380 -35.02 -17.39 4.78
CA LEU A 380 -36.21 -18.04 5.32
C LEU A 380 -36.70 -19.17 4.40
N VAL A 381 -36.66 -18.96 3.09
CA VAL A 381 -37.06 -19.96 2.10
C VAL A 381 -35.94 -20.09 1.08
N THR A 382 -35.32 -21.25 1.04
CA THR A 382 -34.18 -21.50 0.17
C THR A 382 -34.59 -22.46 -0.94
N MET A 383 -34.01 -22.29 -2.11
CA MET A 383 -34.30 -23.23 -3.19
C MET A 383 -33.75 -24.60 -2.83
N GLU A 384 -34.49 -25.65 -3.21
CA GLU A 384 -34.03 -27.02 -3.05
C GLU A 384 -32.61 -27.22 -3.59
N TRP A 385 -32.36 -26.73 -4.81
CA TRP A 385 -31.06 -26.92 -5.45
C TRP A 385 -30.87 -25.81 -6.47
N TRP A 386 -29.62 -25.56 -6.82
CA TRP A 386 -29.24 -24.39 -7.61
C TRP A 386 -29.92 -24.31 -8.97
N ASN A 387 -30.57 -25.37 -9.44
CA ASN A 387 -31.27 -25.21 -10.70
C ASN A 387 -32.37 -24.17 -10.57
N ASP A 388 -32.94 -24.01 -9.37
CA ASP A 388 -34.02 -23.07 -9.13
C ASP A 388 -33.55 -21.84 -8.37
N ILE A 389 -32.30 -21.42 -8.63
CA ILE A 389 -31.70 -20.31 -7.89
C ILE A 389 -32.50 -19.05 -8.08
N TRP A 390 -33.11 -18.86 -9.26
CA TRP A 390 -34.03 -17.74 -9.46
C TRP A 390 -35.13 -17.61 -8.40
N LEU A 391 -35.46 -18.70 -7.67
CA LEU A 391 -36.38 -18.55 -6.56
C LEU A 391 -35.85 -17.56 -5.53
N ASN A 392 -34.54 -17.46 -5.38
CA ASN A 392 -33.93 -16.42 -4.57
C ASN A 392 -33.80 -15.14 -5.37
N GLU A 393 -33.00 -15.19 -6.43
CA GLU A 393 -32.53 -13.94 -7.01
C GLU A 393 -33.62 -13.27 -7.81
N GLY A 394 -34.50 -14.06 -8.44
CA GLY A 394 -35.64 -13.44 -9.12
C GLY A 394 -36.53 -12.66 -8.18
N PHE A 395 -36.75 -13.19 -6.98
CA PHE A 395 -37.70 -12.51 -6.10
C PHE A 395 -37.06 -11.33 -5.40
N ALA A 396 -35.83 -11.51 -4.91
CA ALA A 396 -35.12 -10.36 -4.37
C ALA A 396 -35.03 -9.26 -5.41
N LYS A 397 -34.73 -9.63 -6.66
CA LYS A 397 -34.61 -8.59 -7.70
C LYS A 397 -35.93 -7.85 -7.87
N TYR A 398 -37.03 -8.61 -7.95
CA TYR A 398 -38.34 -7.99 -8.08
C TYR A 398 -38.69 -7.18 -6.83
N MET A 399 -38.25 -7.61 -5.65
CA MET A 399 -38.69 -6.92 -4.47
C MET A 399 -37.98 -5.59 -4.28
N GLU A 400 -36.81 -5.39 -4.93
CA GLU A 400 -36.21 -4.07 -4.98
C GLU A 400 -37.24 -3.05 -5.42
N LEU A 401 -37.92 -3.36 -6.53
CA LEU A 401 -38.93 -2.46 -7.08
C LEU A 401 -40.01 -2.13 -6.05
N ILE A 402 -40.63 -3.15 -5.45
CA ILE A 402 -41.78 -2.90 -4.58
C ILE A 402 -41.35 -2.10 -3.35
N ALA A 403 -40.28 -2.54 -2.67
CA ALA A 403 -39.84 -1.87 -1.45
C ALA A 403 -39.37 -0.44 -1.69
N VAL A 404 -38.47 -0.25 -2.66
CA VAL A 404 -37.97 1.10 -2.89
C VAL A 404 -39.11 2.00 -3.35
N ASN A 405 -39.97 1.49 -4.24
CA ASN A 405 -41.12 2.27 -4.70
C ASN A 405 -42.08 2.62 -3.59
N ALA A 406 -42.13 1.79 -2.54
CA ALA A 406 -43.06 1.98 -1.44
C ALA A 406 -42.50 2.89 -0.37
N THR A 407 -41.19 2.89 -0.19
CA THR A 407 -40.59 3.67 0.89
C THR A 407 -39.86 4.90 0.40
N TYR A 408 -39.42 4.92 -0.86
CA TYR A 408 -38.62 6.01 -1.41
C TYR A 408 -39.13 6.47 -2.78
N PRO A 409 -40.42 6.83 -2.88
CA PRO A 409 -40.96 7.27 -4.18
C PRO A 409 -40.22 8.45 -4.83
N GLU A 410 -39.59 9.32 -4.04
CA GLU A 410 -38.72 10.36 -4.59
C GLU A 410 -37.66 9.81 -5.56
N LEU A 411 -37.16 8.59 -5.32
CA LEU A 411 -36.20 7.95 -6.22
C LEU A 411 -36.81 7.56 -7.56
N GLN A 412 -38.14 7.45 -7.62
CA GLN A 412 -38.84 7.15 -8.86
C GLN A 412 -38.30 5.86 -9.48
N PHE A 413 -38.06 4.86 -8.64
CA PHE A 413 -37.45 3.67 -9.20
C PHE A 413 -38.41 2.92 -10.13
N ASP A 414 -39.72 3.17 -10.01
CA ASP A 414 -40.71 2.56 -10.89
C ASP A 414 -40.46 2.94 -12.35
N ASP A 415 -39.97 4.15 -12.59
CA ASP A 415 -39.73 4.57 -13.96
C ASP A 415 -38.48 3.96 -14.55
N TYR A 416 -37.57 3.48 -13.71
CA TYR A 416 -36.36 2.82 -14.18
C TYR A 416 -36.56 1.32 -14.38
N PHE A 417 -37.65 0.77 -13.87
CA PHE A 417 -37.74 -0.69 -13.81
C PHE A 417 -37.80 -1.34 -15.18
N LEU A 418 -38.35 -0.64 -16.18
CA LEU A 418 -38.40 -1.17 -17.54
C LEU A 418 -37.01 -1.58 -18.06
N ASN A 419 -35.95 -0.88 -17.65
CA ASN A 419 -34.64 -1.22 -18.17
C ASN A 419 -34.20 -2.59 -17.72
N VAL A 420 -34.65 -3.04 -16.53
CA VAL A 420 -34.32 -4.38 -16.08
C VAL A 420 -34.78 -5.42 -17.09
N CYS A 421 -35.91 -5.17 -17.73
CA CYS A 421 -36.41 -6.16 -18.67
C CYS A 421 -35.77 -6.00 -20.03
N PHE A 422 -35.41 -4.77 -20.38
CA PHE A 422 -34.75 -4.58 -21.66
C PHE A 422 -33.38 -5.24 -21.67
N GLU A 423 -32.63 -5.13 -20.57
CA GLU A 423 -31.29 -5.68 -20.55
C GLU A 423 -31.30 -7.19 -20.76
N VAL A 424 -32.29 -7.87 -20.20
CA VAL A 424 -32.33 -9.32 -20.38
C VAL A 424 -32.91 -9.70 -21.73
N ILE A 425 -33.73 -8.85 -22.35
CA ILE A 425 -34.23 -9.23 -23.67
C ILE A 425 -33.09 -9.28 -24.69
N THR A 426 -32.06 -8.45 -24.52
CA THR A 426 -30.82 -8.52 -25.30
C THR A 426 -30.35 -9.96 -25.48
N LYS A 427 -30.12 -10.65 -24.35
CA LYS A 427 -29.56 -12.00 -24.37
C LYS A 427 -30.64 -13.07 -24.56
N ASP A 428 -31.85 -12.83 -24.06
CA ASP A 428 -32.92 -13.79 -24.27
C ASP A 428 -33.37 -13.88 -25.74
N SER A 429 -33.04 -12.89 -26.56
CA SER A 429 -33.36 -12.98 -27.98
C SER A 429 -32.26 -13.65 -28.79
N LEU A 430 -31.31 -14.31 -28.14
CA LEU A 430 -30.28 -15.12 -28.79
C LEU A 430 -30.51 -16.59 -28.48
N ASN A 431 -29.96 -17.44 -29.35
CA ASN A 431 -30.10 -18.88 -29.10
C ASN A 431 -29.35 -19.33 -27.86
N SER A 432 -28.21 -18.71 -27.57
CA SER A 432 -27.38 -19.10 -26.43
C SER A 432 -28.06 -18.83 -25.10
N SER A 433 -29.26 -18.27 -25.11
CA SER A 433 -30.04 -18.09 -23.90
C SER A 433 -30.44 -19.44 -23.33
N ARG A 434 -30.86 -19.43 -22.07
CA ARG A 434 -31.25 -20.61 -21.32
C ARG A 434 -32.56 -20.34 -20.60
N PRO A 435 -33.31 -21.40 -20.27
CA PRO A 435 -34.53 -21.20 -19.47
C PRO A 435 -34.16 -20.76 -18.07
N ILE A 436 -35.13 -20.15 -17.39
CA ILE A 436 -34.94 -19.69 -16.02
C ILE A 436 -34.38 -20.79 -15.14
N SER A 437 -34.96 -21.97 -15.23
CA SER A 437 -34.55 -23.11 -14.42
C SER A 437 -34.02 -24.18 -15.36
N LYS A 438 -32.72 -24.44 -15.28
CA LYS A 438 -31.97 -25.39 -16.05
C LYS A 438 -31.24 -26.24 -15.01
N PRO A 439 -30.85 -27.49 -15.38
CA PRO A 439 -29.99 -28.27 -14.47
C PRO A 439 -28.59 -27.68 -14.38
N ALA A 440 -27.91 -27.96 -13.25
CA ALA A 440 -26.53 -27.52 -13.03
C ALA A 440 -25.88 -28.44 -12.00
N GLU A 441 -24.62 -28.81 -12.26
CA GLU A 441 -23.97 -29.78 -11.38
C GLU A 441 -22.64 -29.30 -10.81
N THR A 442 -21.72 -28.84 -11.66
CA THR A 442 -20.38 -28.54 -11.18
C THR A 442 -20.31 -27.12 -10.62
N PRO A 443 -19.24 -26.82 -9.87
CA PRO A 443 -19.16 -25.51 -9.21
C PRO A 443 -19.24 -24.35 -10.17
N THR A 444 -18.48 -24.39 -11.27
CA THR A 444 -18.59 -23.30 -12.25
C THR A 444 -19.92 -23.38 -13.00
N GLN A 445 -20.48 -24.57 -13.11
CA GLN A 445 -21.81 -24.74 -13.69
C GLN A 445 -22.87 -24.09 -12.79
N ILE A 446 -22.74 -24.25 -11.48
CA ILE A 446 -23.65 -23.60 -10.56
C ILE A 446 -23.58 -22.09 -10.72
N GLN A 447 -22.37 -21.52 -10.63
CA GLN A 447 -22.26 -20.06 -10.63
C GLN A 447 -22.75 -19.46 -11.93
N GLU A 448 -22.63 -20.19 -13.04
CA GLU A 448 -23.18 -19.70 -14.31
C GLU A 448 -24.68 -19.46 -14.22
N MET A 449 -25.36 -20.09 -13.27
CA MET A 449 -26.78 -19.84 -13.09
C MET A 449 -27.09 -18.45 -12.53
N PHE A 450 -26.12 -17.73 -12.00
CA PHE A 450 -26.40 -16.37 -11.54
C PHE A 450 -26.15 -15.44 -12.72
N ASP A 451 -27.20 -15.17 -13.50
CA ASP A 451 -27.03 -14.34 -14.69
C ASP A 451 -28.24 -13.41 -14.83
N GLU A 452 -28.32 -12.77 -16.00
CA GLU A 452 -29.46 -11.91 -16.32
C GLU A 452 -30.78 -12.68 -16.31
N VAL A 453 -30.72 -13.97 -16.57
CA VAL A 453 -31.96 -14.75 -16.62
C VAL A 453 -32.46 -15.03 -15.22
N SER A 454 -31.58 -15.49 -14.34
CA SER A 454 -32.01 -15.79 -12.98
C SER A 454 -32.55 -14.57 -12.29
N TYR A 455 -31.96 -13.41 -12.55
CA TYR A 455 -32.32 -12.19 -11.84
C TYR A 455 -33.39 -11.42 -12.59
N ASN A 456 -33.05 -10.99 -13.80
CA ASN A 456 -33.82 -9.96 -14.48
C ASN A 456 -35.09 -10.55 -15.05
N LYS A 457 -34.93 -11.60 -15.87
CA LYS A 457 -36.09 -12.31 -16.39
C LYS A 457 -37.00 -12.77 -15.28
N GLY A 458 -36.41 -13.26 -14.17
CA GLY A 458 -37.23 -13.72 -13.06
C GLY A 458 -38.07 -12.59 -12.51
N ALA A 459 -37.47 -11.43 -12.39
CA ALA A 459 -38.17 -10.24 -11.93
C ALA A 459 -39.22 -9.83 -12.93
N CYS A 460 -38.91 -9.93 -14.22
CA CYS A 460 -39.83 -9.41 -15.22
C CYS A 460 -41.08 -10.27 -15.33
N ILE A 461 -40.94 -11.60 -15.28
CA ILE A 461 -42.14 -12.44 -15.39
C ILE A 461 -42.95 -12.38 -14.10
N LEU A 462 -42.29 -12.24 -12.96
CA LEU A 462 -43.03 -11.97 -11.74
C LEU A 462 -43.86 -10.71 -11.88
N ASN A 463 -43.24 -9.64 -12.39
CA ASN A 463 -43.98 -8.40 -12.54
C ASN A 463 -45.15 -8.58 -13.47
N MET A 464 -44.96 -9.32 -14.55
CA MET A 464 -46.03 -9.61 -15.48
C MET A 464 -47.17 -10.30 -14.75
N LEU A 465 -46.83 -11.33 -13.98
CA LEU A 465 -47.84 -12.09 -13.25
C LEU A 465 -48.56 -11.23 -12.21
N LYS A 466 -47.84 -10.33 -11.55
CA LYS A 466 -48.51 -9.48 -10.56
C LYS A 466 -49.58 -8.62 -11.21
N ASP A 467 -49.30 -8.07 -12.40
CA ASP A 467 -50.31 -7.26 -13.06
C ASP A 467 -51.52 -8.08 -13.47
N PHE A 468 -51.31 -9.38 -13.74
CA PHE A 468 -52.40 -10.27 -14.14
C PHE A 468 -53.37 -10.56 -12.98
N LEU A 469 -52.83 -10.79 -11.76
CA LEU A 469 -53.62 -11.16 -10.58
C LEU A 469 -54.01 -9.98 -9.70
N GLY A 470 -53.35 -8.84 -9.81
CA GLY A 470 -53.64 -7.75 -8.91
C GLY A 470 -52.77 -7.79 -7.67
N GLU A 471 -52.37 -6.61 -7.22
CA GLU A 471 -51.44 -6.52 -6.11
C GLU A 471 -51.91 -7.31 -4.90
N GLU A 472 -53.18 -7.23 -4.53
CA GLU A 472 -53.45 -7.89 -3.26
C GLU A 472 -53.51 -9.38 -3.42
N LYS A 473 -54.05 -9.91 -4.56
CA LYS A 473 -53.92 -11.34 -4.77
C LYS A 473 -52.45 -11.79 -4.76
N PHE A 474 -51.59 -11.04 -5.43
CA PHE A 474 -50.17 -11.38 -5.53
C PHE A 474 -49.46 -11.37 -4.18
N GLN A 475 -49.73 -10.35 -3.36
CA GLN A 475 -49.15 -10.30 -2.02
C GLN A 475 -49.52 -11.55 -1.22
N LYS A 476 -50.79 -11.91 -1.23
CA LYS A 476 -51.21 -13.02 -0.38
C LYS A 476 -50.69 -14.35 -0.92
N GLY A 477 -50.49 -14.48 -2.23
CA GLY A 477 -49.77 -15.65 -2.72
C GLY A 477 -48.36 -15.72 -2.14
N ILE A 478 -47.63 -14.60 -2.21
CA ILE A 478 -46.29 -14.57 -1.66
C ILE A 478 -46.32 -14.93 -0.20
N ILE A 479 -47.28 -14.37 0.55
CA ILE A 479 -47.29 -14.55 1.99
C ILE A 479 -47.54 -16.00 2.35
N GLN A 480 -48.41 -16.66 1.59
CA GLN A 480 -48.68 -18.06 1.86
C GLN A 480 -47.48 -18.92 1.51
N TYR A 481 -46.82 -18.62 0.38
CA TYR A 481 -45.58 -19.32 0.04
C TYR A 481 -44.52 -19.17 1.15
N LEU A 482 -44.22 -17.93 1.58
CA LEU A 482 -43.15 -17.74 2.55
C LEU A 482 -43.50 -18.36 3.88
N LYS A 483 -44.79 -18.42 4.21
CA LYS A 483 -45.16 -18.96 5.52
C LYS A 483 -45.12 -20.48 5.50
N LYS A 484 -45.37 -21.09 4.33
CA LYS A 484 -45.50 -22.53 4.17
C LYS A 484 -44.17 -23.19 3.86
N PHE A 485 -43.13 -22.41 3.61
CA PHE A 485 -41.80 -22.99 3.40
C PHE A 485 -40.77 -22.38 4.35
N SER A 486 -41.22 -21.66 5.37
CA SER A 486 -40.34 -21.12 6.41
C SER A 486 -39.39 -22.18 6.94
N TYR A 487 -38.10 -21.88 6.89
CA TYR A 487 -37.07 -22.73 7.47
C TYR A 487 -36.94 -24.06 6.74
N ARG A 488 -37.38 -24.17 5.50
CA ARG A 488 -37.07 -25.34 4.69
C ARG A 488 -36.80 -24.86 3.27
N ASN A 489 -36.80 -25.78 2.31
CA ASN A 489 -36.54 -25.43 0.92
C ASN A 489 -37.79 -25.59 0.06
N ALA A 490 -37.75 -25.03 -1.14
CA ALA A 490 -38.84 -25.19 -2.08
C ALA A 490 -38.27 -25.33 -3.48
N LYS A 491 -39.08 -25.88 -4.37
CA LYS A 491 -38.66 -25.96 -5.76
C LYS A 491 -39.64 -25.17 -6.62
N ASN A 492 -39.30 -25.12 -7.92
CA ASN A 492 -40.05 -24.34 -8.89
C ASN A 492 -41.55 -24.63 -8.83
N ASP A 493 -41.93 -25.90 -8.98
CA ASP A 493 -43.33 -26.25 -8.92
C ASP A 493 -43.99 -25.79 -7.63
N ASP A 494 -43.26 -25.73 -6.51
CA ASP A 494 -43.88 -25.35 -5.25
C ASP A 494 -44.31 -23.88 -5.27
N LEU A 495 -43.49 -23.01 -5.87
CA LEU A 495 -43.85 -21.60 -5.95
C LEU A 495 -45.16 -21.42 -6.70
N TRP A 496 -45.27 -22.03 -7.88
CA TRP A 496 -46.46 -21.81 -8.71
C TRP A 496 -47.73 -22.34 -8.03
N SER A 497 -47.63 -23.47 -7.35
CA SER A 497 -48.81 -24.00 -6.69
C SER A 497 -49.29 -23.08 -5.56
N SER A 498 -48.38 -22.38 -4.89
CA SER A 498 -48.80 -21.45 -3.84
C SER A 498 -49.32 -20.15 -4.43
N LEU A 499 -48.63 -19.63 -5.46
CA LEU A 499 -49.10 -18.40 -6.10
C LEU A 499 -50.39 -18.63 -6.89
N SER A 500 -50.59 -19.86 -7.39
CA SER A 500 -51.85 -20.16 -8.09
C SER A 500 -53.02 -20.14 -7.13
N ASN A 501 -52.87 -20.80 -5.98
CA ASN A 501 -53.97 -20.97 -5.04
C ASN A 501 -54.07 -19.84 -4.03
N SER A 502 -54.05 -18.59 -4.50
CA SER A 502 -54.01 -17.47 -3.57
C SER A 502 -55.43 -16.96 -3.34
N CYS A 503 -55.68 -16.49 -2.13
CA CYS A 503 -57.02 -16.07 -1.74
C CYS A 503 -57.05 -14.58 -1.34
N LEU A 504 -58.01 -13.87 -1.90
CA LEU A 504 -58.09 -12.40 -1.98
C LEU A 504 -58.77 -11.76 -0.77
N GLU A 505 -58.67 -12.41 0.41
CA GLU A 505 -58.98 -11.83 1.72
C GLU A 505 -60.46 -11.61 1.99
N SER A 506 -61.27 -11.60 0.93
CA SER A 506 -62.72 -11.72 1.03
C SER A 506 -63.15 -13.14 0.72
N ASP A 507 -62.18 -14.01 0.51
CA ASP A 507 -62.34 -15.45 0.50
C ASP A 507 -62.18 -16.03 1.90
N PHE A 508 -62.01 -15.17 2.90
CA PHE A 508 -62.05 -15.54 4.30
C PHE A 508 -63.32 -15.02 4.97
N THR A 509 -64.30 -14.57 4.18
CA THR A 509 -65.49 -13.95 4.71
C THR A 509 -66.41 -14.97 5.38
N SER A 510 -67.57 -14.46 5.82
CA SER A 510 -68.64 -15.24 6.41
C SER A 510 -69.06 -16.40 5.49
N GLY A 511 -69.46 -16.09 4.26
CA GLY A 511 -69.60 -17.10 3.24
C GLY A 511 -68.25 -17.47 2.65
N GLY A 512 -67.44 -18.21 3.41
CA GLY A 512 -66.08 -18.55 3.04
C GLY A 512 -65.93 -19.14 1.64
N VAL A 513 -64.92 -18.65 0.94
CA VAL A 513 -64.60 -19.14 -0.40
C VAL A 513 -63.30 -19.93 -0.43
N CYS A 514 -62.39 -19.72 0.53
CA CYS A 514 -61.19 -20.52 0.65
C CYS A 514 -61.33 -21.53 1.78
N HIS A 515 -61.54 -21.05 2.99
CA HIS A 515 -61.30 -21.88 4.16
C HIS A 515 -62.56 -22.09 4.98
N SER A 516 -62.42 -23.09 5.83
CA SER A 516 -63.23 -23.57 6.94
C SER A 516 -64.54 -24.22 6.54
N ASP A 517 -65.20 -23.69 5.52
CA ASP A 517 -66.45 -24.27 5.04
C ASP A 517 -66.95 -23.49 3.83
N PRO A 518 -66.62 -23.87 2.62
CA PRO A 518 -67.05 -23.09 1.47
C PRO A 518 -68.43 -23.49 0.95
N LYS A 519 -69.08 -22.52 0.33
CA LYS A 519 -70.31 -22.74 -0.43
C LYS A 519 -69.93 -23.03 -1.88
N MET A 520 -70.50 -24.09 -2.43
CA MET A 520 -70.24 -24.42 -3.83
C MET A 520 -70.93 -23.44 -4.77
N THR A 521 -70.22 -22.38 -5.13
CA THR A 521 -70.73 -21.33 -6.00
C THR A 521 -70.16 -21.49 -7.41
N SER A 522 -70.70 -20.71 -8.34
CA SER A 522 -70.19 -20.77 -9.70
C SER A 522 -68.91 -19.96 -9.89
N ASN A 523 -68.62 -18.99 -9.02
CA ASN A 523 -67.29 -18.41 -9.01
C ASN A 523 -66.28 -19.38 -8.41
N MET A 524 -66.73 -20.19 -7.44
CA MET A 524 -65.86 -21.20 -6.84
C MET A 524 -65.49 -22.32 -7.83
N LEU A 525 -66.25 -22.49 -8.92
CA LEU A 525 -65.78 -23.33 -10.03
C LEU A 525 -64.84 -22.56 -10.96
N ALA A 526 -64.94 -21.24 -10.98
CA ALA A 526 -64.04 -20.44 -11.81
C ALA A 526 -62.72 -20.18 -11.09
N PHE A 527 -62.78 -20.05 -9.76
CA PHE A 527 -61.59 -19.94 -8.94
C PHE A 527 -60.61 -21.08 -9.25
N LEU A 528 -61.07 -22.32 -9.11
CA LEU A 528 -60.16 -23.46 -9.28
C LEU A 528 -59.74 -23.62 -10.73
N GLY A 529 -60.64 -23.32 -11.67
CA GLY A 529 -60.25 -23.36 -13.08
C GLY A 529 -59.26 -22.27 -13.45
N GLU A 530 -59.43 -21.09 -12.86
CA GLU A 530 -58.49 -19.99 -13.11
C GLU A 530 -57.15 -20.23 -12.43
N ASN A 531 -57.17 -20.77 -11.20
CA ASN A 531 -55.92 -21.11 -10.52
C ASN A 531 -55.10 -22.08 -11.36
N ALA A 532 -55.73 -23.14 -11.84
CA ALA A 532 -55.02 -24.13 -12.66
C ALA A 532 -54.50 -23.50 -13.94
N GLU A 533 -55.26 -22.59 -14.57
CA GLU A 533 -54.78 -21.91 -15.77
C GLU A 533 -53.50 -21.12 -15.47
N VAL A 534 -53.46 -20.44 -14.32
CA VAL A 534 -52.29 -19.66 -13.94
C VAL A 534 -51.08 -20.56 -13.77
N LYS A 535 -51.27 -21.76 -13.25
CA LYS A 535 -50.14 -22.66 -13.01
C LYS A 535 -49.54 -23.18 -14.32
N GLU A 536 -50.36 -23.55 -15.31
CA GLU A 536 -49.79 -24.02 -16.57
C GLU A 536 -49.08 -22.89 -17.30
N MET A 537 -49.55 -21.65 -17.13
CA MET A 537 -48.95 -20.53 -17.83
C MET A 537 -47.57 -20.21 -17.28
N MET A 538 -47.47 -20.13 -15.94
CA MET A 538 -46.19 -19.83 -15.32
C MET A 538 -45.19 -20.95 -15.57
N THR A 539 -45.64 -22.20 -15.55
CA THR A 539 -44.77 -23.34 -15.84
C THR A 539 -44.03 -23.13 -17.15
N THR A 540 -44.76 -22.71 -18.20
CA THR A 540 -44.13 -22.60 -19.50
C THR A 540 -43.11 -21.44 -19.55
N TRP A 541 -43.40 -20.31 -18.87
CA TRP A 541 -42.46 -19.20 -18.89
C TRP A 541 -41.14 -19.54 -18.21
N THR A 542 -41.09 -20.59 -17.39
CA THR A 542 -39.85 -20.92 -16.73
C THR A 542 -39.12 -22.08 -17.40
N LEU A 543 -39.79 -22.84 -18.26
CA LEU A 543 -39.12 -23.95 -18.89
C LEU A 543 -38.74 -23.68 -20.35
N GLN A 544 -39.35 -22.69 -20.99
CA GLN A 544 -39.05 -22.35 -22.38
C GLN A 544 -38.10 -21.17 -22.42
N LYS A 545 -36.92 -21.38 -23.00
CA LYS A 545 -36.04 -20.26 -23.19
C LYS A 545 -36.62 -19.29 -24.20
N GLY A 546 -36.13 -18.07 -24.17
CA GLY A 546 -36.49 -17.09 -25.18
C GLY A 546 -37.69 -16.26 -24.77
N ILE A 547 -38.08 -15.39 -25.70
CA ILE A 547 -39.12 -14.41 -25.40
C ILE A 547 -40.05 -14.37 -26.59
N PRO A 548 -41.36 -14.31 -26.37
CA PRO A 548 -42.32 -14.38 -27.48
C PRO A 548 -42.54 -13.05 -28.18
N LEU A 549 -42.72 -13.12 -29.50
CA LEU A 549 -43.02 -11.96 -30.35
C LEU A 549 -44.48 -12.05 -30.83
N LEU A 550 -45.32 -11.13 -30.37
CA LEU A 550 -46.72 -11.11 -30.74
C LEU A 550 -46.89 -10.16 -31.91
N VAL A 551 -47.18 -10.68 -33.08
CA VAL A 551 -47.42 -9.81 -34.23
C VAL A 551 -48.93 -9.76 -34.47
N VAL A 552 -49.44 -8.53 -34.55
CA VAL A 552 -50.86 -8.25 -34.65
C VAL A 552 -51.08 -7.44 -35.93
N LYS A 553 -52.00 -7.88 -36.77
CA LYS A 553 -52.43 -7.05 -37.88
C LYS A 553 -53.89 -6.68 -37.67
N GLN A 554 -54.15 -5.38 -37.68
CA GLN A 554 -55.49 -4.82 -37.48
C GLN A 554 -56.22 -4.79 -38.81
N ASP A 555 -57.40 -5.42 -38.85
CA ASP A 555 -58.15 -5.67 -40.08
C ASP A 555 -59.58 -5.16 -39.85
N GLY A 556 -59.84 -3.92 -40.23
CA GLY A 556 -61.13 -3.34 -39.96
C GLY A 556 -61.32 -3.15 -38.46
N CYS A 557 -62.17 -3.97 -37.84
CA CYS A 557 -62.15 -4.10 -36.38
C CYS A 557 -62.03 -5.58 -35.97
N SER A 558 -61.43 -6.39 -36.82
CA SER A 558 -60.81 -7.64 -36.42
C SER A 558 -59.35 -7.38 -36.02
N LEU A 559 -58.71 -8.37 -35.39
CA LEU A 559 -57.30 -8.28 -35.01
C LEU A 559 -56.70 -9.68 -34.98
N ARG A 560 -55.88 -10.01 -35.99
CA ARG A 560 -55.26 -11.33 -36.10
C ARG A 560 -53.98 -11.35 -35.26
N LEU A 561 -53.91 -12.30 -34.34
CA LEU A 561 -52.79 -12.43 -33.42
C LEU A 561 -51.93 -13.61 -33.82
N GLN A 562 -50.61 -13.43 -33.77
CA GLN A 562 -49.68 -14.53 -33.97
C GLN A 562 -48.54 -14.43 -32.96
N GLN A 563 -47.97 -15.56 -32.59
CA GLN A 563 -46.82 -15.56 -31.72
C GLN A 563 -45.74 -16.48 -32.27
N GLU A 564 -44.49 -16.05 -32.09
CA GLU A 564 -43.30 -16.77 -32.51
C GLU A 564 -42.20 -16.42 -31.53
N ARG A 565 -41.13 -17.21 -31.57
CA ARG A 565 -40.00 -16.88 -30.73
C ARG A 565 -39.35 -15.66 -31.34
N PHE A 566 -38.94 -14.72 -30.51
CA PHE A 566 -38.25 -13.55 -31.01
C PHE A 566 -36.79 -13.88 -31.21
N LEU A 567 -36.21 -13.33 -32.27
CA LEU A 567 -34.85 -13.73 -32.61
C LEU A 567 -34.16 -12.57 -33.30
N GLN A 568 -33.13 -12.01 -32.67
CA GLN A 568 -32.34 -10.99 -33.34
C GLN A 568 -31.15 -11.62 -34.04
N GLY A 569 -30.66 -10.91 -35.05
CA GLY A 569 -29.80 -11.50 -36.04
C GLY A 569 -30.70 -12.05 -37.11
N VAL A 570 -30.99 -13.34 -37.01
CA VAL A 570 -31.73 -14.13 -37.99
C VAL A 570 -33.01 -13.42 -38.45
N PHE A 571 -33.19 -13.29 -39.77
CA PHE A 571 -34.41 -12.77 -40.40
C PHE A 571 -35.47 -13.85 -40.50
N GLN A 572 -36.72 -13.43 -40.77
CA GLN A 572 -37.80 -14.39 -40.97
C GLN A 572 -37.64 -15.20 -42.26
N GLU A 573 -36.79 -14.73 -43.17
CA GLU A 573 -36.48 -15.38 -44.44
C GLU A 573 -35.13 -16.09 -44.39
N ASP A 574 -34.80 -16.73 -43.25
CA ASP A 574 -33.50 -17.33 -42.98
C ASP A 574 -33.60 -18.85 -42.98
N PRO A 575 -32.55 -19.56 -43.47
CA PRO A 575 -32.57 -21.03 -43.45
C PRO A 575 -32.50 -21.65 -42.07
N GLU A 576 -32.24 -20.89 -41.01
CA GLU A 576 -32.20 -21.42 -39.67
C GLU A 576 -33.42 -21.02 -38.86
N TRP A 577 -34.43 -20.41 -39.50
CA TRP A 577 -35.50 -19.74 -38.77
C TRP A 577 -36.67 -20.64 -38.41
N ARG A 578 -37.05 -21.58 -39.27
CA ARG A 578 -38.04 -22.55 -38.83
C ARG A 578 -37.45 -23.59 -37.91
N ALA A 579 -36.13 -23.79 -37.95
CA ALA A 579 -35.48 -24.74 -37.07
C ALA A 579 -35.42 -24.25 -35.63
N LEU A 580 -35.62 -22.94 -35.37
CA LEU A 580 -35.63 -22.42 -34.02
C LEU A 580 -36.99 -21.89 -33.59
N GLN A 581 -38.02 -21.97 -34.45
CA GLN A 581 -39.41 -21.77 -34.05
C GLN A 581 -40.05 -23.06 -33.59
N GLU A 582 -39.28 -24.16 -33.62
CA GLU A 582 -39.58 -25.42 -32.97
C GLU A 582 -40.38 -25.25 -31.75
N ARG A 583 -41.54 -25.93 -31.63
CA ARG A 583 -42.09 -26.23 -30.31
C ARG A 583 -42.31 -25.01 -29.35
N TYR A 584 -41.88 -23.81 -29.69
CA TYR A 584 -42.03 -22.68 -28.79
C TYR A 584 -43.47 -22.24 -28.86
N LEU A 585 -44.10 -22.17 -27.70
CA LEU A 585 -45.44 -21.62 -27.59
C LEU A 585 -45.70 -21.26 -26.15
N TRP A 586 -46.16 -20.02 -25.93
CA TRP A 586 -46.35 -19.42 -24.61
C TRP A 586 -47.82 -19.12 -24.36
N HIS A 587 -48.20 -19.12 -23.09
CA HIS A 587 -49.50 -18.62 -22.67
C HIS A 587 -49.26 -17.19 -22.23
N ILE A 588 -49.67 -16.23 -23.05
CA ILE A 588 -49.27 -14.83 -22.89
C ILE A 588 -50.47 -14.00 -22.46
N PRO A 589 -50.55 -13.61 -21.21
CA PRO A 589 -51.66 -12.75 -20.80
C PRO A 589 -51.49 -11.37 -21.41
N LEU A 590 -52.26 -11.05 -22.44
CA LEU A 590 -52.02 -9.80 -23.15
C LEU A 590 -52.85 -8.67 -22.55
N THR A 591 -52.59 -7.48 -23.06
CA THR A 591 -53.11 -6.21 -22.61
C THR A 591 -53.21 -5.34 -23.84
N TYR A 592 -54.21 -4.46 -23.87
CA TYR A 592 -54.26 -3.54 -25.02
C TYR A 592 -55.24 -2.42 -24.75
N SER A 593 -54.87 -1.23 -25.21
CA SER A 593 -55.73 -0.07 -25.26
C SER A 593 -55.94 0.32 -26.71
N THR A 594 -56.81 1.33 -26.91
CA THR A 594 -57.22 1.78 -28.24
C THR A 594 -56.96 3.27 -28.34
N SER A 595 -57.11 3.82 -29.55
CA SER A 595 -57.20 5.25 -29.75
C SER A 595 -58.50 5.81 -29.16
N SER A 596 -59.57 5.02 -29.18
CA SER A 596 -60.89 5.51 -28.79
C SER A 596 -61.21 5.34 -27.31
N SER A 597 -60.67 4.33 -26.64
CA SER A 597 -60.96 4.02 -25.25
C SER A 597 -59.67 3.70 -24.48
N ASN A 598 -59.50 4.31 -23.34
CA ASN A 598 -58.33 4.07 -22.51
C ASN A 598 -58.54 2.97 -21.48
N VAL A 599 -59.50 2.10 -21.69
CA VAL A 599 -59.77 1.00 -20.77
C VAL A 599 -58.90 -0.19 -21.16
N ILE A 600 -58.22 -0.75 -20.18
CA ILE A 600 -57.28 -1.84 -20.44
C ILE A 600 -58.10 -3.11 -20.68
N HIS A 601 -57.88 -3.73 -21.83
CA HIS A 601 -58.47 -5.02 -22.17
C HIS A 601 -57.45 -6.12 -21.96
N ARG A 602 -57.94 -7.29 -21.56
CA ARG A 602 -57.03 -8.34 -21.12
C ARG A 602 -57.56 -9.70 -21.56
N HIS A 603 -56.77 -10.40 -22.36
CA HIS A 603 -57.12 -11.71 -22.90
C HIS A 603 -55.88 -12.60 -22.96
N ILE A 604 -56.01 -13.86 -22.54
CA ILE A 604 -54.90 -14.81 -22.61
C ILE A 604 -54.88 -15.46 -23.98
N LEU A 605 -53.71 -15.46 -24.62
CA LEU A 605 -53.47 -16.19 -25.87
C LEU A 605 -52.62 -17.42 -25.58
N LYS A 606 -53.20 -18.61 -25.80
CA LYS A 606 -52.50 -19.88 -25.62
C LYS A 606 -52.45 -20.71 -26.92
N SER A 607 -52.55 -20.05 -28.09
CA SER A 607 -52.99 -20.76 -29.29
C SER A 607 -52.21 -20.48 -30.57
N LYS A 608 -51.10 -19.74 -30.51
CA LYS A 608 -50.20 -19.53 -31.66
C LYS A 608 -50.79 -18.68 -32.79
N THR A 609 -52.12 -18.54 -32.82
CA THR A 609 -52.88 -17.64 -33.67
C THR A 609 -54.32 -17.69 -33.18
N ASP A 610 -54.97 -16.54 -33.24
CA ASP A 610 -56.21 -16.28 -32.54
C ASP A 610 -56.59 -14.89 -32.98
N THR A 611 -57.85 -14.53 -32.83
CA THR A 611 -58.20 -13.16 -33.18
C THR A 611 -59.34 -12.65 -32.32
N LEU A 612 -59.27 -11.37 -31.99
CA LEU A 612 -60.26 -10.66 -31.20
C LEU A 612 -60.92 -9.61 -32.08
N ASP A 613 -62.12 -9.20 -31.71
CA ASP A 613 -62.79 -8.08 -32.38
C ASP A 613 -63.07 -6.95 -31.41
N LEU A 614 -62.82 -5.73 -31.87
CA LEU A 614 -62.98 -4.52 -31.06
C LEU A 614 -64.37 -3.95 -31.26
N PRO A 615 -64.79 -2.99 -30.40
CA PRO A 615 -66.15 -2.45 -30.49
C PRO A 615 -66.41 -1.60 -31.72
N GLU A 616 -65.58 -0.60 -31.93
CA GLU A 616 -65.69 0.32 -33.06
C GLU A 616 -64.27 0.65 -33.47
N LYS A 617 -63.93 0.33 -34.71
CA LYS A 617 -62.55 0.44 -35.20
C LYS A 617 -61.97 1.83 -34.93
N THR A 618 -60.97 1.89 -34.05
CA THR A 618 -60.34 3.14 -33.69
C THR A 618 -59.14 3.41 -34.60
N SER A 619 -58.47 4.53 -34.36
CA SER A 619 -57.35 4.93 -35.21
C SER A 619 -56.10 4.06 -34.99
N TRP A 620 -55.93 3.45 -33.81
CA TRP A 620 -54.88 2.45 -33.60
C TRP A 620 -55.20 1.63 -32.36
N VAL A 621 -54.41 0.58 -32.16
CA VAL A 621 -54.40 -0.10 -30.87
C VAL A 621 -52.95 -0.23 -30.42
N LYS A 622 -52.76 -0.29 -29.11
CA LYS A 622 -51.44 -0.40 -28.49
C LYS A 622 -51.49 -1.54 -27.49
N PHE A 623 -50.86 -2.66 -27.86
CA PHE A 623 -50.76 -3.82 -26.97
C PHE A 623 -49.64 -3.62 -25.95
N ASN A 624 -49.63 -4.51 -24.94
CA ASN A 624 -48.71 -4.46 -23.82
C ASN A 624 -48.74 -3.10 -23.12
N VAL A 625 -49.87 -2.82 -22.47
CA VAL A 625 -50.04 -1.51 -21.82
C VAL A 625 -49.01 -1.36 -20.73
N ASP A 626 -48.32 -0.22 -20.74
CA ASP A 626 -47.26 0.08 -19.80
C ASP A 626 -46.08 -0.91 -19.91
N SER A 627 -46.09 -1.79 -20.91
CA SER A 627 -45.00 -2.74 -21.15
C SER A 627 -44.80 -3.65 -19.95
N ASN A 628 -45.89 -4.06 -19.31
CA ASN A 628 -45.76 -4.96 -18.18
C ASN A 628 -45.59 -6.40 -18.60
N GLY A 629 -45.59 -6.67 -19.90
CA GLY A 629 -45.58 -8.03 -20.40
C GLY A 629 -44.22 -8.38 -20.98
N TYR A 630 -43.81 -9.63 -20.76
CA TYR A 630 -42.51 -10.08 -21.26
C TYR A 630 -42.66 -10.56 -22.70
N TYR A 631 -42.90 -9.59 -23.58
CA TYR A 631 -43.08 -9.90 -24.98
C TYR A 631 -42.95 -8.63 -25.81
N ILE A 632 -42.54 -8.82 -27.06
CA ILE A 632 -42.49 -7.74 -28.06
C ILE A 632 -43.75 -7.80 -28.93
N VAL A 633 -44.31 -6.62 -29.24
CA VAL A 633 -45.50 -6.50 -30.10
C VAL A 633 -45.11 -5.79 -31.40
N HIS A 634 -45.29 -6.48 -32.52
CA HIS A 634 -45.06 -5.95 -33.88
C HIS A 634 -46.40 -5.64 -34.52
N TYR A 635 -46.56 -4.41 -35.02
CA TYR A 635 -47.77 -4.03 -35.72
C TYR A 635 -47.59 -4.24 -37.23
N GLU A 636 -48.35 -5.16 -37.80
CA GLU A 636 -48.35 -5.36 -39.24
C GLU A 636 -49.21 -4.31 -39.96
N GLY A 637 -48.94 -4.11 -41.24
CA GLY A 637 -49.71 -3.16 -42.04
C GLY A 637 -49.45 -1.69 -41.74
N HIS A 638 -50.49 -0.96 -41.31
CA HIS A 638 -50.39 0.46 -41.02
C HIS A 638 -50.16 0.76 -39.54
N GLY A 639 -50.01 -0.27 -38.71
CA GLY A 639 -50.02 -0.08 -37.26
C GLY A 639 -48.95 0.88 -36.77
N TRP A 640 -47.74 0.79 -37.34
CA TRP A 640 -46.61 1.53 -36.79
C TRP A 640 -46.69 3.02 -37.13
N ASP A 641 -47.06 3.35 -38.38
CA ASP A 641 -47.22 4.75 -38.78
C ASP A 641 -48.35 5.44 -38.01
N GLN A 642 -49.46 4.73 -37.79
CA GLN A 642 -50.54 5.27 -36.98
C GLN A 642 -50.04 5.64 -35.59
N LEU A 643 -49.23 4.76 -35.00
CA LEU A 643 -48.67 5.04 -33.68
C LEU A 643 -47.57 6.10 -33.76
N ILE A 644 -46.70 6.05 -34.77
CA ILE A 644 -45.71 7.11 -34.87
C ILE A 644 -46.38 8.44 -35.20
N THR A 645 -47.38 8.43 -36.09
CA THR A 645 -48.09 9.67 -36.39
C THR A 645 -48.70 10.25 -35.13
N GLN A 646 -49.23 9.38 -34.26
CA GLN A 646 -49.78 9.83 -32.99
C GLN A 646 -48.74 10.53 -32.14
N LEU A 647 -47.57 9.88 -31.96
CA LEU A 647 -46.49 10.50 -31.18
C LEU A 647 -46.07 11.85 -31.76
N ASN A 648 -46.09 11.98 -33.08
CA ASN A 648 -45.58 13.19 -33.71
C ASN A 648 -46.52 14.38 -33.57
N GLN A 649 -47.83 14.16 -33.47
CA GLN A 649 -48.67 15.34 -33.21
C GLN A 649 -48.99 15.52 -31.74
N ASN A 650 -49.78 14.63 -31.13
CA ASN A 650 -50.10 14.75 -29.71
C ASN A 650 -49.65 13.48 -29.00
N HIS A 651 -48.37 13.47 -28.59
CA HIS A 651 -47.75 12.27 -28.03
C HIS A 651 -48.23 11.92 -26.64
N THR A 652 -48.98 12.82 -26.00
CA THR A 652 -49.33 12.59 -24.60
C THR A 652 -50.55 11.71 -24.42
N LEU A 653 -51.28 11.39 -25.48
CA LEU A 653 -52.38 10.45 -25.28
C LEU A 653 -51.86 9.05 -25.04
N LEU A 654 -50.67 8.72 -25.57
CA LEU A 654 -50.01 7.47 -25.23
C LEU A 654 -49.39 7.54 -23.84
N ARG A 655 -49.67 6.54 -23.00
CA ARG A 655 -49.21 6.56 -21.62
C ARG A 655 -47.69 6.56 -21.58
N PRO A 656 -47.07 7.32 -20.67
CA PRO A 656 -45.59 7.46 -20.65
C PRO A 656 -44.82 6.15 -20.77
N LYS A 657 -45.29 5.07 -20.15
CA LYS A 657 -44.57 3.82 -20.33
C LYS A 657 -44.85 3.20 -21.68
N ASP A 658 -46.04 3.47 -22.26
CA ASP A 658 -46.29 3.02 -23.61
C ASP A 658 -45.24 3.58 -24.56
N ARG A 659 -44.75 4.78 -24.26
CA ARG A 659 -43.81 5.44 -25.16
C ARG A 659 -42.45 4.79 -25.08
N VAL A 660 -41.92 4.59 -23.87
CA VAL A 660 -40.62 3.96 -23.80
C VAL A 660 -40.70 2.54 -24.34
N GLY A 661 -41.83 1.87 -24.15
CA GLY A 661 -41.99 0.55 -24.73
C GLY A 661 -41.97 0.58 -26.24
N LEU A 662 -42.62 1.59 -26.84
CA LEU A 662 -42.66 1.67 -28.29
C LEU A 662 -41.28 1.95 -28.86
N ILE A 663 -40.52 2.86 -28.24
CA ILE A 663 -39.15 3.11 -28.65
C ILE A 663 -38.32 1.83 -28.58
N HIS A 664 -38.41 1.10 -27.47
CA HIS A 664 -37.65 -0.14 -27.35
C HIS A 664 -38.08 -1.14 -28.41
N ASP A 665 -39.40 -1.23 -28.66
CA ASP A 665 -39.94 -2.25 -29.53
C ASP A 665 -39.47 -2.09 -30.97
N VAL A 666 -39.32 -0.86 -31.48
CA VAL A 666 -39.00 -0.87 -32.91
C VAL A 666 -37.52 -0.98 -33.15
N PHE A 667 -36.69 -0.40 -32.29
CA PHE A 667 -35.27 -0.61 -32.53
C PHE A 667 -34.92 -2.09 -32.47
N GLN A 668 -35.54 -2.83 -31.53
CA GLN A 668 -35.47 -4.29 -31.55
C GLN A 668 -35.96 -4.85 -32.87
N LEU A 669 -37.14 -4.42 -33.32
CA LEU A 669 -37.66 -4.99 -34.55
C LEU A 669 -36.81 -4.64 -35.78
N VAL A 670 -36.02 -3.56 -35.73
CA VAL A 670 -35.01 -3.37 -36.77
C VAL A 670 -34.01 -4.52 -36.74
N GLY A 671 -33.46 -4.83 -35.55
CA GLY A 671 -32.64 -6.02 -35.40
C GLY A 671 -33.33 -7.32 -35.78
N ALA A 672 -34.66 -7.34 -35.77
CA ALA A 672 -35.38 -8.56 -36.10
C ALA A 672 -35.62 -8.72 -37.58
N GLY A 673 -35.28 -7.70 -38.39
CA GLY A 673 -35.55 -7.72 -39.81
C GLY A 673 -36.95 -7.33 -40.21
N ARG A 674 -37.84 -7.09 -39.25
CA ARG A 674 -39.24 -6.82 -39.56
C ARG A 674 -39.52 -5.36 -39.86
N LEU A 675 -38.56 -4.48 -39.60
CA LEU A 675 -38.73 -3.04 -39.81
C LEU A 675 -37.46 -2.49 -40.40
N THR A 676 -37.60 -1.42 -41.19
CA THR A 676 -36.43 -0.73 -41.72
C THR A 676 -35.97 0.30 -40.71
N LEU A 677 -34.65 0.51 -40.66
CA LEU A 677 -34.10 1.50 -39.74
C LEU A 677 -34.69 2.87 -39.96
N ASP A 678 -35.27 3.12 -41.14
CA ASP A 678 -36.01 4.32 -41.51
C ASP A 678 -36.98 4.78 -40.43
N LYS A 679 -37.98 3.95 -40.12
CA LYS A 679 -39.05 4.48 -39.29
C LYS A 679 -38.71 4.46 -37.81
N ALA A 680 -37.73 3.66 -37.39
CA ALA A 680 -37.22 3.81 -36.02
C ALA A 680 -36.55 5.17 -35.82
N LEU A 681 -35.62 5.54 -36.70
CA LEU A 681 -35.04 6.88 -36.63
C LEU A 681 -36.13 7.94 -36.76
N ASP A 682 -37.12 7.70 -37.63
CA ASP A 682 -38.20 8.69 -37.79
C ASP A 682 -38.99 8.89 -36.51
N MET A 683 -38.95 7.92 -35.60
CA MET A 683 -39.60 8.10 -34.32
C MET A 683 -38.82 9.02 -33.41
N THR A 684 -37.56 9.30 -33.69
CA THR A 684 -36.79 10.08 -32.72
C THR A 684 -37.09 11.58 -32.81
N TYR A 685 -37.28 12.13 -34.02
CA TYR A 685 -38.19 13.28 -34.09
C TYR A 685 -39.42 12.90 -33.30
N TYR A 686 -39.98 13.88 -32.61
CA TYR A 686 -40.91 13.79 -31.46
C TYR A 686 -40.16 13.80 -30.13
N LEU A 687 -38.87 13.46 -30.09
CA LEU A 687 -38.24 13.61 -28.78
C LEU A 687 -37.94 15.09 -28.48
N GLN A 688 -38.08 15.96 -29.49
CA GLN A 688 -38.05 17.41 -29.30
C GLN A 688 -39.13 17.85 -28.32
N HIS A 689 -40.29 17.18 -28.33
CA HIS A 689 -41.38 17.50 -27.40
C HIS A 689 -41.40 16.60 -26.17
N GLU A 690 -40.69 15.47 -26.19
CA GLU A 690 -40.85 14.51 -25.11
C GLU A 690 -40.34 15.09 -23.81
N THR A 691 -41.20 15.08 -22.80
CA THR A 691 -40.87 15.58 -21.49
C THR A 691 -40.66 14.48 -20.45
N SER A 692 -41.16 13.26 -20.70
CA SER A 692 -40.90 12.13 -19.82
C SER A 692 -39.48 11.64 -20.06
N SER A 693 -38.57 12.01 -19.16
CA SER A 693 -37.16 11.61 -19.26
C SER A 693 -36.94 10.12 -19.51
N PRO A 694 -37.74 9.20 -18.99
CA PRO A 694 -37.59 7.79 -19.40
C PRO A 694 -37.71 7.59 -20.90
N ALA A 695 -38.76 8.10 -21.53
CA ALA A 695 -38.86 7.92 -22.97
C ALA A 695 -37.74 8.65 -23.69
N LEU A 696 -37.48 9.90 -23.27
CA LEU A 696 -36.39 10.69 -23.83
C LEU A 696 -35.07 9.93 -23.78
N LEU A 697 -34.75 9.33 -22.63
CA LEU A 697 -33.45 8.73 -22.44
C LEU A 697 -33.30 7.42 -23.21
N GLU A 698 -34.35 6.59 -23.24
CA GLU A 698 -34.37 5.42 -24.12
C GLU A 698 -34.00 5.81 -25.56
N GLY A 699 -34.83 6.68 -26.18
CA GLY A 699 -34.54 7.14 -27.53
C GLY A 699 -33.13 7.69 -27.69
N LEU A 700 -32.68 8.52 -26.73
CA LEU A 700 -31.35 9.12 -26.83
C LEU A 700 -30.25 8.06 -26.87
N SER A 701 -30.41 6.99 -26.08
CA SER A 701 -29.27 6.10 -25.92
C SER A 701 -29.09 5.18 -27.14
N TYR A 702 -30.17 4.88 -27.86
CA TYR A 702 -30.00 4.22 -29.14
C TYR A 702 -29.13 5.05 -30.06
N LEU A 703 -29.35 6.36 -30.08
CA LEU A 703 -28.52 7.18 -30.97
C LEU A 703 -27.11 7.28 -30.42
N GLU A 704 -26.98 7.33 -29.10
CA GLU A 704 -25.63 7.43 -28.53
C GLU A 704 -24.83 6.17 -28.82
N SER A 705 -25.49 5.01 -28.86
CA SER A 705 -24.73 3.78 -29.10
C SER A 705 -24.35 3.62 -30.56
N PHE A 706 -25.21 4.07 -31.48
CA PHE A 706 -24.86 4.14 -32.88
C PHE A 706 -23.59 4.95 -33.07
N TYR A 707 -23.49 6.10 -32.40
CA TYR A 707 -22.29 6.91 -32.49
C TYR A 707 -21.07 6.11 -32.06
N HIS A 708 -21.13 5.44 -30.90
CA HIS A 708 -19.96 4.70 -30.44
C HIS A 708 -19.68 3.51 -31.34
N MET A 709 -20.74 2.86 -31.83
CA MET A 709 -20.57 1.83 -32.82
C MET A 709 -19.78 2.34 -34.03
N MET A 710 -20.14 3.51 -34.56
CA MET A 710 -19.37 4.07 -35.67
C MET A 710 -17.96 4.41 -35.23
N ASP A 711 -17.81 4.94 -34.02
CA ASP A 711 -16.51 5.51 -33.67
C ASP A 711 -15.49 4.40 -33.48
N ARG A 712 -15.93 3.24 -32.99
CA ARG A 712 -15.05 2.08 -32.92
C ARG A 712 -14.56 1.67 -34.30
N ARG A 713 -15.45 1.73 -35.28
CA ARG A 713 -15.15 1.31 -36.65
C ARG A 713 -14.55 2.43 -37.47
N ASN A 714 -14.41 3.61 -36.86
CA ASN A 714 -13.78 4.70 -37.54
C ASN A 714 -14.56 5.12 -38.78
N ILE A 715 -15.87 4.95 -38.73
CA ILE A 715 -16.75 5.37 -39.83
C ILE A 715 -17.08 6.83 -39.55
N SER A 716 -16.14 7.71 -39.90
CA SER A 716 -16.19 9.02 -39.26
C SER A 716 -17.25 9.92 -39.91
N ASP A 717 -17.58 9.68 -41.18
CA ASP A 717 -18.58 10.55 -41.80
C ASP A 717 -19.95 10.37 -41.16
N ILE A 718 -20.34 9.15 -40.82
CA ILE A 718 -21.58 8.99 -40.06
C ILE A 718 -21.39 9.47 -38.63
N SER A 719 -20.33 9.01 -37.96
CA SER A 719 -20.09 9.41 -36.57
C SER A 719 -20.13 10.94 -36.44
N GLU A 720 -19.44 11.66 -37.34
CA GLU A 720 -19.47 13.12 -37.33
C GLU A 720 -20.88 13.66 -37.58
N ASN A 721 -21.63 13.03 -38.49
CA ASN A 721 -23.02 13.45 -38.66
C ASN A 721 -23.88 13.15 -37.45
N LEU A 722 -23.63 12.02 -36.78
CA LEU A 722 -24.44 11.70 -35.62
C LEU A 722 -24.17 12.70 -34.52
N LYS A 723 -22.91 13.09 -34.35
CA LYS A 723 -22.57 14.19 -33.45
C LYS A 723 -23.40 15.42 -33.76
N ARG A 724 -23.54 15.75 -35.04
CA ARG A 724 -24.19 17.00 -35.38
C ARG A 724 -25.70 16.91 -35.18
N TYR A 725 -26.31 15.75 -35.45
CA TYR A 725 -27.76 15.68 -35.29
C TYR A 725 -28.17 15.74 -33.82
N LEU A 726 -27.45 15.04 -32.95
CA LEU A 726 -27.77 15.05 -31.52
C LEU A 726 -27.62 16.45 -30.94
N LEU A 727 -26.51 17.13 -31.28
CA LEU A 727 -26.25 18.45 -30.71
C LEU A 727 -27.20 19.50 -31.26
N GLN A 728 -27.72 19.31 -32.47
CA GLN A 728 -28.66 20.28 -33.01
C GLN A 728 -30.05 20.03 -32.46
N TYR A 729 -30.56 18.82 -32.68
CA TYR A 729 -31.97 18.51 -32.42
C TYR A 729 -32.30 18.49 -30.94
N PHE A 730 -31.31 18.30 -30.08
CA PHE A 730 -31.52 18.33 -28.63
C PHE A 730 -30.74 19.47 -27.99
N LYS A 731 -30.31 20.45 -28.80
CA LYS A 731 -29.75 21.69 -28.27
C LYS A 731 -30.66 22.39 -27.26
N PRO A 732 -31.99 22.51 -27.49
CA PRO A 732 -32.85 23.18 -26.50
C PRO A 732 -32.71 22.60 -25.10
N VAL A 733 -32.98 21.30 -24.96
CA VAL A 733 -32.95 20.74 -23.61
C VAL A 733 -31.54 20.60 -23.05
N ILE A 734 -30.49 20.60 -23.89
CA ILE A 734 -29.15 20.47 -23.33
C ILE A 734 -28.73 21.75 -22.61
N ASP A 735 -29.09 22.90 -23.14
CA ASP A 735 -28.53 24.07 -22.50
C ASP A 735 -29.39 24.59 -21.37
N ARG A 736 -30.59 24.02 -21.16
CA ARG A 736 -31.35 24.26 -19.94
C ARG A 736 -30.71 23.61 -18.72
N GLN A 737 -29.76 22.70 -18.91
CA GLN A 737 -29.27 21.90 -17.81
C GLN A 737 -28.30 22.71 -16.97
N SER A 738 -28.52 22.70 -15.65
CA SER A 738 -27.63 23.38 -14.72
C SER A 738 -26.35 22.59 -14.57
N TRP A 739 -25.31 23.26 -14.10
CA TRP A 739 -24.08 22.58 -13.69
C TRP A 739 -23.95 22.52 -12.20
N SER A 740 -25.07 22.28 -11.50
CA SER A 740 -25.04 21.81 -10.12
C SER A 740 -26.34 21.08 -9.82
N ASP A 741 -26.25 20.17 -8.86
CA ASP A 741 -27.27 19.15 -8.59
C ASP A 741 -28.41 19.73 -7.76
N LYS A 742 -29.39 20.31 -8.45
CA LYS A 742 -30.39 21.14 -7.80
C LYS A 742 -31.83 20.64 -7.91
N GLY A 743 -32.14 19.70 -8.80
CA GLY A 743 -33.56 19.35 -8.96
C GLY A 743 -33.99 18.04 -8.34
N SER A 744 -34.92 17.37 -9.01
CA SER A 744 -35.38 16.01 -8.71
C SER A 744 -34.28 14.97 -8.86
N VAL A 745 -34.56 13.70 -8.53
CA VAL A 745 -33.60 12.64 -8.85
C VAL A 745 -33.57 12.39 -10.36
N TRP A 746 -34.74 12.39 -11.01
CA TRP A 746 -34.72 12.30 -12.46
C TRP A 746 -34.06 13.52 -13.06
N ASP A 747 -34.36 14.71 -12.50
CA ASP A 747 -33.75 15.93 -13.02
C ASP A 747 -32.24 15.83 -12.91
N ARG A 748 -31.75 15.31 -11.79
CA ARG A 748 -30.33 15.14 -11.58
C ARG A 748 -29.75 14.08 -12.51
N MET A 749 -30.45 12.95 -12.64
CA MET A 749 -29.92 11.90 -13.49
C MET A 749 -29.91 12.33 -14.95
N LEU A 750 -30.95 13.04 -15.38
CA LEU A 750 -30.97 13.54 -16.74
C LEU A 750 -29.86 14.58 -16.96
N ARG A 751 -29.58 15.41 -15.95
CA ARG A 751 -28.52 16.41 -16.06
C ARG A 751 -27.18 15.74 -16.38
N SER A 752 -26.83 14.73 -15.59
CA SER A 752 -25.58 14.01 -15.81
C SER A 752 -25.57 13.37 -17.20
N ALA A 753 -26.66 12.68 -17.53
CA ALA A 753 -26.83 12.01 -18.82
C ALA A 753 -26.52 12.93 -19.97
N LEU A 754 -27.28 14.02 -20.08
CA LEU A 754 -27.14 14.93 -21.20
C LEU A 754 -25.79 15.63 -21.20
N LEU A 755 -25.29 16.03 -20.03
CA LEU A 755 -24.01 16.72 -20.00
C LEU A 755 -22.87 15.77 -20.35
N LYS A 756 -22.99 14.48 -20.00
CA LYS A 756 -21.95 13.54 -20.42
C LYS A 756 -21.96 13.41 -21.93
N LEU A 757 -23.15 13.27 -22.49
CA LEU A 757 -23.27 13.13 -23.93
C LEU A 757 -22.69 14.34 -24.64
N ALA A 758 -23.10 15.54 -24.25
CA ALA A 758 -22.59 16.73 -24.92
C ALA A 758 -21.07 16.86 -24.77
N CYS A 759 -20.52 16.34 -23.68
CA CYS A 759 -19.10 16.43 -23.48
C CYS A 759 -18.34 15.26 -24.10
N ASP A 760 -19.05 14.16 -24.43
CA ASP A 760 -18.49 13.07 -25.23
C ASP A 760 -18.46 13.41 -26.73
N LEU A 761 -19.33 14.32 -27.17
CA LEU A 761 -19.36 14.82 -28.53
C LEU A 761 -18.52 16.09 -28.71
N ASN A 762 -17.59 16.32 -27.78
CA ASN A 762 -16.68 17.47 -27.76
C ASN A 762 -17.37 18.77 -28.12
N HIS A 763 -18.59 18.95 -27.58
CA HIS A 763 -19.33 20.20 -27.67
C HIS A 763 -18.56 21.24 -26.89
N ALA A 764 -17.88 22.13 -27.61
CA ALA A 764 -17.01 23.13 -27.00
C ALA A 764 -17.62 23.88 -25.82
N PRO A 765 -18.88 24.33 -25.87
CA PRO A 765 -19.44 25.02 -24.70
C PRO A 765 -19.43 24.19 -23.42
N CYS A 766 -19.80 22.91 -23.51
CA CYS A 766 -19.81 21.98 -22.37
CA CYS A 766 -19.82 22.12 -22.30
C CYS A 766 -18.42 21.71 -21.86
N ILE A 767 -17.50 21.51 -22.78
CA ILE A 767 -16.17 21.08 -22.37
C ILE A 767 -15.39 22.24 -21.77
N GLN A 768 -15.62 23.47 -22.22
CA GLN A 768 -14.92 24.57 -21.59
C GLN A 768 -15.40 24.80 -20.18
N LYS A 769 -16.71 24.57 -19.94
CA LYS A 769 -17.24 24.67 -18.57
C LYS A 769 -16.55 23.67 -17.66
N ALA A 770 -16.46 22.43 -18.11
CA ALA A 770 -15.87 21.39 -17.29
C ALA A 770 -14.38 21.63 -17.08
N ALA A 771 -13.68 22.13 -18.09
CA ALA A 771 -12.25 22.37 -17.94
C ALA A 771 -11.98 23.46 -16.90
N GLU A 772 -12.81 24.52 -16.86
CA GLU A 772 -12.66 25.48 -15.77
C GLU A 772 -12.86 24.80 -14.46
N LEU A 773 -14.06 24.17 -14.23
CA LEU A 773 -14.36 23.51 -12.98
C LEU A 773 -13.21 22.59 -12.53
N PHE A 774 -12.64 21.83 -13.46
CA PHE A 774 -11.51 20.98 -13.11
C PHE A 774 -10.32 21.80 -12.71
N SER A 775 -10.03 22.87 -13.46
CA SER A 775 -8.82 23.65 -13.20
C SER A 775 -8.91 24.30 -11.82
N GLN A 776 -10.05 24.90 -11.50
CA GLN A 776 -10.25 25.44 -10.15
C GLN A 776 -10.07 24.37 -9.08
N TRP A 777 -10.63 23.18 -9.29
CA TRP A 777 -10.52 22.13 -8.28
C TRP A 777 -9.06 21.73 -8.06
N MET A 778 -8.30 21.60 -9.15
CA MET A 778 -6.88 21.30 -9.02
C MET A 778 -6.13 22.44 -8.31
N GLU A 779 -6.43 23.70 -8.69
CA GLU A 779 -5.73 24.86 -8.14
C GLU A 779 -6.00 25.09 -6.64
N SER A 780 -7.10 24.56 -6.12
CA SER A 780 -7.44 24.67 -4.71
C SER A 780 -7.06 23.40 -3.98
N SER A 781 -5.94 22.77 -4.32
CA SER A 781 -5.37 21.62 -3.60
C SER A 781 -6.39 20.49 -3.45
N GLY A 782 -7.19 20.29 -4.49
CA GLY A 782 -8.21 19.24 -4.45
C GLY A 782 -9.15 19.42 -3.29
N LYS A 783 -9.52 20.67 -2.99
CA LYS A 783 -10.22 21.09 -1.79
C LYS A 783 -11.51 21.82 -2.05
N LEU A 784 -11.67 22.41 -3.24
CA LEU A 784 -12.93 23.01 -3.65
C LEU A 784 -13.88 21.89 -4.04
N ASN A 785 -15.16 22.20 -4.02
CA ASN A 785 -16.23 21.24 -4.31
C ASN A 785 -16.85 21.40 -5.70
N ILE A 786 -16.90 20.28 -6.41
CA ILE A 786 -17.58 20.09 -7.68
C ILE A 786 -18.92 19.42 -7.40
N PRO A 787 -20.01 19.84 -8.05
CA PRO A 787 -21.31 19.17 -7.82
C PRO A 787 -21.27 17.70 -8.24
N THR A 788 -21.87 16.85 -7.42
CA THR A 788 -21.70 15.41 -7.62
C THR A 788 -22.32 14.92 -8.93
N ASP A 789 -23.41 15.54 -9.36
CA ASP A 789 -24.04 15.09 -10.60
C ASP A 789 -23.15 15.33 -11.82
N VAL A 790 -22.20 16.26 -11.77
CA VAL A 790 -21.27 16.49 -12.88
C VAL A 790 -19.83 16.15 -12.50
N LEU A 791 -19.63 15.51 -11.34
CA LEU A 791 -18.27 15.17 -10.91
C LEU A 791 -17.54 14.26 -11.90
N LYS A 792 -18.22 13.27 -12.46
CA LYS A 792 -17.53 12.33 -13.35
C LYS A 792 -17.09 13.01 -14.64
N ILE A 793 -17.95 13.85 -15.21
CA ILE A 793 -17.61 14.58 -16.43
C ILE A 793 -16.38 15.48 -16.24
N VAL A 794 -16.32 16.22 -15.14
CA VAL A 794 -15.19 17.10 -14.88
C VAL A 794 -13.91 16.29 -14.78
N TYR A 795 -13.94 15.14 -14.08
CA TYR A 795 -12.69 14.39 -13.93
C TYR A 795 -12.23 13.80 -15.25
N SER A 796 -13.16 13.53 -16.16
CA SER A 796 -12.78 13.03 -17.48
C SER A 796 -12.08 14.12 -18.28
N VAL A 797 -12.67 15.33 -18.32
CA VAL A 797 -12.07 16.41 -19.09
C VAL A 797 -10.68 16.74 -18.57
N GLY A 798 -10.53 16.80 -17.24
CA GLY A 798 -9.22 17.00 -16.64
C GLY A 798 -8.24 15.90 -16.98
N ALA A 799 -8.73 14.67 -17.12
CA ALA A 799 -7.82 13.54 -17.36
C ALA A 799 -7.27 13.49 -18.76
N GLN A 800 -7.66 14.45 -19.64
CA GLN A 800 -7.19 14.51 -21.02
C GLN A 800 -5.81 15.13 -21.14
N THR A 801 -5.37 15.88 -20.12
CA THR A 801 -4.03 16.39 -20.00
C THR A 801 -3.22 15.46 -19.13
N THR A 802 -1.91 15.39 -19.39
CA THR A 802 -1.06 14.56 -18.56
C THR A 802 -0.99 15.08 -17.13
N ALA A 803 -1.17 16.39 -16.95
CA ALA A 803 -1.22 16.99 -15.62
C ALA A 803 -2.45 16.50 -14.84
N GLY A 804 -3.65 16.76 -15.39
CA GLY A 804 -4.88 16.29 -14.76
C GLY A 804 -4.86 14.79 -14.50
N TRP A 805 -4.47 14.01 -15.52
CA TRP A 805 -4.38 12.56 -15.37
C TRP A 805 -3.49 12.17 -14.20
N ASN A 806 -2.29 12.76 -14.11
CA ASN A 806 -1.39 12.43 -13.01
C ASN A 806 -1.96 12.88 -11.66
N TYR A 807 -2.58 14.06 -11.64
CA TYR A 807 -3.15 14.56 -10.38
C TYR A 807 -4.29 13.68 -9.92
N LEU A 808 -5.21 13.33 -10.84
CA LEU A 808 -6.26 12.37 -10.53
C LEU A 808 -5.69 11.07 -10.00
N LEU A 809 -4.63 10.54 -10.62
CA LEU A 809 -4.12 9.27 -10.16
C LEU A 809 -3.57 9.34 -8.74
N GLU A 810 -2.98 10.49 -8.35
CA GLU A 810 -2.49 10.53 -6.98
C GLU A 810 -3.62 10.76 -5.99
N GLN A 811 -4.67 11.48 -6.39
CA GLN A 811 -5.87 11.61 -5.56
C GLN A 811 -6.61 10.28 -5.39
N TYR A 812 -6.54 9.39 -6.38
CA TYR A 812 -7.14 8.06 -6.23
C TYR A 812 -6.63 7.36 -4.99
N GLU A 813 -5.29 7.36 -4.79
CA GLU A 813 -4.70 6.70 -3.62
C GLU A 813 -5.12 7.36 -2.30
N LEU A 814 -5.47 8.64 -2.33
CA LEU A 814 -5.71 9.38 -1.09
C LEU A 814 -7.18 9.50 -0.73
N SER A 815 -8.10 9.28 -1.66
CA SER A 815 -9.49 9.55 -1.39
C SER A 815 -10.06 8.62 -0.33
N MET A 816 -10.98 9.17 0.45
CA MET A 816 -11.71 8.41 1.45
C MET A 816 -13.16 8.14 1.03
N SER A 817 -13.52 8.36 -0.25
CA SER A 817 -14.84 8.00 -0.77
C SER A 817 -14.66 7.03 -1.92
N SER A 818 -15.11 5.78 -1.73
CA SER A 818 -14.99 4.80 -2.81
C SER A 818 -15.91 5.12 -4.00
N ALA A 819 -16.98 5.90 -3.79
CA ALA A 819 -17.69 6.46 -4.93
C ALA A 819 -16.82 7.46 -5.70
N GLU A 820 -16.11 8.36 -5.01
CA GLU A 820 -15.19 9.24 -5.72
C GLU A 820 -14.07 8.43 -6.41
N GLN A 821 -13.58 7.38 -5.75
CA GLN A 821 -12.51 6.60 -6.37
C GLN A 821 -13.01 5.97 -7.66
N ASN A 822 -14.23 5.44 -7.63
CA ASN A 822 -14.87 4.88 -8.83
C ASN A 822 -14.89 5.90 -9.96
N LYS A 823 -15.31 7.12 -9.63
CA LYS A 823 -15.38 8.17 -10.61
C LYS A 823 -14.00 8.51 -11.16
N ILE A 824 -13.00 8.54 -10.29
CA ILE A 824 -11.66 8.88 -10.75
C ILE A 824 -11.14 7.78 -11.66
N LEU A 825 -11.40 6.53 -11.29
CA LEU A 825 -10.90 5.42 -12.09
C LEU A 825 -11.54 5.43 -13.46
N TYR A 826 -12.84 5.73 -13.54
CA TYR A 826 -13.42 5.89 -14.87
C TYR A 826 -12.68 6.95 -15.66
N ALA A 827 -12.52 8.13 -15.05
CA ALA A 827 -11.90 9.26 -15.73
C ALA A 827 -10.49 8.92 -16.22
N LEU A 828 -9.67 8.31 -15.35
CA LEU A 828 -8.34 7.85 -15.78
C LEU A 828 -8.46 6.95 -16.99
N SER A 829 -9.46 6.07 -16.99
CA SER A 829 -9.65 5.16 -18.11
C SER A 829 -10.12 5.88 -19.38
N THR A 830 -10.50 7.15 -19.32
CA THR A 830 -10.83 7.82 -20.57
C THR A 830 -9.62 8.45 -21.21
N SER A 831 -8.41 8.11 -20.75
CA SER A 831 -7.24 8.70 -21.36
C SER A 831 -7.11 8.24 -22.80
N LYS A 832 -6.39 9.05 -23.60
CA LYS A 832 -6.17 8.77 -25.01
C LYS A 832 -4.80 8.18 -25.30
N HIS A 833 -3.88 8.20 -24.34
CA HIS A 833 -2.53 7.69 -24.55
C HIS A 833 -2.52 6.22 -24.15
N GLN A 834 -2.10 5.37 -25.09
CA GLN A 834 -2.07 3.95 -24.80
C GLN A 834 -1.14 3.62 -23.63
N GLU A 835 -0.11 4.44 -23.40
CA GLU A 835 0.76 4.21 -22.25
C GLU A 835 0.00 4.32 -20.93
N LYS A 836 -0.86 5.34 -20.78
CA LYS A 836 -1.58 5.53 -19.52
C LYS A 836 -2.54 4.37 -19.27
N LEU A 837 -3.32 4.00 -20.29
CA LEU A 837 -4.28 2.92 -20.16
C LEU A 837 -3.59 1.64 -19.70
N LEU A 838 -2.49 1.28 -20.37
CA LEU A 838 -1.76 0.07 -19.97
C LEU A 838 -1.29 0.15 -18.53
N LYS A 839 -0.84 1.34 -18.08
CA LYS A 839 -0.41 1.49 -16.70
C LYS A 839 -1.55 1.18 -15.73
N LEU A 840 -2.77 1.67 -16.02
CA LEU A 840 -3.90 1.34 -15.15
C LEU A 840 -4.10 -0.16 -15.07
N ILE A 841 -4.11 -0.83 -16.23
CA ILE A 841 -4.35 -2.27 -16.28
C ILE A 841 -3.32 -3.01 -15.45
N GLU A 842 -2.05 -2.70 -15.67
CA GLU A 842 -1.00 -3.37 -14.91
C GLU A 842 -1.05 -2.97 -13.45
N LEU A 843 -1.53 -1.76 -13.14
CA LEU A 843 -1.75 -1.42 -11.74
C LEU A 843 -2.76 -2.36 -11.10
N GLY A 844 -3.82 -2.72 -11.84
CA GLY A 844 -4.84 -3.61 -11.31
C GLY A 844 -4.37 -5.04 -11.24
N MET A 845 -3.53 -5.46 -12.18
CA MET A 845 -2.91 -6.77 -12.13
C MET A 845 -2.15 -6.98 -10.82
N GLU A 846 -1.33 -6.00 -10.44
CA GLU A 846 -0.56 -6.08 -9.19
C GLU A 846 -1.42 -5.84 -7.96
N GLY A 847 -2.51 -5.08 -8.09
CA GLY A 847 -3.50 -5.05 -7.05
C GLY A 847 -3.18 -4.20 -5.85
N LYS A 848 -2.20 -3.28 -5.96
CA LYS A 848 -1.79 -2.47 -4.82
C LYS A 848 -2.48 -1.12 -4.76
N VAL A 849 -2.29 -0.26 -5.77
CA VAL A 849 -3.04 1.00 -5.71
C VAL A 849 -4.45 0.81 -6.26
N ILE A 850 -4.60 0.00 -7.30
CA ILE A 850 -5.92 -0.38 -7.78
C ILE A 850 -6.19 -1.80 -7.30
N LYS A 851 -7.13 -1.94 -6.36
CA LYS A 851 -7.48 -3.25 -5.80
C LYS A 851 -8.01 -4.20 -6.87
N THR A 852 -7.73 -5.51 -6.73
CA THR A 852 -8.06 -6.41 -7.84
C THR A 852 -9.57 -6.56 -8.06
N GLN A 853 -10.36 -6.39 -7.00
CA GLN A 853 -11.82 -6.36 -7.12
C GLN A 853 -12.34 -5.41 -8.23
N ASN A 854 -11.56 -4.41 -8.65
CA ASN A 854 -11.99 -3.50 -9.70
C ASN A 854 -11.34 -3.76 -11.04
N LEU A 855 -10.48 -4.77 -11.12
CA LEU A 855 -9.70 -4.99 -12.34
C LEU A 855 -10.61 -5.28 -13.55
N ALA A 856 -11.64 -6.10 -13.36
CA ALA A 856 -12.48 -6.46 -14.50
C ALA A 856 -13.31 -5.27 -14.97
N ALA A 857 -13.85 -4.48 -14.04
CA ALA A 857 -14.52 -3.25 -14.49
C ALA A 857 -13.53 -2.28 -15.13
N LEU A 858 -12.29 -2.29 -14.67
CA LEU A 858 -11.30 -1.43 -15.30
C LEU A 858 -11.12 -1.82 -16.76
N LEU A 859 -10.75 -3.09 -17.01
CA LEU A 859 -10.61 -3.59 -18.39
C LEU A 859 -11.86 -3.29 -19.18
N HIS A 860 -13.04 -3.51 -18.58
CA HIS A 860 -14.28 -3.26 -19.30
C HIS A 860 -14.38 -1.81 -19.71
N ALA A 861 -14.04 -0.89 -18.80
CA ALA A 861 -14.06 0.53 -19.12
C ALA A 861 -13.14 0.84 -20.29
N ILE A 862 -11.90 0.35 -20.23
CA ILE A 862 -10.94 0.64 -21.29
C ILE A 862 -11.42 0.11 -22.62
N ALA A 863 -11.96 -1.12 -22.64
CA ALA A 863 -12.30 -1.76 -23.91
C ALA A 863 -13.38 -1.02 -24.68
N ARG A 864 -14.35 -0.41 -23.98
CA ARG A 864 -15.48 0.18 -24.70
C ARG A 864 -15.10 1.47 -25.41
N ARG A 865 -13.93 2.07 -25.08
CA ARG A 865 -13.59 3.30 -25.80
C ARG A 865 -12.58 3.04 -26.91
N PRO A 866 -12.69 3.72 -28.05
CA PRO A 866 -11.92 3.29 -29.24
C PRO A 866 -10.42 3.13 -29.06
N LYS A 867 -9.73 4.08 -28.42
CA LYS A 867 -8.28 4.04 -28.30
C LYS A 867 -7.77 2.96 -27.37
N GLY A 868 -8.66 2.24 -26.71
CA GLY A 868 -8.25 1.16 -25.85
C GLY A 868 -8.89 -0.16 -26.17
N GLN A 869 -9.82 -0.16 -27.14
CA GLN A 869 -10.48 -1.39 -27.58
C GLN A 869 -9.46 -2.49 -27.88
N GLN A 870 -8.50 -2.19 -28.76
CA GLN A 870 -7.53 -3.20 -29.17
C GLN A 870 -6.65 -3.65 -28.00
N LEU A 871 -6.11 -2.69 -27.24
CA LEU A 871 -5.21 -3.00 -26.14
C LEU A 871 -5.81 -4.02 -25.17
N ALA A 872 -7.09 -3.85 -24.81
CA ALA A 872 -7.70 -4.77 -23.85
C ALA A 872 -7.74 -6.18 -24.42
N TRP A 873 -8.09 -6.30 -25.69
CA TRP A 873 -8.13 -7.59 -26.36
C TRP A 873 -6.77 -8.29 -26.33
N ASP A 874 -5.69 -7.55 -26.63
CA ASP A 874 -4.36 -8.15 -26.62
C ASP A 874 -3.96 -8.52 -25.21
N PHE A 875 -4.35 -7.72 -24.21
CA PHE A 875 -3.95 -8.03 -22.85
C PHE A 875 -4.53 -9.35 -22.39
N VAL A 876 -5.81 -9.55 -22.67
CA VAL A 876 -6.51 -10.73 -22.18
C VAL A 876 -5.94 -11.97 -22.85
N ARG A 877 -5.75 -11.94 -24.15
CA ARG A 877 -5.22 -13.14 -24.81
C ARG A 877 -3.79 -13.44 -24.39
N GLU A 878 -2.99 -12.41 -24.18
CA GLU A 878 -1.60 -12.61 -23.79
C GLU A 878 -1.43 -12.83 -22.30
N ASN A 879 -2.53 -12.81 -21.53
CA ASN A 879 -2.42 -13.03 -20.08
C ASN A 879 -3.53 -13.91 -19.53
N TRP A 880 -4.13 -14.76 -20.38
CA TRP A 880 -5.23 -15.57 -19.94
C TRP A 880 -4.82 -16.46 -18.79
N THR A 881 -3.70 -17.19 -18.95
CA THR A 881 -3.19 -18.02 -17.87
C THR A 881 -2.96 -17.20 -16.61
N HIS A 882 -2.50 -15.96 -16.79
CA HIS A 882 -2.23 -15.10 -15.64
C HIS A 882 -3.53 -14.64 -14.97
N LEU A 883 -4.58 -14.36 -15.76
CA LEU A 883 -5.85 -13.96 -15.19
C LEU A 883 -6.53 -15.10 -14.47
N LEU A 884 -6.33 -16.34 -14.94
CA LEU A 884 -6.95 -17.50 -14.32
C LEU A 884 -6.40 -17.78 -12.92
N LYS A 885 -5.20 -17.33 -12.61
CA LYS A 885 -4.72 -17.61 -11.26
C LYS A 885 -5.46 -16.77 -10.23
N LYS A 886 -5.94 -15.58 -10.61
CA LYS A 886 -6.62 -14.71 -9.64
C LYS A 886 -8.11 -14.99 -9.52
N PHE A 887 -8.73 -15.46 -10.59
CA PHE A 887 -10.17 -15.57 -10.66
C PHE A 887 -10.53 -16.97 -11.12
N ASP A 888 -11.51 -17.60 -10.45
CA ASP A 888 -12.00 -18.88 -10.96
C ASP A 888 -12.67 -18.71 -12.34
N LEU A 889 -12.64 -19.81 -13.13
CA LEU A 889 -13.14 -19.76 -14.50
C LEU A 889 -14.61 -19.38 -14.58
N GLY A 890 -15.38 -19.63 -13.53
CA GLY A 890 -16.80 -19.36 -13.50
C GLY A 890 -17.13 -18.07 -12.78
N SER A 891 -16.12 -17.34 -12.35
CA SER A 891 -16.37 -16.11 -11.63
C SER A 891 -16.98 -15.08 -12.55
N TYR A 892 -17.78 -14.21 -11.94
CA TYR A 892 -18.28 -13.02 -12.61
C TYR A 892 -17.15 -12.17 -13.16
N ASP A 893 -16.05 -12.08 -12.41
CA ASP A 893 -14.89 -11.33 -12.91
C ASP A 893 -14.44 -11.85 -14.27
N ILE A 894 -14.33 -13.16 -14.42
CA ILE A 894 -13.90 -13.68 -15.71
C ILE A 894 -14.97 -13.44 -16.78
N ARG A 895 -16.25 -13.54 -16.40
CA ARG A 895 -17.34 -13.34 -17.35
C ARG A 895 -17.30 -11.93 -17.94
N MET A 896 -17.08 -10.91 -17.12
CA MET A 896 -17.14 -9.66 -17.81
C MET A 896 -15.82 -9.30 -18.41
N ILE A 897 -14.66 -9.81 -17.90
CA ILE A 897 -13.44 -9.58 -18.67
C ILE A 897 -13.61 -10.10 -20.10
N ILE A 898 -14.24 -11.26 -20.26
CA ILE A 898 -14.44 -11.83 -21.61
C ILE A 898 -15.46 -11.02 -22.40
N SER A 899 -16.67 -10.88 -21.87
CA SER A 899 -17.68 -10.17 -22.63
C SER A 899 -17.34 -8.69 -22.78
N GLY A 900 -16.63 -8.10 -21.82
CA GLY A 900 -16.35 -6.68 -21.86
C GLY A 900 -15.30 -6.29 -22.84
N THR A 901 -14.43 -7.22 -23.22
CA THR A 901 -13.45 -6.89 -24.23
C THR A 901 -13.85 -7.36 -25.62
N THR A 902 -14.87 -8.22 -25.75
CA THR A 902 -15.19 -8.79 -27.06
C THR A 902 -16.58 -8.48 -27.57
N ALA A 903 -17.57 -8.36 -26.69
CA ALA A 903 -18.96 -8.29 -27.14
C ALA A 903 -19.29 -7.01 -27.91
N HIS A 904 -18.38 -6.03 -27.95
CA HIS A 904 -18.63 -4.83 -28.73
C HIS A 904 -18.07 -4.92 -30.15
N PHE A 905 -17.41 -6.03 -30.48
CA PHE A 905 -16.86 -6.22 -31.82
C PHE A 905 -17.96 -6.36 -32.87
N SER A 906 -17.69 -5.86 -34.08
CA SER A 906 -18.75 -5.88 -35.09
C SER A 906 -18.23 -6.16 -36.49
N SER A 907 -17.06 -6.78 -36.62
CA SER A 907 -16.48 -7.06 -37.93
C SER A 907 -16.18 -8.53 -38.06
N LYS A 908 -16.20 -9.02 -39.29
CA LYS A 908 -15.96 -10.43 -39.52
C LYS A 908 -14.54 -10.82 -39.11
N ASP A 909 -13.58 -9.92 -39.30
CA ASP A 909 -12.20 -10.19 -38.88
C ASP A 909 -12.14 -10.45 -37.38
N LYS A 910 -12.83 -9.64 -36.57
CA LYS A 910 -12.74 -9.80 -35.13
C LYS A 910 -13.52 -11.02 -34.65
N LEU A 911 -14.59 -11.39 -35.35
CA LEU A 911 -15.28 -12.62 -34.98
C LEU A 911 -14.36 -13.81 -35.12
N GLN A 912 -13.54 -13.81 -36.18
CA GLN A 912 -12.57 -14.87 -36.44
CA GLN A 912 -12.62 -14.92 -36.41
C GLN A 912 -11.64 -15.08 -35.25
N GLU A 913 -10.96 -13.99 -34.82
CA GLU A 913 -10.05 -14.09 -33.70
C GLU A 913 -10.75 -14.58 -32.44
N VAL A 914 -11.99 -14.12 -32.20
CA VAL A 914 -12.68 -14.52 -30.99
C VAL A 914 -12.98 -16.02 -31.02
N LYS A 915 -13.51 -16.53 -32.15
CA LYS A 915 -13.72 -17.97 -32.21
C LYS A 915 -12.45 -18.70 -31.93
N LEU A 916 -11.35 -18.30 -32.63
CA LEU A 916 -10.13 -19.03 -32.42
C LEU A 916 -9.65 -18.93 -30.97
N PHE A 917 -9.81 -17.76 -30.30
CA PHE A 917 -9.37 -17.70 -28.92
C PHE A 917 -10.26 -18.57 -28.03
N PHE A 918 -11.58 -18.53 -28.24
CA PHE A 918 -12.46 -19.37 -27.45
C PHE A 918 -12.14 -20.84 -27.64
N GLU A 919 -11.87 -21.25 -28.88
CA GLU A 919 -11.48 -22.63 -29.15
C GLU A 919 -10.20 -22.99 -28.41
N SER A 920 -9.20 -22.10 -28.45
CA SER A 920 -7.97 -22.29 -27.70
C SER A 920 -8.31 -22.58 -26.25
N LEU A 921 -9.22 -21.80 -25.67
CA LEU A 921 -9.58 -21.94 -24.28
C LEU A 921 -10.26 -23.29 -24.03
N GLU A 922 -11.21 -23.67 -24.88
CA GLU A 922 -11.89 -24.91 -24.53
C GLU A 922 -11.03 -26.12 -24.82
N ALA A 923 -10.02 -25.96 -25.66
CA ALA A 923 -9.08 -27.05 -25.87
C ALA A 923 -8.33 -27.37 -24.59
N GLN A 924 -8.17 -26.41 -23.69
CA GLN A 924 -7.48 -26.62 -22.42
C GLN A 924 -8.44 -27.04 -21.31
N GLY A 925 -9.69 -27.37 -21.65
CA GLY A 925 -10.68 -27.74 -20.66
C GLY A 925 -11.50 -26.63 -20.03
N SER A 926 -11.57 -25.45 -20.63
CA SER A 926 -12.39 -24.37 -20.09
C SER A 926 -13.64 -24.20 -20.96
N HIS A 927 -14.80 -24.63 -20.46
CA HIS A 927 -16.06 -24.28 -21.13
C HIS A 927 -16.93 -23.31 -20.33
N LEU A 928 -17.48 -22.30 -21.03
CA LEU A 928 -18.46 -21.39 -20.44
C LEU A 928 -19.56 -21.09 -21.45
N ASP A 929 -20.78 -20.88 -20.95
CA ASP A 929 -21.87 -20.52 -21.83
C ASP A 929 -21.65 -19.16 -22.46
N ILE A 930 -20.95 -18.28 -21.75
CA ILE A 930 -20.59 -16.95 -22.25
C ILE A 930 -19.89 -16.99 -23.61
N PHE A 931 -19.16 -18.07 -23.92
CA PHE A 931 -18.50 -18.17 -25.23
C PHE A 931 -19.52 -18.10 -26.36
N GLN A 932 -20.55 -18.94 -26.30
CA GLN A 932 -21.60 -18.90 -27.33
C GLN A 932 -22.30 -17.54 -27.38
N THR A 933 -22.70 -17.03 -26.21
CA THR A 933 -23.40 -15.75 -26.12
C THR A 933 -22.61 -14.61 -26.76
N VAL A 934 -21.29 -14.60 -26.60
CA VAL A 934 -20.47 -13.56 -27.21
C VAL A 934 -20.47 -13.73 -28.73
N LEU A 935 -20.26 -14.97 -29.19
CA LEU A 935 -20.21 -15.22 -30.64
C LEU A 935 -21.52 -14.81 -31.30
N GLU A 936 -22.67 -15.19 -30.73
CA GLU A 936 -23.94 -14.80 -31.34
C GLU A 936 -24.10 -13.29 -31.33
N THR A 937 -23.76 -12.65 -30.20
CA THR A 937 -23.81 -11.18 -30.12
C THR A 937 -22.90 -10.52 -31.17
N ILE A 938 -21.66 -11.00 -31.33
CA ILE A 938 -20.81 -10.42 -32.37
C ILE A 938 -21.47 -10.56 -33.74
N THR A 939 -22.00 -11.75 -34.05
CA THR A 939 -22.48 -11.90 -35.42
C THR A 939 -23.72 -11.05 -35.65
N LYS A 940 -24.57 -10.92 -34.63
CA LYS A 940 -25.76 -10.11 -34.89
C LYS A 940 -25.40 -8.64 -35.00
N ASN A 941 -24.33 -8.19 -34.35
CA ASN A 941 -23.78 -6.87 -34.65
C ASN A 941 -23.35 -6.77 -36.11
N ILE A 942 -22.64 -7.80 -36.60
CA ILE A 942 -22.18 -7.77 -37.99
C ILE A 942 -23.36 -7.67 -38.93
N LYS A 943 -24.39 -8.51 -38.69
CA LYS A 943 -25.60 -8.46 -39.52
C LYS A 943 -26.27 -7.08 -39.48
N TRP A 944 -26.40 -6.49 -38.29
CA TRP A 944 -26.99 -5.16 -38.16
C TRP A 944 -26.27 -4.13 -39.00
N LEU A 945 -24.93 -4.08 -38.93
CA LEU A 945 -24.20 -3.22 -39.87
C LEU A 945 -24.56 -3.51 -41.33
N GLU A 946 -24.56 -4.78 -41.75
CA GLU A 946 -24.74 -5.07 -43.17
C GLU A 946 -26.14 -4.71 -43.65
N LYS A 947 -27.17 -4.93 -42.84
CA LYS A 947 -28.51 -4.59 -43.29
C LYS A 947 -28.86 -3.12 -43.11
N ASN A 948 -28.20 -2.40 -42.20
CA ASN A 948 -28.73 -1.11 -41.79
C ASN A 948 -27.74 0.05 -41.82
N LEU A 949 -26.43 -0.20 -41.92
CA LEU A 949 -25.50 0.93 -41.94
C LEU A 949 -25.70 1.85 -43.14
N PRO A 950 -25.97 1.37 -44.36
CA PRO A 950 -26.34 2.29 -45.45
C PRO A 950 -27.53 3.19 -45.12
N THR A 951 -28.61 2.62 -44.61
CA THR A 951 -29.79 3.40 -44.28
C THR A 951 -29.52 4.43 -43.18
N LEU A 952 -28.61 4.13 -42.27
CA LEU A 952 -28.32 5.11 -41.25
C LEU A 952 -27.58 6.31 -41.84
N ARG A 953 -26.61 6.08 -42.73
CA ARG A 953 -25.90 7.17 -43.39
C ARG A 953 -26.86 8.01 -44.21
N THR A 954 -27.71 7.32 -44.97
CA THR A 954 -28.67 7.97 -45.83
C THR A 954 -29.64 8.84 -45.03
N TRP A 955 -30.18 8.28 -43.96
CA TRP A 955 -31.12 9.00 -43.12
C TRP A 955 -30.51 10.29 -42.58
N LEU A 956 -29.30 10.22 -42.03
CA LEU A 956 -28.66 11.39 -41.45
C LEU A 956 -28.52 12.49 -42.50
N MET A 957 -28.01 12.14 -43.68
CA MET A 957 -27.82 13.13 -44.72
C MET A 957 -29.15 13.75 -45.14
N VAL A 958 -30.20 12.94 -45.18
CA VAL A 958 -31.51 13.48 -45.52
C VAL A 958 -31.94 14.49 -44.49
N ASN A 959 -31.65 14.21 -43.22
CA ASN A 959 -32.07 15.12 -42.17
C ASN A 959 -31.30 16.45 -42.22
N THR A 960 -30.03 16.43 -42.63
CA THR A 960 -29.30 17.70 -42.67
C THR A 960 -29.78 18.56 -43.84
N ARG A 961 -30.34 17.93 -44.87
CA ARG A 961 -30.91 18.70 -45.97
C ARG A 961 -32.23 19.35 -45.58
N HIS A 962 -32.98 18.75 -44.64
CA HIS A 962 -34.25 19.31 -44.19
C HIS A 962 -34.06 20.43 -43.17
N HIS A 963 -33.17 20.22 -42.20
CA HIS A 963 -32.93 21.21 -41.14
C HIS A 963 -31.49 21.73 -41.18
N PRO B 50 17.88 54.35 10.30
CA PRO B 50 16.74 53.55 10.76
C PRO B 50 16.45 52.33 9.90
N GLY B 51 15.86 52.54 8.72
CA GLY B 51 15.38 51.44 7.89
C GLY B 51 16.47 50.66 7.17
N ALA B 52 17.48 50.22 7.91
CA ALA B 52 18.56 49.39 7.40
C ALA B 52 18.35 47.89 7.69
N PHE B 53 17.13 47.49 8.01
CA PHE B 53 16.82 46.14 8.45
C PHE B 53 15.92 45.43 7.43
N PRO B 54 15.69 44.13 7.60
CA PRO B 54 14.87 43.38 6.64
C PRO B 54 13.36 43.55 6.82
N VAL B 55 12.64 43.31 5.70
CA VAL B 55 11.17 43.31 5.70
C VAL B 55 10.68 42.00 6.28
N ALA B 56 9.69 42.09 7.17
CA ALA B 56 9.00 40.91 7.67
C ALA B 56 8.00 40.40 6.64
N THR B 57 7.26 39.35 6.98
CA THR B 57 6.25 38.88 6.06
C THR B 57 5.00 39.77 6.06
N ASN B 58 4.80 40.59 7.08
CA ASN B 58 3.71 41.54 7.07
C ASN B 58 4.14 42.90 6.54
N GLY B 59 5.29 42.97 5.88
CA GLY B 59 5.76 44.21 5.33
C GLY B 59 6.36 45.18 6.33
N GLU B 60 6.35 44.86 7.62
CA GLU B 60 7.06 45.67 8.61
C GLU B 60 8.52 45.28 8.67
N ARG B 61 9.34 46.22 9.10
CA ARG B 61 10.75 45.91 9.21
C ARG B 61 11.02 45.16 10.51
N PHE B 62 11.77 44.08 10.38
CA PHE B 62 12.10 43.16 11.45
C PHE B 62 13.20 43.74 12.33
N PRO B 63 13.04 43.75 13.65
CA PRO B 63 13.95 44.48 14.55
C PRO B 63 15.30 43.82 14.80
N TRP B 64 15.68 42.75 14.11
CA TRP B 64 16.98 42.13 14.32
C TRP B 64 17.53 41.68 12.97
N GLN B 65 18.86 41.71 12.85
CA GLN B 65 19.49 41.61 11.54
C GLN B 65 20.57 40.55 11.41
N GLU B 66 20.85 39.75 12.44
CA GLU B 66 21.91 38.74 12.31
C GLU B 66 21.41 37.34 12.69
N LEU B 67 22.04 36.32 12.09
CA LEU B 67 21.53 34.96 12.27
C LEU B 67 21.72 34.45 13.67
N ARG B 68 22.76 34.91 14.39
CA ARG B 68 22.83 34.48 15.76
C ARG B 68 21.76 35.21 16.58
N LEU B 69 21.24 34.54 17.62
CA LEU B 69 20.18 35.20 18.37
C LEU B 69 20.79 36.23 19.32
N PRO B 70 20.03 37.25 19.70
CA PRO B 70 20.48 38.17 20.75
C PRO B 70 20.70 37.47 22.09
N SER B 71 21.61 38.03 22.88
CA SER B 71 21.99 37.49 24.18
C SER B 71 21.23 38.10 25.36
N VAL B 72 20.32 39.05 25.14
CA VAL B 72 19.72 39.77 26.27
C VAL B 72 18.67 38.90 26.98
N VAL B 73 17.75 38.29 26.23
CA VAL B 73 16.78 37.37 26.79
C VAL B 73 17.42 36.00 26.93
N ILE B 74 17.25 35.34 28.09
CA ILE B 74 17.82 34.03 28.34
C ILE B 74 16.78 33.08 28.91
N PRO B 75 16.50 31.95 28.26
CA PRO B 75 15.56 30.98 28.81
C PRO B 75 16.13 30.23 29.99
N LEU B 76 15.25 29.78 30.81
CA LEU B 76 15.57 28.96 31.95
C LEU B 76 14.71 27.71 31.99
N HIS B 77 13.45 27.83 31.59
CA HIS B 77 12.53 26.71 31.72
C HIS B 77 11.49 26.69 30.61
N TYR B 78 11.37 25.55 29.94
CA TYR B 78 10.32 25.33 28.95
C TYR B 78 9.29 24.38 29.55
N ASP B 79 8.04 24.84 29.68
CA ASP B 79 6.92 23.93 29.84
C ASP B 79 6.32 23.71 28.47
N LEU B 80 6.11 22.45 28.10
CA LEU B 80 5.82 22.09 26.72
C LEU B 80 4.72 21.06 26.66
N PHE B 81 3.61 21.39 25.97
CA PHE B 81 2.51 20.47 25.74
C PHE B 81 2.37 20.15 24.25
N VAL B 82 2.41 18.87 23.91
CA VAL B 82 2.14 18.41 22.56
C VAL B 82 0.89 17.57 22.60
N HIS B 83 0.08 17.68 21.55
CA HIS B 83 -1.14 16.87 21.34
C HIS B 83 -1.12 16.48 19.87
N PRO B 84 -0.30 15.51 19.52
CA PRO B 84 -0.28 15.01 18.13
C PRO B 84 -1.44 14.07 17.89
N ASN B 85 -1.89 14.04 16.64
CA ASN B 85 -2.96 13.13 16.22
C ASN B 85 -2.47 12.27 15.08
N LEU B 86 -2.43 10.95 15.31
CA LEU B 86 -1.76 10.11 14.33
C LEU B 86 -2.67 9.65 13.21
N THR B 87 -3.97 9.97 13.23
CA THR B 87 -4.75 9.79 12.00
C THR B 87 -4.84 11.07 11.20
N SER B 88 -4.96 12.20 11.88
CA SER B 88 -4.94 13.50 11.21
C SER B 88 -3.53 13.89 10.76
N LEU B 89 -2.47 13.27 11.31
CA LEU B 89 -1.10 13.54 10.88
C LEU B 89 -0.71 15.00 11.10
N ASP B 90 -1.22 15.59 12.17
CA ASP B 90 -0.97 16.99 12.49
C ASP B 90 -0.73 17.08 14.00
N PHE B 91 -0.40 18.28 14.49
CA PHE B 91 -0.35 18.39 15.94
C PHE B 91 -0.75 19.79 16.39
N VAL B 92 -1.23 19.86 17.62
CA VAL B 92 -1.50 21.11 18.33
C VAL B 92 -0.63 21.10 19.57
N ALA B 93 -0.12 22.28 19.94
CA ALA B 93 0.90 22.34 20.99
C ALA B 93 0.88 23.71 21.63
N SER B 94 1.21 23.73 22.93
CA SER B 94 1.32 24.97 23.68
C SER B 94 2.64 24.98 24.46
N GLU B 95 3.02 26.17 24.91
CA GLU B 95 4.37 26.35 25.39
C GLU B 95 4.44 27.60 26.27
N LYS B 96 5.18 27.48 27.38
CA LYS B 96 5.48 28.60 28.28
C LYS B 96 6.97 28.62 28.55
N ILE B 97 7.64 29.69 28.14
CA ILE B 97 9.08 29.85 28.35
C ILE B 97 9.31 30.87 29.45
N GLU B 98 9.97 30.44 30.53
CA GLU B 98 10.36 31.33 31.63
C GLU B 98 11.72 31.96 31.29
N VAL B 99 11.69 33.11 30.61
CA VAL B 99 12.90 33.75 30.11
C VAL B 99 13.25 34.92 31.01
N LEU B 100 14.47 34.89 31.54
CA LEU B 100 14.99 35.94 32.40
C LEU B 100 15.65 37.01 31.54
N VAL B 101 15.10 38.22 31.58
CA VAL B 101 15.72 39.36 30.93
C VAL B 101 16.95 39.79 31.71
N SER B 102 17.86 40.48 31.03
CA SER B 102 18.92 41.11 31.80
C SER B 102 19.27 42.51 31.33
N ASN B 103 18.89 42.89 30.13
CA ASN B 103 19.17 44.22 29.58
C ASN B 103 17.88 44.75 29.00
N ALA B 104 17.76 46.08 28.94
CA ALA B 104 16.53 46.67 28.42
C ALA B 104 16.31 46.23 26.98
N THR B 105 15.06 45.85 26.68
CA THR B 105 14.72 45.30 25.38
C THR B 105 13.24 45.54 25.13
N GLN B 106 12.90 45.92 23.89
CA GLN B 106 11.51 46.15 23.49
C GLN B 106 10.96 45.02 22.64
N PHE B 107 11.64 43.88 22.60
CA PHE B 107 11.35 42.79 21.66
C PHE B 107 12.15 41.54 22.02
N ILE B 108 11.48 40.39 22.11
CA ILE B 108 12.15 39.12 22.34
C ILE B 108 12.35 38.45 21.00
N ILE B 109 13.50 37.76 20.83
CA ILE B 109 13.82 37.10 19.57
C ILE B 109 14.14 35.64 19.84
N LEU B 110 13.58 34.77 19.01
CA LEU B 110 13.80 33.34 19.09
C LEU B 110 13.49 32.74 17.72
N HIS B 111 13.61 31.41 17.61
CA HIS B 111 13.53 30.72 16.32
C HIS B 111 12.17 30.05 16.18
N SER B 112 11.71 29.93 14.94
CA SER B 112 10.57 29.10 14.61
C SER B 112 10.57 28.87 13.11
N LYS B 113 10.13 27.68 12.68
CA LYS B 113 10.08 27.33 11.27
C LYS B 113 8.84 26.50 10.98
N ASP B 114 8.08 26.92 9.97
CA ASP B 114 6.91 26.17 9.48
C ASP B 114 5.87 25.97 10.57
N LEU B 115 5.84 26.81 11.59
CA LEU B 115 4.84 26.68 12.64
C LEU B 115 3.87 27.84 12.55
N GLU B 116 2.60 27.54 12.74
CA GLU B 116 1.55 28.57 12.75
C GLU B 116 1.33 28.97 14.19
N ILE B 117 1.75 30.18 14.56
CA ILE B 117 1.62 30.69 15.92
C ILE B 117 0.26 31.37 16.04
N THR B 118 -0.60 30.84 16.89
CA THR B 118 -1.94 31.39 17.02
C THR B 118 -2.09 32.37 18.18
N ASN B 119 -1.51 32.07 19.34
CA ASN B 119 -1.60 32.94 20.51
C ASN B 119 -0.21 33.13 21.13
N ALA B 120 0.04 34.34 21.67
CA ALA B 120 1.34 34.67 22.27
C ALA B 120 1.11 35.71 23.36
N THR B 121 1.32 35.32 24.63
CA THR B 121 1.12 36.19 25.79
C THR B 121 2.39 36.24 26.64
N LEU B 122 2.63 37.40 27.24
CA LEU B 122 3.82 37.63 28.04
C LEU B 122 3.34 38.03 29.43
N GLN B 123 3.39 37.09 30.35
CA GLN B 123 3.13 37.37 31.74
C GLN B 123 4.43 37.69 32.46
N SER B 124 4.30 38.04 33.74
CA SER B 124 5.44 38.17 34.63
C SER B 124 4.94 38.05 36.06
N GLU B 125 5.71 37.33 36.87
CA GLU B 125 5.43 37.34 38.30
C GLU B 125 6.06 38.56 38.96
N GLU B 126 7.25 38.98 38.52
CA GLU B 126 7.90 40.11 39.19
C GLU B 126 7.40 41.45 38.65
N ASP B 127 7.81 41.85 37.44
CA ASP B 127 7.47 43.18 36.93
C ASP B 127 6.00 43.18 36.48
N SER B 128 5.10 43.54 37.39
CA SER B 128 3.69 43.20 37.30
C SER B 128 2.86 44.16 36.43
N ARG B 129 3.50 44.99 35.62
CA ARG B 129 2.83 45.54 34.45
C ARG B 129 2.30 44.40 33.57
N TYR B 130 3.13 43.39 33.33
CA TYR B 130 2.70 42.12 32.73
C TYR B 130 2.37 41.12 33.84
N MET B 131 1.31 41.43 34.59
CA MET B 131 0.78 40.46 35.55
C MET B 131 -0.44 39.80 34.93
N LYS B 132 -0.81 38.63 35.49
CA LYS B 132 -1.93 37.80 35.04
C LYS B 132 -3.15 38.65 34.70
N PRO B 133 -3.79 38.46 33.54
CA PRO B 133 -3.58 37.51 32.44
C PRO B 133 -2.38 37.79 31.53
N GLY B 134 -1.65 38.86 31.81
CA GLY B 134 -0.60 39.31 30.94
C GLY B 134 -1.17 40.07 29.75
N LYS B 135 -0.27 40.48 28.86
CA LYS B 135 -0.61 41.23 27.65
C LYS B 135 -0.43 40.34 26.42
N GLU B 136 -1.05 40.76 25.32
CA GLU B 136 -1.00 40.06 24.04
C GLU B 136 0.04 40.70 23.14
N LEU B 137 0.89 39.87 22.52
CA LEU B 137 2.13 40.32 21.90
C LEU B 137 1.98 40.29 20.38
N LYS B 138 2.50 41.32 19.73
CA LYS B 138 2.62 41.34 18.28
C LYS B 138 3.75 40.40 17.85
N VAL B 139 3.48 39.58 16.84
CA VAL B 139 4.39 38.51 16.45
C VAL B 139 4.77 38.75 15.00
N LEU B 140 6.04 39.10 14.77
CA LEU B 140 6.58 39.25 13.42
C LEU B 140 7.38 38.02 13.05
N SER B 141 7.45 37.74 11.75
CA SER B 141 8.12 36.55 11.28
C SER B 141 9.05 36.92 10.13
N TYR B 142 10.25 36.38 10.18
CA TYR B 142 11.30 36.65 9.19
C TYR B 142 11.98 35.32 8.83
N PRO B 143 11.55 34.67 7.75
CA PRO B 143 11.96 33.27 7.55
C PRO B 143 13.43 33.08 7.13
N ALA B 144 14.05 34.04 6.43
CA ALA B 144 15.41 33.82 5.94
C ALA B 144 16.41 33.66 7.07
N HIS B 145 16.07 34.10 8.27
CA HIS B 145 16.85 33.77 9.44
C HIS B 145 16.08 32.80 10.35
N GLU B 146 14.98 32.23 9.85
CA GLU B 146 14.11 31.36 10.65
C GLU B 146 13.87 31.92 12.05
N GLN B 147 13.58 33.22 12.16
CA GLN B 147 13.38 33.89 13.43
C GLN B 147 12.00 34.55 13.48
N ILE B 148 11.52 34.75 14.71
CA ILE B 148 10.30 35.53 14.94
C ILE B 148 10.61 36.54 16.03
N ALA B 149 9.96 37.70 15.91
CA ALA B 149 10.10 38.79 16.86
C ALA B 149 8.81 38.95 17.65
N LEU B 150 8.93 38.90 18.98
CA LEU B 150 7.81 39.15 19.89
C LEU B 150 7.93 40.61 20.33
N LEU B 151 7.02 41.46 19.84
CA LEU B 151 7.09 42.90 20.09
C LEU B 151 6.33 43.21 21.37
N VAL B 152 7.04 43.45 22.46
CA VAL B 152 6.34 43.84 23.69
C VAL B 152 5.84 45.27 23.54
N PRO B 153 4.66 45.61 24.08
CA PRO B 153 4.17 47.01 23.92
C PRO B 153 4.92 48.01 24.79
N GLU B 154 5.31 47.58 26.00
CA GLU B 154 6.12 48.33 26.97
C GLU B 154 7.60 48.15 26.63
N LYS B 155 8.48 48.29 27.63
CA LYS B 155 9.83 47.74 27.52
C LYS B 155 10.15 46.86 28.71
N LEU B 156 10.72 45.68 28.45
CA LEU B 156 11.13 44.78 29.51
C LEU B 156 12.22 45.43 30.36
N THR B 157 12.22 45.12 31.65
CA THR B 157 13.23 45.73 32.49
C THR B 157 14.07 44.68 33.19
N PRO B 158 15.38 44.90 33.28
CA PRO B 158 16.33 43.81 33.59
C PRO B 158 16.12 43.11 34.93
N HIS B 159 16.76 41.95 35.04
CA HIS B 159 16.86 41.10 36.22
C HIS B 159 15.52 40.50 36.63
N LEU B 160 14.46 40.81 35.90
CA LEU B 160 13.14 40.28 36.17
C LEU B 160 12.92 39.01 35.33
N LYS B 161 11.97 38.20 35.76
CA LYS B 161 11.56 37.01 35.03
C LYS B 161 10.19 37.25 34.44
N TYR B 162 10.09 37.18 33.11
CA TYR B 162 8.80 37.16 32.42
C TYR B 162 8.57 35.79 31.80
N TYR B 163 7.30 35.50 31.50
CA TYR B 163 6.86 34.18 31.07
C TYR B 163 6.19 34.32 29.71
N VAL B 164 6.86 33.79 28.67
CA VAL B 164 6.37 33.78 27.30
C VAL B 164 5.56 32.52 27.07
N ALA B 165 4.29 32.68 26.74
CA ALA B 165 3.42 31.58 26.39
C ALA B 165 3.07 31.67 24.90
N MET B 166 2.98 30.51 24.25
CA MET B 166 2.57 30.48 22.84
C MET B 166 1.75 29.24 22.54
N ASP B 167 0.78 29.41 21.63
CA ASP B 167 0.02 28.32 21.03
C ASP B 167 0.44 28.20 19.55
N PHE B 168 0.68 26.98 19.10
CA PHE B 168 1.24 26.75 17.78
C PHE B 168 0.83 25.37 17.29
N GLN B 169 0.90 25.19 15.98
CA GLN B 169 0.32 24.00 15.37
C GLN B 169 0.93 23.82 14.01
N ALA B 170 0.93 22.57 13.54
CA ALA B 170 1.43 22.25 12.21
C ALA B 170 1.11 20.81 11.88
N LYS B 171 1.45 20.43 10.67
CA LYS B 171 1.29 19.06 10.23
C LYS B 171 2.55 18.33 10.62
N LEU B 172 2.41 17.02 10.88
CA LEU B 172 3.60 16.20 11.05
C LEU B 172 4.45 16.25 9.80
N GLY B 173 5.76 16.48 9.96
CA GLY B 173 6.65 16.51 8.80
C GLY B 173 6.59 15.23 7.99
N ASP B 174 6.88 15.37 6.68
CA ASP B 174 7.10 14.24 5.80
C ASP B 174 8.56 14.18 5.32
N GLY B 175 9.43 14.97 5.93
CA GLY B 175 10.81 15.07 5.52
C GLY B 175 11.74 14.38 6.50
N PHE B 176 11.20 13.62 7.45
CA PHE B 176 12.07 12.86 8.36
C PHE B 176 12.99 13.78 9.19
N GLU B 177 12.46 14.95 9.54
CA GLU B 177 13.10 15.93 10.42
C GLU B 177 12.04 16.70 11.20
N GLY B 178 12.42 17.22 12.37
CA GLY B 178 11.45 17.87 13.21
C GLY B 178 10.59 16.88 13.98
N PHE B 179 9.30 17.16 14.09
CA PHE B 179 8.32 16.23 14.63
C PHE B 179 7.59 15.63 13.43
N TYR B 180 7.95 14.39 13.07
CA TYR B 180 7.53 13.90 11.77
C TYR B 180 6.83 12.53 11.87
N LYS B 181 6.28 12.08 10.76
CA LYS B 181 5.56 10.80 10.71
C LYS B 181 6.43 9.73 10.04
N SER B 182 6.44 8.55 10.65
CA SER B 182 7.12 7.38 10.13
C SER B 182 6.14 6.22 10.11
N THR B 183 6.33 5.29 9.17
CA THR B 183 5.53 4.08 9.07
C THR B 183 6.43 2.87 9.23
N TYR B 184 5.81 1.73 9.53
CA TYR B 184 6.54 0.47 9.53
C TYR B 184 5.57 -0.64 9.20
N ARG B 185 6.12 -1.74 8.67
CA ARG B 185 5.35 -2.93 8.32
C ARG B 185 5.41 -3.94 9.45
N THR B 186 4.39 -4.78 9.55
CA THR B 186 4.34 -5.79 10.57
C THR B 186 4.41 -7.16 9.92
N LEU B 187 4.32 -8.20 10.76
CA LEU B 187 4.40 -9.57 10.24
C LEU B 187 3.24 -9.90 9.29
N GLY B 188 2.03 -9.49 9.64
CA GLY B 188 0.91 -9.70 8.77
C GLY B 188 0.75 -8.68 7.65
N GLY B 189 1.65 -7.72 7.56
CA GLY B 189 1.57 -6.74 6.49
C GLY B 189 0.66 -5.56 6.75
N GLU B 190 0.22 -5.38 8.01
CA GLU B 190 -0.33 -4.09 8.41
C GLU B 190 0.81 -3.06 8.47
N THR B 191 0.48 -1.81 8.13
CA THR B 191 1.43 -0.73 8.35
C THR B 191 0.89 0.21 9.42
N ARG B 192 1.74 0.52 10.41
CA ARG B 192 1.36 1.40 11.48
C ARG B 192 2.28 2.62 11.52
N ILE B 193 1.82 3.65 12.21
CA ILE B 193 2.33 4.99 12.08
C ILE B 193 2.90 5.41 13.41
N LEU B 194 4.00 6.16 13.38
CA LEU B 194 4.49 6.71 14.63
C LEU B 194 4.97 8.13 14.37
N ALA B 195 5.05 8.90 15.44
CA ALA B 195 5.46 10.29 15.34
C ALA B 195 6.72 10.46 16.20
N VAL B 196 7.83 10.78 15.55
CA VAL B 196 9.17 10.89 16.12
C VAL B 196 9.71 12.32 16.03
N THR B 197 10.69 12.62 16.87
CA THR B 197 11.48 13.85 16.74
C THR B 197 12.91 13.54 16.32
N ASP B 198 13.46 14.37 15.42
CA ASP B 198 14.90 14.47 15.18
C ASP B 198 15.26 15.94 15.05
N PHE B 199 16.13 16.45 15.93
CA PHE B 199 16.42 17.88 15.98
C PHE B 199 17.85 18.28 15.66
N GLU B 200 18.79 17.36 15.65
CA GLU B 200 20.11 17.90 15.48
C GLU B 200 20.34 18.24 14.01
N PRO B 201 20.89 19.42 13.72
CA PRO B 201 21.21 20.42 14.75
C PRO B 201 20.30 21.66 14.86
N THR B 202 19.56 22.00 13.82
CA THR B 202 18.79 23.24 13.81
C THR B 202 17.32 23.00 13.55
N GLN B 203 16.76 21.83 13.96
CA GLN B 203 15.40 21.45 13.58
C GLN B 203 14.41 21.47 14.74
N ALA B 204 14.87 21.55 15.99
CA ALA B 204 13.92 21.71 17.08
C ALA B 204 13.01 22.93 16.88
N ARG B 205 13.50 23.97 16.19
CA ARG B 205 12.69 25.14 15.90
C ARG B 205 11.54 24.86 14.93
N MET B 206 11.48 23.69 14.31
CA MET B 206 10.30 23.28 13.55
C MET B 206 9.27 22.54 14.38
N ALA B 207 9.52 22.28 15.67
CA ALA B 207 8.57 21.56 16.51
C ALA B 207 7.96 22.40 17.63
N PHE B 208 8.59 23.48 18.05
CA PHE B 208 8.09 24.42 19.04
C PHE B 208 9.02 25.63 18.95
N PRO B 209 8.50 26.85 19.07
CA PRO B 209 9.39 28.01 19.01
C PRO B 209 10.36 27.97 20.17
N CYS B 210 11.62 28.25 19.90
CA CYS B 210 12.57 28.17 20.99
C CYS B 210 13.81 28.96 20.63
N PHE B 211 14.61 29.24 21.65
CA PHE B 211 15.98 29.72 21.48
C PHE B 211 16.83 28.51 21.12
N ASP B 212 16.99 28.28 19.81
CA ASP B 212 17.56 27.04 19.28
C ASP B 212 19.06 27.12 19.02
N GLU B 213 19.82 27.49 20.04
CA GLU B 213 21.27 27.42 19.98
C GLU B 213 21.75 26.68 21.22
N PRO B 214 22.81 25.89 21.07
CA PRO B 214 23.16 24.90 22.12
C PRO B 214 23.55 25.54 23.44
N LEU B 215 23.96 26.82 23.40
CA LEU B 215 24.31 27.57 24.59
C LEU B 215 23.10 27.94 25.45
N PHE B 216 21.88 27.80 24.92
CA PHE B 216 20.67 28.24 25.64
C PHE B 216 20.06 27.06 26.38
N LYS B 217 20.78 26.56 27.38
CA LYS B 217 20.31 25.38 28.08
C LYS B 217 19.16 25.74 29.03
N ALA B 218 18.24 24.79 29.19
CA ALA B 218 17.03 25.02 29.97
C ALA B 218 16.53 23.67 30.48
N ASN B 219 15.36 23.65 31.15
CA ASN B 219 14.97 22.47 31.93
C ASN B 219 13.94 21.56 31.25
N PHE B 220 12.92 22.09 30.58
CA PHE B 220 11.99 21.22 29.81
C PHE B 220 11.10 20.22 30.57
N SER B 221 9.98 20.66 31.13
CA SER B 221 8.89 19.76 31.47
C SER B 221 7.96 19.51 30.26
N ILE B 222 7.63 18.24 30.01
CA ILE B 222 6.93 17.82 28.80
C ILE B 222 5.69 16.99 29.15
N LYS B 223 4.52 17.40 28.61
CA LYS B 223 3.29 16.62 28.68
C LYS B 223 2.77 16.30 27.26
N ILE B 224 2.23 15.09 27.08
CA ILE B 224 1.82 14.59 25.77
C ILE B 224 0.47 13.90 25.90
N ARG B 225 -0.48 14.28 25.05
CA ARG B 225 -1.81 13.70 25.02
C ARG B 225 -1.83 12.63 23.94
N ARG B 226 -2.48 11.51 24.20
CA ARG B 226 -2.41 10.39 23.25
C ARG B 226 -3.62 9.49 23.38
N GLU B 227 -3.83 8.67 22.34
CA GLU B 227 -4.85 7.62 22.36
C GLU B 227 -4.39 6.42 23.17
N SER B 228 -5.36 5.60 23.57
CA SER B 228 -5.10 4.47 24.44
C SER B 228 -4.24 3.40 23.78
N ARG B 229 -4.23 3.34 22.45
CA ARG B 229 -3.48 2.32 21.75
C ARG B 229 -2.01 2.69 21.52
N HIS B 230 -1.57 3.83 22.02
CA HIS B 230 -0.22 4.30 21.80
C HIS B 230 0.47 4.50 23.14
N ILE B 231 1.79 4.43 23.12
CA ILE B 231 2.60 4.87 24.27
C ILE B 231 3.33 6.15 23.88
N ALA B 232 3.64 6.95 24.88
CA ALA B 232 4.43 8.16 24.69
C ALA B 232 5.72 8.05 25.49
N LEU B 233 6.85 8.28 24.83
CA LEU B 233 8.17 8.30 25.45
C LEU B 233 8.82 9.68 25.26
N SER B 234 9.72 10.03 26.16
CA SER B 234 10.45 11.30 26.04
C SER B 234 11.78 11.15 26.79
N ASN B 235 12.49 12.27 27.00
CA ASN B 235 13.85 12.21 27.57
C ASN B 235 13.83 11.57 28.96
N MET B 236 12.91 12.02 29.80
CA MET B 236 12.78 11.61 31.18
C MET B 236 11.77 10.49 31.30
N PRO B 237 11.67 9.89 32.48
CA PRO B 237 10.63 8.87 32.70
C PRO B 237 9.27 9.51 32.91
N LYS B 238 8.22 8.70 32.68
CA LYS B 238 6.89 9.28 32.81
C LYS B 238 6.48 9.23 34.27
N VAL B 239 6.11 10.39 34.81
CA VAL B 239 5.64 10.50 36.19
C VAL B 239 4.26 9.87 36.35
N LYS B 240 3.25 10.41 35.66
CA LYS B 240 1.89 9.91 35.84
C LYS B 240 1.11 9.96 34.54
N THR B 241 -0.01 9.25 34.53
CA THR B 241 -0.94 9.23 33.39
C THR B 241 -2.33 9.57 33.87
N ILE B 242 -2.95 10.59 33.29
CA ILE B 242 -4.28 11.05 33.70
C ILE B 242 -5.27 10.81 32.56
N GLU B 243 -6.32 10.02 32.83
CA GLU B 243 -7.35 9.77 31.83
C GLU B 243 -8.29 10.97 31.76
N LEU B 244 -8.81 11.24 30.56
CA LEU B 244 -9.54 12.47 30.30
C LEU B 244 -10.95 12.18 29.79
N GLU B 245 -11.67 13.27 29.49
CA GLU B 245 -13.08 13.20 29.11
C GLU B 245 -13.30 12.27 27.92
N GLY B 246 -12.55 12.49 26.86
CA GLY B 246 -12.86 11.81 25.60
C GLY B 246 -12.44 10.38 25.47
N GLY B 247 -11.79 9.82 26.49
CA GLY B 247 -11.08 8.56 26.35
C GLY B 247 -9.63 8.71 25.94
N LEU B 248 -9.07 9.91 26.03
CA LEU B 248 -7.67 10.15 25.74
C LEU B 248 -6.88 10.18 27.04
N LEU B 249 -5.58 9.94 26.91
CA LEU B 249 -4.71 9.99 28.07
C LEU B 249 -3.70 11.11 27.88
N GLU B 250 -3.22 11.64 29.00
CA GLU B 250 -2.18 12.65 29.01
C GLU B 250 -1.07 12.19 29.93
N ASP B 251 0.16 12.18 29.44
CA ASP B 251 1.32 11.66 30.17
C ASP B 251 2.22 12.82 30.57
N HIS B 252 2.51 12.93 31.85
CA HIS B 252 3.41 13.96 32.34
C HIS B 252 4.77 13.33 32.55
N PHE B 253 5.82 14.11 32.32
CA PHE B 253 7.18 13.62 32.39
C PHE B 253 7.96 14.50 33.35
N GLU B 254 8.93 13.89 34.02
CA GLU B 254 9.75 14.61 34.97
C GLU B 254 10.58 15.66 34.23
N THR B 255 10.75 16.82 34.86
CA THR B 255 11.59 17.85 34.28
C THR B 255 13.01 17.34 34.08
N THR B 256 13.69 17.84 33.05
CA THR B 256 15.04 17.43 32.72
C THR B 256 16.04 18.29 33.48
N VAL B 257 17.30 17.88 33.40
CA VAL B 257 18.46 18.71 33.73
C VAL B 257 18.63 19.80 32.67
N LYS B 258 19.52 20.76 32.90
CA LYS B 258 19.79 21.73 31.86
C LYS B 258 20.38 21.04 30.64
N MET B 259 19.84 21.38 29.46
CA MET B 259 20.30 20.76 28.22
C MET B 259 20.00 21.69 27.06
N SER B 260 20.59 21.36 25.92
CA SER B 260 20.33 22.11 24.70
C SER B 260 18.99 21.68 24.07
N THR B 261 18.41 22.56 23.27
CA THR B 261 17.15 22.23 22.62
C THR B 261 17.27 20.99 21.74
N TYR B 262 18.43 20.80 21.09
CA TYR B 262 18.50 19.78 20.06
C TYR B 262 18.46 18.36 20.61
N LEU B 263 18.48 18.19 21.95
CA LEU B 263 18.35 16.89 22.59
C LEU B 263 16.93 16.56 23.03
N VAL B 264 15.99 17.52 22.92
CA VAL B 264 14.63 17.23 23.36
C VAL B 264 14.03 16.17 22.44
N ALA B 265 13.30 15.24 23.02
CA ALA B 265 12.73 14.20 22.20
C ALA B 265 11.35 13.84 22.70
N TYR B 266 10.50 13.43 21.76
CA TYR B 266 9.28 12.75 22.19
C TYR B 266 8.82 11.87 21.06
N ILE B 267 8.27 10.72 21.41
CA ILE B 267 7.77 9.79 20.42
C ILE B 267 6.36 9.38 20.83
N VAL B 268 5.51 9.13 19.84
CA VAL B 268 4.25 8.41 20.06
C VAL B 268 4.24 7.18 19.15
N CYS B 269 4.04 6.00 19.74
CA CYS B 269 4.12 4.78 18.93
C CYS B 269 3.42 3.60 19.64
N ASP B 270 3.61 2.38 19.11
CA ASP B 270 2.91 1.17 19.50
C ASP B 270 3.89 0.04 19.79
N PHE B 271 4.99 0.32 20.50
CA PHE B 271 6.11 -0.59 20.62
C PHE B 271 6.14 -1.35 21.95
N HIS B 272 6.75 -2.54 21.94
CA HIS B 272 7.09 -3.29 23.15
C HIS B 272 8.57 -3.13 23.45
N SER B 273 9.00 -3.60 24.62
CA SER B 273 10.38 -3.39 25.04
C SER B 273 10.90 -4.58 25.85
N LEU B 274 12.23 -4.64 25.98
CA LEU B 274 12.94 -5.55 26.87
C LEU B 274 13.80 -4.73 27.81
N SER B 275 13.75 -5.05 29.08
CA SER B 275 14.28 -4.17 30.09
C SER B 275 15.30 -4.90 30.94
N GLY B 276 16.25 -4.13 31.49
CA GLY B 276 17.29 -4.60 32.39
C GLY B 276 17.78 -3.42 33.21
N PHE B 277 18.52 -3.71 34.27
CA PHE B 277 18.99 -2.67 35.19
C PHE B 277 20.52 -2.64 35.22
N THR B 278 21.09 -1.44 35.13
CA THR B 278 22.54 -1.29 35.25
C THR B 278 22.92 -1.27 36.73
N SER B 279 24.16 -1.69 37.01
CA SER B 279 24.76 -1.65 38.34
C SER B 279 24.47 -0.34 39.08
N SER B 280 24.61 0.78 38.36
CA SER B 280 24.45 2.12 38.90
C SER B 280 23.10 2.40 39.57
N GLY B 281 22.02 1.86 39.01
CA GLY B 281 20.71 2.46 39.27
C GLY B 281 19.99 3.07 38.07
N VAL B 282 20.10 2.47 36.87
CA VAL B 282 19.43 2.96 35.67
C VAL B 282 18.69 1.81 34.98
N LYS B 283 17.47 2.08 34.53
CA LYS B 283 16.68 1.10 33.78
C LYS B 283 16.88 1.34 32.29
N VAL B 284 17.34 0.29 31.60
CA VAL B 284 17.65 0.34 30.17
C VAL B 284 16.61 -0.46 29.43
N SER B 285 15.88 0.18 28.51
CA SER B 285 14.85 -0.49 27.76
C SER B 285 15.16 -0.35 26.28
N ILE B 286 15.07 -1.46 25.55
CA ILE B 286 15.27 -1.47 24.10
C ILE B 286 13.91 -1.65 23.45
N TYR B 287 13.37 -0.57 22.89
CA TYR B 287 12.06 -0.60 22.28
C TYR B 287 12.16 -0.92 20.80
N ALA B 288 11.15 -1.58 20.27
CA ALA B 288 11.12 -1.81 18.83
C ALA B 288 9.71 -2.24 18.44
N SER B 289 9.52 -2.44 17.13
CA SER B 289 8.22 -2.90 16.68
C SER B 289 7.94 -4.27 17.31
N PRO B 290 6.67 -4.54 17.66
CA PRO B 290 6.33 -5.81 18.35
C PRO B 290 6.85 -7.06 17.67
N ASP B 291 6.64 -7.20 16.36
CA ASP B 291 7.13 -8.44 15.76
C ASP B 291 8.65 -8.51 15.67
N LYS B 292 9.40 -7.53 16.20
CA LYS B 292 10.86 -7.63 16.24
C LYS B 292 11.46 -7.62 17.64
N ARG B 293 10.68 -7.85 18.70
CA ARG B 293 11.27 -7.85 20.04
C ARG B 293 12.30 -8.94 20.21
N ASN B 294 12.21 -10.04 19.43
CA ASN B 294 13.24 -11.07 19.45
C ASN B 294 14.63 -10.51 19.14
N GLN B 295 14.71 -9.51 18.25
CA GLN B 295 15.97 -8.98 17.73
C GLN B 295 16.65 -7.99 18.66
N THR B 296 16.08 -7.72 19.83
CA THR B 296 16.62 -6.71 20.74
C THR B 296 17.59 -7.28 21.78
N HIS B 297 18.00 -8.53 21.65
CA HIS B 297 18.68 -9.16 22.77
C HIS B 297 20.11 -8.66 22.93
N TYR B 298 20.87 -8.62 21.82
CA TYR B 298 22.27 -8.24 21.92
C TYR B 298 22.40 -6.78 22.40
N ALA B 299 21.46 -5.93 21.97
CA ALA B 299 21.51 -4.51 22.31
C ALA B 299 21.35 -4.27 23.81
N LEU B 300 20.45 -4.99 24.47
CA LEU B 300 20.32 -4.83 25.92
C LEU B 300 21.53 -5.35 26.66
N GLN B 301 22.04 -6.51 26.24
CA GLN B 301 23.31 -7.01 26.76
C GLN B 301 24.41 -5.96 26.56
N ALA B 302 24.64 -5.58 25.31
CA ALA B 302 25.73 -4.66 24.98
C ALA B 302 25.52 -3.30 25.64
N SER B 303 24.28 -2.81 25.68
CA SER B 303 24.07 -1.51 26.33
C SER B 303 24.40 -1.57 27.82
N LEU B 304 24.01 -2.65 28.50
CA LEU B 304 24.31 -2.79 29.94
C LEU B 304 25.81 -2.70 30.22
N LYS B 305 26.61 -3.49 29.52
CA LYS B 305 28.05 -3.43 29.71
C LYS B 305 28.59 -2.03 29.45
N LEU B 306 28.19 -1.43 28.33
CA LEU B 306 28.87 -0.21 27.93
C LEU B 306 28.53 0.93 28.88
N LEU B 307 27.30 0.99 29.33
CA LEU B 307 26.96 2.04 30.28
C LEU B 307 27.61 1.79 31.64
N ASP B 308 27.70 0.52 32.05
CA ASP B 308 28.51 0.15 33.21
C ASP B 308 29.94 0.68 33.05
N PHE B 309 30.55 0.41 31.89
CA PHE B 309 31.92 0.86 31.59
C PHE B 309 32.04 2.38 31.74
N TYR B 310 31.25 3.13 30.97
CA TYR B 310 31.34 4.58 30.94
C TYR B 310 31.19 5.20 32.34
N GLU B 311 30.30 4.65 33.17
CA GLU B 311 30.07 5.24 34.49
C GLU B 311 31.31 5.12 35.37
N LYS B 312 31.94 3.95 35.37
CA LYS B 312 33.18 3.81 36.11
C LYS B 312 34.33 4.55 35.42
N TYR B 313 34.42 4.47 34.09
CA TYR B 313 35.54 5.07 33.37
C TYR B 313 35.53 6.60 33.47
N PHE B 314 34.36 7.21 33.30
CA PHE B 314 34.29 8.66 33.49
C PHE B 314 34.22 9.03 34.97
N ASP B 315 33.82 8.08 35.83
CA ASP B 315 33.59 8.34 37.25
C ASP B 315 32.47 9.37 37.44
N ILE B 316 31.45 9.26 36.61
CA ILE B 316 30.22 10.06 36.73
C ILE B 316 29.03 9.18 36.40
N TYR B 317 28.08 9.11 37.31
CA TYR B 317 26.91 8.29 37.08
C TYR B 317 26.06 8.90 35.97
N TYR B 318 25.46 8.04 35.16
CA TYR B 318 24.46 8.50 34.22
C TYR B 318 23.31 9.06 35.06
N PRO B 319 23.00 10.37 34.97
CA PRO B 319 22.13 11.01 35.97
C PRO B 319 20.64 10.82 35.76
N LEU B 320 20.18 9.92 34.90
CA LEU B 320 18.75 9.71 34.72
C LEU B 320 18.37 8.33 35.26
N SER B 321 17.09 8.19 35.60
CA SER B 321 16.62 6.92 36.14
C SER B 321 16.52 5.85 35.05
N LYS B 322 16.23 6.26 33.82
CA LYS B 322 16.06 5.34 32.72
C LYS B 322 16.85 5.83 31.53
N LEU B 323 17.21 4.87 30.69
CA LEU B 323 17.84 5.13 29.40
C LEU B 323 17.13 4.18 28.45
N ASP B 324 16.57 4.72 27.39
CA ASP B 324 15.80 3.89 26.46
C ASP B 324 16.39 4.04 25.07
N LEU B 325 16.44 2.91 24.36
CA LEU B 325 16.98 2.78 23.02
C LEU B 325 15.86 2.23 22.13
N ILE B 326 15.49 2.95 21.07
CA ILE B 326 14.34 2.60 20.27
C ILE B 326 14.73 2.59 18.81
N ALA B 327 14.22 1.59 18.06
CA ALA B 327 14.59 1.32 16.67
C ALA B 327 13.53 1.90 15.73
N ILE B 328 13.73 3.15 15.33
CA ILE B 328 12.83 3.90 14.46
C ILE B 328 13.00 3.36 13.05
N PRO B 329 11.91 2.90 12.42
CA PRO B 329 12.03 2.19 11.13
C PRO B 329 12.39 3.06 9.93
N ASP B 330 11.86 4.26 9.80
CA ASP B 330 12.36 5.16 8.78
C ASP B 330 13.07 6.29 9.51
N PHE B 331 14.38 6.23 9.46
CA PHE B 331 15.23 7.09 10.26
C PHE B 331 16.40 7.47 9.37
N ALA B 332 16.62 8.77 9.28
CA ALA B 332 17.61 9.39 8.40
C ALA B 332 19.02 9.31 8.98
N PRO B 333 19.22 9.64 10.26
CA PRO B 333 20.59 9.48 10.82
C PRO B 333 20.89 8.01 10.99
N GLY B 334 22.12 7.69 11.39
CA GLY B 334 22.37 6.35 11.91
C GLY B 334 21.68 6.15 13.24
N ALA B 335 21.71 7.18 14.07
CA ALA B 335 21.15 7.17 15.41
C ALA B 335 21.30 8.58 15.96
N MET B 336 20.76 8.82 17.15
CA MET B 336 20.72 10.18 17.66
C MET B 336 20.66 10.15 19.18
N GLU B 337 21.62 10.85 19.80
CA GLU B 337 21.95 10.83 21.21
C GLU B 337 21.00 11.67 22.05
N ASN B 338 19.68 11.55 21.85
CA ASN B 338 18.76 12.28 22.70
C ASN B 338 18.90 11.78 24.13
N TRP B 339 18.96 12.72 25.07
CA TRP B 339 19.20 12.35 26.47
C TRP B 339 18.10 11.41 26.98
N GLY B 340 18.46 10.16 27.29
CA GLY B 340 17.52 9.19 27.82
C GLY B 340 16.67 8.46 26.78
N LEU B 341 16.56 9.01 25.54
CA LEU B 341 15.74 8.43 24.48
C LEU B 341 16.52 8.41 23.17
N ILE B 342 17.35 7.39 23.00
CA ILE B 342 18.28 7.29 21.88
C ILE B 342 17.60 6.58 20.72
N THR B 343 17.49 7.27 19.57
CA THR B 343 16.87 6.72 18.37
C THR B 343 17.90 6.09 17.46
N TYR B 344 17.64 4.85 17.02
CA TYR B 344 18.49 4.11 16.12
C TYR B 344 17.73 3.69 14.86
N ARG B 345 18.39 3.87 13.72
CA ARG B 345 18.11 3.02 12.59
C ARG B 345 18.04 1.55 13.03
N GLU B 346 17.07 0.79 12.51
CA GLU B 346 17.02 -0.61 12.90
C GLU B 346 18.31 -1.34 12.55
N THR B 347 18.90 -1.08 11.39
CA THR B 347 20.15 -1.78 11.12
C THR B 347 21.28 -1.40 12.10
N SER B 348 21.09 -0.35 12.91
CA SER B 348 22.08 0.10 13.87
C SER B 348 21.84 -0.45 15.26
N LEU B 349 20.72 -1.13 15.51
CA LEU B 349 20.44 -1.54 16.87
C LEU B 349 20.06 -3.01 17.02
N LEU B 350 19.30 -3.58 16.09
CA LEU B 350 18.69 -4.88 16.29
C LEU B 350 19.46 -5.99 15.58
N PHE B 351 19.59 -7.13 16.26
CA PHE B 351 20.51 -8.18 15.85
C PHE B 351 19.80 -9.53 15.83
N ASP B 352 19.68 -10.13 14.64
CA ASP B 352 19.06 -11.43 14.45
C ASP B 352 20.13 -12.43 14.03
N PRO B 353 20.39 -13.46 14.83
CA PRO B 353 21.57 -14.30 14.55
C PRO B 353 21.42 -15.21 13.35
N LYS B 354 20.22 -15.34 12.77
CA LYS B 354 20.06 -16.06 11.51
C LYS B 354 20.38 -15.19 10.32
N THR B 355 20.58 -13.88 10.53
CA THR B 355 20.55 -12.94 9.43
C THR B 355 21.67 -11.91 9.43
N SER B 356 22.56 -11.94 10.42
CA SER B 356 23.43 -10.80 10.69
C SER B 356 24.90 -11.22 10.79
N SER B 357 25.75 -10.53 10.02
CA SER B 357 27.20 -10.77 9.98
C SER B 357 27.82 -10.67 11.37
N ALA B 358 29.07 -11.15 11.47
CA ALA B 358 29.89 -10.68 12.58
C ALA B 358 30.19 -9.20 12.40
N SER B 359 30.38 -8.77 11.14
CA SER B 359 30.56 -7.36 10.83
C SER B 359 29.34 -6.54 11.24
N ASP B 360 28.15 -7.10 11.06
CA ASP B 360 26.95 -6.39 11.51
C ASP B 360 26.86 -6.37 13.04
N LYS B 361 27.32 -7.42 13.72
CA LYS B 361 27.37 -7.37 15.19
C LYS B 361 28.35 -6.30 15.64
N LEU B 362 29.47 -6.21 14.92
CA LEU B 362 30.48 -5.17 15.17
C LEU B 362 29.92 -3.76 14.93
N TRP B 363 29.10 -3.60 13.88
CA TRP B 363 28.51 -2.27 13.63
C TRP B 363 27.52 -1.88 14.71
N VAL B 364 26.67 -2.83 15.13
CA VAL B 364 25.70 -2.52 16.17
C VAL B 364 26.41 -2.12 17.45
N THR B 365 27.49 -2.82 17.80
CA THR B 365 28.09 -2.52 19.09
C THR B 365 28.85 -1.20 19.05
N ARG B 366 29.45 -0.82 17.90
CA ARG B 366 30.09 0.50 17.80
C ARG B 366 29.09 1.64 17.98
N VAL B 367 27.94 1.58 17.28
CA VAL B 367 26.96 2.66 17.38
C VAL B 367 26.38 2.70 18.78
N ILE B 368 26.09 1.54 19.37
CA ILE B 368 25.83 1.52 20.81
C ILE B 368 27.16 1.47 21.52
N ALA B 369 28.01 2.47 21.32
CA ALA B 369 29.06 2.88 22.24
C ALA B 369 29.17 4.37 22.01
N HIS B 370 29.11 4.69 20.72
CA HIS B 370 29.10 6.07 20.25
C HIS B 370 27.96 6.85 20.91
N GLU B 371 26.75 6.29 20.89
CA GLU B 371 25.61 7.06 21.37
C GLU B 371 25.52 7.09 22.88
N LEU B 372 26.03 6.07 23.56
CA LEU B 372 26.12 6.18 25.01
C LEU B 372 27.18 7.19 25.41
N ALA B 373 28.31 7.20 24.68
CA ALA B 373 29.36 8.18 24.98
C ALA B 373 28.82 9.59 24.90
N HIS B 374 27.92 9.84 23.94
CA HIS B 374 27.35 11.17 23.77
C HIS B 374 26.64 11.66 25.02
N GLN B 375 26.13 10.73 25.82
CA GLN B 375 25.44 11.10 27.06
C GLN B 375 26.34 11.94 27.97
N TRP B 376 27.67 11.79 27.85
CA TRP B 376 28.64 12.65 28.50
C TRP B 376 29.22 13.71 27.57
N PHE B 377 29.73 13.29 26.41
CA PHE B 377 30.23 14.23 25.39
C PHE B 377 29.06 14.65 24.50
N GLY B 378 28.43 15.74 24.90
CA GLY B 378 27.36 16.37 24.16
C GLY B 378 26.14 16.67 25.01
N ASN B 379 25.73 15.72 25.84
CA ASN B 379 24.56 15.98 26.67
C ASN B 379 24.97 16.58 28.01
N LEU B 380 25.86 15.90 28.74
CA LEU B 380 26.48 16.50 29.92
C LEU B 380 27.30 17.74 29.56
N VAL B 381 28.31 17.59 28.70
CA VAL B 381 29.09 18.71 28.20
C VAL B 381 28.85 18.84 26.71
N THR B 382 28.51 20.04 26.25
CA THR B 382 28.31 20.29 24.83
C THR B 382 29.01 21.59 24.42
N MET B 383 29.44 21.61 23.16
CA MET B 383 30.14 22.77 22.60
C MET B 383 29.27 23.99 22.75
N GLU B 384 29.91 25.14 23.03
CA GLU B 384 29.12 26.35 23.08
C GLU B 384 28.50 26.66 21.73
N TRP B 385 29.18 26.30 20.62
CA TRP B 385 28.60 26.59 19.33
C TRP B 385 29.17 25.63 18.31
N TRP B 386 28.48 25.48 17.16
CA TRP B 386 28.74 24.38 16.24
C TRP B 386 30.16 24.39 15.65
N ASN B 387 30.92 25.46 15.86
CA ASN B 387 32.28 25.44 15.35
C ASN B 387 33.11 24.38 16.06
N ASP B 388 32.96 24.26 17.37
CA ASP B 388 33.63 23.17 18.07
C ASP B 388 32.70 21.97 18.22
N ILE B 389 32.05 21.63 17.10
CA ILE B 389 31.21 20.43 17.06
C ILE B 389 32.01 19.17 17.30
N TRP B 390 33.31 19.18 16.99
CA TRP B 390 34.12 17.98 17.16
C TRP B 390 34.26 17.60 18.63
N LEU B 391 34.00 18.53 19.56
CA LEU B 391 34.05 18.20 20.98
C LEU B 391 33.11 17.06 21.31
N ASN B 392 31.91 17.07 20.72
CA ASN B 392 31.00 15.93 20.84
C ASN B 392 31.41 14.77 19.94
N GLU B 393 31.72 15.06 18.67
CA GLU B 393 31.76 13.93 17.78
C GLU B 393 33.14 13.30 17.75
N GLY B 394 34.17 14.14 17.70
CA GLY B 394 35.52 13.62 17.88
C GLY B 394 35.65 12.73 19.10
N PHE B 395 35.16 13.20 20.25
CA PHE B 395 35.27 12.41 21.47
C PHE B 395 34.36 11.18 21.42
N ALA B 396 33.19 11.31 20.85
CA ALA B 396 32.31 10.14 20.79
C ALA B 396 32.93 9.06 19.94
N LYS B 397 33.49 9.41 18.77
CA LYS B 397 34.05 8.37 17.93
C LYS B 397 35.30 7.77 18.56
N TYR B 398 36.03 8.54 19.38
CA TYR B 398 37.19 7.99 20.07
C TYR B 398 36.79 7.11 21.23
N MET B 399 35.76 7.52 21.98
CA MET B 399 35.34 6.73 23.13
C MET B 399 34.82 5.38 22.70
N GLU B 400 34.29 5.29 21.47
CA GLU B 400 33.76 4.00 21.03
C GLU B 400 34.89 2.99 20.92
N LEU B 401 36.04 3.39 20.38
CA LEU B 401 37.18 2.49 20.27
C LEU B 401 37.61 1.96 21.65
N ILE B 402 37.66 2.83 22.66
CA ILE B 402 38.00 2.39 24.01
C ILE B 402 36.96 1.39 24.51
N ALA B 403 35.69 1.81 24.50
CA ALA B 403 34.62 1.06 25.16
C ALA B 403 34.52 -0.37 24.62
N VAL B 404 34.42 -0.52 23.30
CA VAL B 404 34.25 -1.84 22.72
C VAL B 404 35.47 -2.69 22.98
N ASN B 405 36.66 -2.08 22.90
CA ASN B 405 37.90 -2.82 23.16
C ASN B 405 37.95 -3.36 24.58
N ALA B 406 37.53 -2.56 25.54
CA ALA B 406 37.54 -2.97 26.94
C ALA B 406 36.27 -3.66 27.38
N THR B 407 35.31 -3.87 26.50
CA THR B 407 34.08 -4.57 26.81
C THR B 407 33.84 -5.79 25.96
N TYR B 408 34.35 -5.78 24.74
CA TYR B 408 34.15 -6.86 23.78
C TYR B 408 35.48 -7.11 23.08
N PRO B 409 36.43 -7.72 23.77
CA PRO B 409 37.73 -7.97 23.15
C PRO B 409 37.61 -8.96 22.02
N GLU B 410 36.67 -9.91 22.14
CA GLU B 410 36.43 -10.90 21.11
C GLU B 410 36.27 -10.25 19.75
N LEU B 411 35.57 -9.11 19.71
CA LEU B 411 35.32 -8.41 18.45
C LEU B 411 36.56 -7.72 17.87
N GLN B 412 37.65 -7.57 18.64
CA GLN B 412 38.90 -7.09 18.08
C GLN B 412 38.75 -5.77 17.36
N PHE B 413 38.48 -4.72 18.14
CA PHE B 413 38.28 -3.47 17.45
C PHE B 413 39.54 -2.60 17.34
N ASP B 414 40.50 -2.81 18.23
CA ASP B 414 41.72 -2.01 18.20
C ASP B 414 42.43 -2.12 16.85
N ASP B 415 42.53 -3.32 16.30
CA ASP B 415 43.24 -3.52 15.04
C ASP B 415 42.50 -2.89 13.87
N TYR B 416 41.21 -2.60 14.04
CA TYR B 416 40.42 -2.00 12.98
C TYR B 416 40.52 -0.48 12.97
N PHE B 417 40.73 0.13 14.15
CA PHE B 417 40.60 1.59 14.29
C PHE B 417 41.46 2.36 13.30
N LEU B 418 42.58 1.79 12.87
CA LEU B 418 43.53 2.50 12.01
C LEU B 418 42.87 3.03 10.75
N ASN B 419 41.87 2.29 10.24
CA ASN B 419 41.13 2.71 9.06
C ASN B 419 40.54 4.11 9.19
N VAL B 420 40.05 4.47 10.38
CA VAL B 420 39.26 5.70 10.43
C VAL B 420 40.14 6.92 10.19
N CYS B 421 41.34 6.98 10.79
CA CYS B 421 42.27 8.04 10.42
C CYS B 421 42.59 8.01 8.92
N PHE B 422 42.79 6.82 8.37
CA PHE B 422 43.14 6.69 6.96
C PHE B 422 42.11 7.37 6.07
N GLU B 423 40.81 7.12 6.34
CA GLU B 423 39.75 7.74 5.56
C GLU B 423 39.82 9.26 5.65
N VAL B 424 40.04 9.80 6.84
CA VAL B 424 40.12 11.25 6.97
C VAL B 424 41.40 11.79 6.31
N ILE B 425 42.44 10.96 6.22
CA ILE B 425 43.68 11.42 5.62
C ILE B 425 43.50 11.67 4.12
N THR B 426 42.71 10.83 3.46
CA THR B 426 42.36 11.11 2.06
C THR B 426 41.77 12.51 1.89
N LYS B 427 40.71 12.84 2.66
CA LYS B 427 40.18 14.20 2.66
C LYS B 427 41.24 15.20 3.12
N ASP B 428 41.84 14.99 4.30
CA ASP B 428 42.74 15.96 4.90
C ASP B 428 43.96 16.26 4.05
N SER B 429 44.27 15.42 3.06
CA SER B 429 45.45 15.63 2.23
C SER B 429 45.18 16.53 1.02
N LEU B 430 43.93 16.87 0.75
CA LEU B 430 43.66 17.85 -0.30
C LEU B 430 43.46 19.24 0.31
N ASN B 431 43.50 20.24 -0.56
CA ASN B 431 43.38 21.63 -0.15
C ASN B 431 41.93 22.03 0.12
N SER B 432 40.96 21.15 -0.22
CA SER B 432 39.54 21.34 0.04
C SER B 432 39.15 21.09 1.48
N SER B 433 40.06 20.57 2.30
CA SER B 433 39.73 20.18 3.67
C SER B 433 39.55 21.41 4.54
N ARG B 434 39.40 21.21 5.84
CA ARG B 434 39.10 22.32 6.74
C ARG B 434 39.68 22.04 8.11
N PRO B 435 40.02 23.09 8.86
CA PRO B 435 40.43 22.88 10.25
C PRO B 435 39.29 22.34 11.10
N ILE B 436 39.66 21.48 12.08
CA ILE B 436 38.70 20.73 12.89
C ILE B 436 37.71 21.66 13.58
N SER B 437 38.12 22.87 13.89
CA SER B 437 37.28 23.93 14.42
C SER B 437 37.25 25.06 13.41
N LYS B 438 36.08 25.63 13.18
CA LYS B 438 35.92 26.53 12.05
C LYS B 438 34.55 27.20 12.12
N PRO B 439 34.45 28.48 11.80
CA PRO B 439 33.15 29.18 11.91
C PRO B 439 32.04 28.56 11.06
N ALA B 440 30.81 28.81 11.49
CA ALA B 440 29.66 28.18 10.87
C ALA B 440 28.39 28.94 11.29
N GLU B 441 27.65 29.43 10.30
CA GLU B 441 26.52 30.31 10.54
C GLU B 441 25.21 29.74 9.99
N THR B 442 25.13 29.42 8.70
CA THR B 442 23.82 29.03 8.18
C THR B 442 23.48 27.63 8.65
N PRO B 443 22.25 27.18 8.39
CA PRO B 443 21.92 25.79 8.74
C PRO B 443 22.75 24.79 7.97
N THR B 444 22.80 24.91 6.63
CA THR B 444 23.44 23.89 5.80
C THR B 444 24.94 23.92 5.98
N GLN B 445 25.44 25.04 6.44
CA GLN B 445 26.84 25.19 6.73
C GLN B 445 27.20 24.54 8.06
N ILE B 446 26.28 24.55 9.03
CA ILE B 446 26.47 23.78 10.26
C ILE B 446 26.39 22.29 9.97
N GLN B 447 25.52 21.88 9.06
CA GLN B 447 25.44 20.47 8.74
C GLN B 447 26.69 20.01 8.02
N GLU B 448 27.43 20.93 7.40
CA GLU B 448 28.69 20.59 6.76
C GLU B 448 29.76 20.21 7.79
N MET B 449 29.65 20.75 9.00
CA MET B 449 30.60 20.49 10.08
C MET B 449 30.56 19.05 10.57
N PHE B 450 29.49 18.30 10.27
CA PHE B 450 29.37 16.90 10.65
C PHE B 450 29.95 16.04 9.55
N ASP B 451 31.30 16.01 9.50
CA ASP B 451 32.06 15.27 8.49
C ASP B 451 33.16 14.45 9.15
N GLU B 452 33.91 13.75 8.31
CA GLU B 452 34.99 12.86 8.74
C GLU B 452 36.16 13.63 9.34
N VAL B 453 36.22 14.94 9.10
CA VAL B 453 37.20 15.76 9.82
C VAL B 453 36.79 15.90 11.29
N SER B 454 35.49 16.10 11.55
CA SER B 454 35.01 16.32 12.90
C SER B 454 35.00 15.02 13.70
N TYR B 455 34.67 13.91 13.03
CA TYR B 455 34.62 12.61 13.71
C TYR B 455 35.98 11.91 13.73
N ASN B 456 36.45 11.55 12.53
CA ASN B 456 37.62 10.69 12.42
C ASN B 456 38.87 11.41 12.88
N LYS B 457 39.15 12.59 12.30
CA LYS B 457 40.36 13.32 12.68
C LYS B 457 40.28 13.87 14.10
N GLY B 458 39.07 14.25 14.55
CA GLY B 458 38.91 14.51 15.96
C GLY B 458 39.33 13.31 16.79
N ALA B 459 38.92 12.11 16.36
CA ALA B 459 39.15 10.92 17.15
C ALA B 459 40.62 10.54 17.12
N CYS B 460 41.31 10.86 16.03
CA CYS B 460 42.67 10.42 15.84
C CYS B 460 43.65 11.35 16.52
N ILE B 461 43.44 12.67 16.42
CA ILE B 461 44.35 13.57 17.14
C ILE B 461 44.13 13.41 18.64
N LEU B 462 42.92 13.05 19.06
CA LEU B 462 42.72 12.60 20.43
C LEU B 462 43.53 11.35 20.72
N ASN B 463 43.66 10.45 19.73
CA ASN B 463 44.39 9.22 19.97
C ASN B 463 45.88 9.49 20.12
N MET B 464 46.39 10.42 19.31
CA MET B 464 47.76 10.90 19.43
C MET B 464 48.08 11.34 20.85
N LEU B 465 47.25 12.23 21.41
CA LEU B 465 47.53 12.75 22.75
C LEU B 465 47.31 11.70 23.84
N LYS B 466 46.46 10.70 23.59
CA LYS B 466 46.38 9.61 24.54
C LYS B 466 47.67 8.82 24.57
N ASP B 467 48.36 8.73 23.45
CA ASP B 467 49.67 8.10 23.44
C ASP B 467 50.68 8.93 24.21
N PHE B 468 50.72 10.25 23.95
CA PHE B 468 51.75 11.07 24.57
C PHE B 468 51.56 11.19 26.07
N LEU B 469 50.44 11.74 26.51
CA LEU B 469 50.42 11.97 27.95
C LEU B 469 50.21 10.68 28.77
N GLY B 470 49.88 9.55 28.12
CA GLY B 470 49.65 8.31 28.83
C GLY B 470 48.24 8.22 29.38
N GLU B 471 47.60 7.04 29.22
CA GLU B 471 46.19 6.89 29.56
C GLU B 471 45.86 7.36 30.97
N GLU B 472 46.78 7.14 31.93
CA GLU B 472 46.56 7.60 33.30
C GLU B 472 46.29 9.10 33.35
N LYS B 473 47.27 9.92 32.93
CA LYS B 473 47.08 11.36 32.93
C LYS B 473 45.90 11.76 32.05
N PHE B 474 45.68 11.04 30.96
CA PHE B 474 44.58 11.32 30.04
C PHE B 474 43.23 11.14 30.73
N GLN B 475 43.00 9.95 31.30
CA GLN B 475 41.70 9.65 31.91
C GLN B 475 41.38 10.62 33.05
N LYS B 476 42.38 10.98 33.85
CA LYS B 476 42.16 11.98 34.89
C LYS B 476 41.77 13.32 34.29
N GLY B 477 42.42 13.71 33.19
CA GLY B 477 42.09 14.96 32.54
C GLY B 477 40.68 14.96 31.98
N ILE B 478 40.27 13.84 31.37
CA ILE B 478 38.91 13.73 30.82
C ILE B 478 37.88 13.90 31.92
N ILE B 479 38.12 13.29 33.08
CA ILE B 479 37.18 13.33 34.20
C ILE B 479 37.11 14.74 34.80
N GLN B 480 38.25 15.43 34.88
CA GLN B 480 38.25 16.82 35.32
C GLN B 480 37.51 17.70 34.34
N TYR B 481 37.69 17.44 33.04
CA TYR B 481 37.00 18.20 32.00
C TYR B 481 35.47 18.09 32.13
N LEU B 482 34.95 16.86 32.23
CA LEU B 482 33.51 16.70 32.35
C LEU B 482 33.00 17.31 33.64
N LYS B 483 33.53 16.85 34.79
CA LYS B 483 33.02 17.28 36.08
C LYS B 483 33.02 18.82 36.20
N LYS B 484 34.05 19.49 35.67
CA LYS B 484 34.06 20.95 35.66
C LYS B 484 32.89 21.49 34.84
N PHE B 485 32.72 20.98 33.62
CA PHE B 485 31.77 21.54 32.66
C PHE B 485 30.46 20.76 32.60
N SER B 486 30.14 20.00 33.63
CA SER B 486 28.82 19.36 33.73
C SER B 486 27.72 20.41 33.54
N TYR B 487 26.74 20.07 32.70
CA TYR B 487 25.53 20.87 32.49
C TYR B 487 25.84 22.29 32.02
N ARG B 488 26.96 22.46 31.31
CA ARG B 488 27.36 23.77 30.81
C ARG B 488 27.90 23.58 29.40
N ASN B 489 28.62 24.59 28.91
CA ASN B 489 29.11 24.60 27.53
C ASN B 489 30.60 24.95 27.50
N ALA B 490 31.37 24.17 26.73
CA ALA B 490 32.81 24.27 26.62
C ALA B 490 33.21 24.78 25.25
N LYS B 491 34.21 25.67 25.20
CA LYS B 491 34.77 26.09 23.92
C LYS B 491 35.91 25.15 23.55
N ASN B 492 36.45 25.31 22.34
CA ASN B 492 37.56 24.47 21.90
C ASN B 492 38.75 24.60 22.85
N ASP B 493 39.09 25.83 23.24
CA ASP B 493 40.19 26.05 24.15
C ASP B 493 39.97 25.35 25.49
N ASP B 494 38.75 25.42 26.03
CA ASP B 494 38.50 24.96 27.40
C ASP B 494 38.86 23.50 27.60
N LEU B 495 38.67 22.66 26.58
CA LEU B 495 38.99 21.23 26.76
C LEU B 495 40.48 21.04 27.02
N TRP B 496 41.32 21.69 26.22
CA TRP B 496 42.76 21.53 26.38
C TRP B 496 43.25 22.21 27.67
N SER B 497 42.75 23.43 27.97
CA SER B 497 43.13 24.09 29.20
C SER B 497 42.73 23.29 30.44
N SER B 498 41.75 22.40 30.33
CA SER B 498 41.47 21.43 31.39
C SER B 498 42.33 20.18 31.24
N LEU B 499 42.50 19.71 30.02
CA LEU B 499 43.31 18.51 29.79
C LEU B 499 44.77 18.75 30.14
N SER B 500 45.28 19.96 29.93
CA SER B 500 46.69 20.23 30.16
C SER B 500 47.03 20.12 31.64
N ASN B 501 46.15 20.60 32.51
CA ASN B 501 46.35 20.53 33.96
C ASN B 501 45.92 19.14 34.47
N SER B 502 46.77 18.15 34.17
CA SER B 502 46.53 16.77 34.60
C SER B 502 47.32 16.44 35.88
N ASN B 531 53.34 22.39 31.35
CA ASN B 531 52.30 21.84 30.48
C ASN B 531 51.31 22.90 29.96
N ALA B 532 51.72 24.18 29.98
CA ALA B 532 51.12 25.15 29.08
C ALA B 532 51.64 24.97 27.66
N GLU B 533 52.60 24.05 27.51
CA GLU B 533 53.15 23.67 26.22
C GLU B 533 52.13 22.98 25.33
N VAL B 534 51.26 22.15 25.91
CA VAL B 534 50.37 21.31 25.10
C VAL B 534 49.32 22.14 24.37
N LYS B 535 48.88 23.26 24.98
CA LYS B 535 47.84 24.06 24.36
C LYS B 535 48.27 24.58 22.98
N GLU B 536 49.46 25.20 22.87
CA GLU B 536 49.80 25.63 21.51
C GLU B 536 50.24 24.49 20.62
N MET B 537 50.64 23.34 21.20
CA MET B 537 50.87 22.17 20.38
C MET B 537 49.60 21.78 19.60
N MET B 538 48.48 21.63 20.33
CA MET B 538 47.20 21.29 19.70
C MET B 538 46.60 22.43 18.89
N THR B 539 47.04 23.67 19.15
CA THR B 539 46.67 24.77 18.26
C THR B 539 47.08 24.47 16.82
N THR B 540 48.26 23.86 16.65
CA THR B 540 48.72 23.47 15.32
C THR B 540 47.76 22.48 14.66
N TRP B 541 47.02 21.70 15.47
CA TRP B 541 46.20 20.59 15.00
C TRP B 541 44.74 20.94 14.84
N THR B 542 44.20 21.77 15.72
CA THR B 542 42.77 22.08 15.66
C THR B 542 42.46 23.31 14.81
N LEU B 543 43.36 24.31 14.73
CA LEU B 543 43.05 25.53 14.01
C LEU B 543 43.60 25.57 12.58
N GLN B 544 44.38 24.55 12.18
CA GLN B 544 45.04 24.50 10.88
C GLN B 544 44.52 23.33 10.07
N LYS B 545 44.33 23.54 8.78
CA LYS B 545 43.89 22.48 7.90
C LYS B 545 45.08 21.58 7.58
N GLY B 546 44.84 20.27 7.56
CA GLY B 546 45.72 19.36 6.84
C GLY B 546 46.52 18.45 7.75
N ILE B 547 47.43 17.71 7.12
CA ILE B 547 48.18 16.64 7.79
C ILE B 547 49.67 16.88 7.52
N PRO B 548 50.51 16.94 8.55
CA PRO B 548 51.94 17.18 8.31
C PRO B 548 52.64 15.98 7.70
N LEU B 549 53.79 16.27 7.11
CA LEU B 549 54.66 15.28 6.47
C LEU B 549 56.05 15.30 7.11
N LEU B 550 56.58 14.13 7.43
CA LEU B 550 57.85 14.01 8.11
C LEU B 550 58.92 13.64 7.10
N VAL B 551 59.91 14.52 6.90
CA VAL B 551 61.05 14.25 6.04
C VAL B 551 62.27 14.04 6.94
N VAL B 552 62.75 12.80 6.96
CA VAL B 552 63.92 12.40 7.73
C VAL B 552 65.05 12.13 6.75
N LYS B 553 66.22 12.67 7.03
CA LYS B 553 67.37 12.39 6.17
C LYS B 553 68.49 11.71 6.96
N ASP B 555 72.54 9.14 6.60
CA ASP B 555 73.93 9.43 6.96
C ASP B 555 74.28 8.94 8.37
N GLY B 556 74.18 7.63 8.58
CA GLY B 556 74.43 7.07 9.91
C GLY B 556 73.44 7.62 10.92
N CYS B 557 73.97 8.20 12.01
CA CYS B 557 73.13 8.86 12.99
C CYS B 557 72.62 10.18 12.43
N SER B 558 71.65 10.07 11.50
CA SER B 558 71.16 11.17 10.69
C SER B 558 69.69 11.35 11.03
N LEU B 559 69.42 12.26 11.95
CA LEU B 559 68.04 12.56 12.32
C LEU B 559 67.61 13.90 11.71
N ARG B 560 68.10 14.21 10.51
CA ARG B 560 67.89 15.54 9.94
C ARG B 560 66.40 15.70 9.62
N LEU B 561 65.66 16.12 10.65
CA LEU B 561 64.21 16.21 10.57
C LEU B 561 63.81 17.47 9.83
N GLN B 562 62.87 17.34 8.90
CA GLN B 562 62.24 18.50 8.29
C GLN B 562 60.78 18.17 7.98
N GLN B 563 59.88 19.04 8.40
CA GLN B 563 58.46 18.83 8.23
C GLN B 563 57.93 19.67 7.07
N GLU B 564 56.84 19.20 6.47
CA GLU B 564 56.16 19.89 5.38
C GLU B 564 54.66 19.81 5.64
N ARG B 565 53.86 20.24 4.68
CA ARG B 565 52.44 19.94 4.66
C ARG B 565 52.25 18.89 3.55
N PHE B 566 52.04 17.64 3.97
CA PHE B 566 51.73 16.57 3.03
C PHE B 566 50.55 16.96 2.15
N LEU B 567 50.72 16.81 0.84
CA LEU B 567 49.60 16.94 -0.10
C LEU B 567 49.62 15.82 -1.13
N GLN B 568 48.76 15.94 -2.14
CA GLN B 568 48.63 14.96 -3.22
C GLN B 568 48.14 15.68 -4.45
N GLY B 569 48.52 15.16 -5.61
CA GLY B 569 48.24 15.83 -6.88
C GLY B 569 48.99 17.13 -7.07
N VAL B 570 49.89 17.49 -6.15
CA VAL B 570 50.75 18.66 -6.24
C VAL B 570 52.15 18.24 -5.78
N PHE B 571 53.07 18.20 -6.71
CA PHE B 571 54.38 17.61 -6.48
C PHE B 571 55.35 18.75 -6.19
N GLN B 572 56.58 18.41 -5.81
CA GLN B 572 57.51 19.50 -5.60
C GLN B 572 57.78 20.23 -6.89
N GLU B 573 57.72 19.53 -8.04
CA GLU B 573 57.89 20.20 -9.32
C GLU B 573 56.93 21.39 -9.50
N ASP B 574 55.67 21.24 -9.09
CA ASP B 574 54.63 22.03 -9.72
C ASP B 574 54.60 23.46 -9.20
N PRO B 575 54.08 24.39 -10.03
CA PRO B 575 53.88 25.77 -9.59
C PRO B 575 52.73 25.91 -8.63
N GLU B 576 51.93 24.85 -8.44
CA GLU B 576 50.87 24.84 -7.45
C GLU B 576 51.39 24.61 -6.04
N TRP B 577 52.64 24.16 -5.89
CA TRP B 577 53.16 23.64 -4.63
C TRP B 577 53.58 24.72 -3.63
N ARG B 578 53.61 26.01 -4.03
CA ARG B 578 54.01 27.06 -3.09
C ARG B 578 53.10 27.11 -1.86
N ALA B 579 51.87 26.57 -1.94
CA ALA B 579 50.94 26.48 -0.81
C ALA B 579 51.39 25.54 0.29
N LEU B 580 52.33 24.61 0.01
CA LEU B 580 52.96 23.76 1.02
C LEU B 580 53.70 24.58 2.07
N GLN B 581 53.91 25.85 1.76
CA GLN B 581 54.51 26.87 2.60
C GLN B 581 53.44 27.94 2.79
N GLU B 582 52.73 27.95 3.92
CA GLU B 582 52.05 29.20 4.25
C GLU B 582 52.38 29.70 5.66
N ARG B 583 51.93 28.92 6.64
CA ARG B 583 52.39 28.98 8.02
C ARG B 583 52.49 27.55 8.52
N TYR B 584 52.49 26.59 7.58
CA TYR B 584 52.08 25.24 7.87
C TYR B 584 53.17 24.58 8.70
N LEU B 585 53.04 24.80 10.00
CA LEU B 585 53.98 24.33 10.99
C LEU B 585 53.22 23.61 12.10
N TRP B 586 53.40 22.30 12.17
CA TRP B 586 52.79 21.45 13.19
C TRP B 586 53.81 21.21 14.29
N HIS B 587 53.37 21.35 15.54
CA HIS B 587 54.15 20.82 16.66
C HIS B 587 53.87 19.32 16.75
N ILE B 588 54.44 18.60 15.78
CA ILE B 588 54.29 17.14 15.71
C ILE B 588 54.98 16.50 16.90
N PRO B 589 54.33 15.61 17.63
CA PRO B 589 55.00 14.85 18.71
C PRO B 589 55.56 13.53 18.19
N LEU B 590 56.62 13.61 17.38
CA LEU B 590 57.21 12.43 16.76
C LEU B 590 57.66 11.42 17.82
N THR B 591 57.71 10.16 17.42
CA THR B 591 57.96 9.06 18.35
C THR B 591 58.39 7.79 17.65
N TYR B 592 59.54 7.20 18.01
CA TYR B 592 60.18 6.17 17.20
C TYR B 592 60.64 4.96 17.97
N SER B 593 61.21 4.08 17.16
CA SER B 593 62.08 2.99 17.55
C SER B 593 62.74 2.43 16.26
N SER B 596 66.23 1.90 17.33
CA SER B 596 65.79 1.00 16.26
C SER B 596 65.68 -0.44 16.77
N SER B 597 64.93 -0.61 17.85
CA SER B 597 64.82 -1.88 18.56
C SER B 597 63.58 -1.76 19.45
N ASN B 598 63.26 -2.86 20.17
CA ASN B 598 61.97 -2.92 20.86
C ASN B 598 61.93 -1.98 22.07
N VAL B 599 61.92 -0.68 21.79
CA VAL B 599 61.84 0.41 22.76
C VAL B 599 61.52 1.65 21.96
N ILE B 600 60.60 2.50 22.43
CA ILE B 600 60.22 3.70 21.68
C ILE B 600 60.88 4.94 22.27
N HIS B 601 61.38 5.83 21.41
CA HIS B 601 61.94 7.12 21.81
C HIS B 601 60.97 8.24 21.45
N ARG B 602 60.78 9.18 22.38
CA ARG B 602 59.75 10.22 22.25
C ARG B 602 60.39 11.60 22.27
N HIS B 603 59.99 12.45 21.32
CA HIS B 603 60.56 13.78 21.20
C HIS B 603 59.64 14.64 20.33
N ILE B 604 59.50 15.91 20.70
CA ILE B 604 58.62 16.83 19.98
C ILE B 604 59.36 17.40 18.78
N LEU B 605 58.62 17.77 17.75
CA LEU B 605 59.18 18.49 16.61
C LEU B 605 58.39 19.78 16.39
N LYS B 606 58.91 20.90 16.92
CA LYS B 606 58.22 22.19 16.90
C LYS B 606 58.74 23.14 15.82
N SER B 607 59.65 22.71 14.96
CA SER B 607 60.21 23.60 13.96
C SER B 607 60.26 22.92 12.59
N LYS B 608 60.37 23.74 11.54
CA LYS B 608 60.48 23.20 10.20
C LYS B 608 61.63 22.20 10.09
N THR B 609 62.78 22.55 10.68
CA THR B 609 63.94 21.68 10.75
C THR B 609 64.47 21.66 12.18
N ASP B 610 64.62 20.46 12.72
CA ASP B 610 65.30 20.16 13.98
C ASP B 610 65.87 18.75 13.83
N THR B 611 66.68 18.29 14.77
CA THR B 611 67.26 16.95 14.60
C THR B 611 67.73 16.37 15.93
N LEU B 612 68.22 15.12 15.83
CA LEU B 612 68.63 14.28 16.95
C LEU B 612 69.88 13.50 16.54
N ASP B 613 70.40 12.68 17.45
CA ASP B 613 71.56 11.83 17.17
C ASP B 613 71.19 10.38 17.46
N LEU B 614 71.46 9.50 16.49
CA LEU B 614 71.17 8.07 16.69
C LEU B 614 72.20 7.43 17.63
N PRO B 615 71.76 6.65 18.63
CA PRO B 615 72.70 6.11 19.63
C PRO B 615 73.74 5.17 19.05
N GLU B 616 73.33 4.29 18.14
CA GLU B 616 74.22 3.38 17.44
C GLU B 616 73.53 3.14 16.10
N LYS B 617 74.27 2.69 15.10
CA LYS B 617 73.47 2.54 13.87
C LYS B 617 72.95 1.10 13.70
N THR B 618 71.78 1.06 13.08
CA THR B 618 70.87 -0.07 13.05
C THR B 618 70.41 -0.30 11.61
N SER B 619 69.72 -1.41 11.42
CA SER B 619 69.28 -1.86 10.11
C SER B 619 68.33 -0.89 9.46
N TRP B 620 67.17 -0.77 10.08
CA TRP B 620 66.10 0.14 9.75
C TRP B 620 65.90 1.08 10.92
N VAL B 621 65.08 2.10 10.70
CA VAL B 621 64.69 3.04 11.74
C VAL B 621 63.27 3.46 11.39
N LYS B 622 62.29 3.19 12.27
CA LYS B 622 60.91 3.56 11.96
C LYS B 622 60.34 4.49 13.01
N PHE B 623 59.70 5.56 12.53
CA PHE B 623 59.19 6.59 13.43
C PHE B 623 57.76 6.31 13.90
N ASN B 624 56.81 6.42 12.98
CA ASN B 624 55.35 6.28 13.23
C ASN B 624 54.97 4.88 13.77
N VAL B 625 55.15 4.71 15.08
CA VAL B 625 54.83 3.45 15.73
C VAL B 625 53.33 3.24 15.76
N ASP B 626 52.85 2.19 15.10
CA ASP B 626 51.42 1.87 15.02
C ASP B 626 50.60 2.97 14.37
N SER B 627 51.25 3.97 13.78
CA SER B 627 50.58 5.12 13.16
C SER B 627 49.71 5.87 14.15
N ASN B 628 50.10 5.84 15.42
CA ASN B 628 49.39 6.55 16.49
C ASN B 628 49.56 8.06 16.40
N GLY B 629 50.27 8.58 15.41
CA GLY B 629 50.43 10.01 15.23
C GLY B 629 49.89 10.43 13.88
N TYR B 630 49.38 11.66 13.81
CA TYR B 630 48.68 12.12 12.61
C TYR B 630 49.67 12.80 11.68
N TYR B 631 50.52 11.96 11.10
CA TYR B 631 51.57 12.41 10.19
C TYR B 631 52.03 11.21 9.39
N ILE B 632 52.51 11.45 8.18
CA ILE B 632 53.10 10.38 7.38
C ILE B 632 54.61 10.53 7.37
N VAL B 633 55.29 9.40 7.45
CA VAL B 633 56.74 9.35 7.55
C VAL B 633 57.30 9.18 6.15
N HIS B 634 58.26 10.05 5.77
CA HIS B 634 59.01 9.87 4.54
C HIS B 634 60.51 9.88 4.78
N TYR B 635 61.12 8.70 4.69
CA TYR B 635 62.57 8.56 4.77
C TYR B 635 63.22 9.08 3.49
N GLU B 636 64.04 10.13 3.62
CA GLU B 636 64.61 10.81 2.45
C GLU B 636 65.65 9.98 1.71
N GLY B 637 66.25 8.99 2.36
CA GLY B 637 67.18 8.14 1.65
C GLY B 637 67.46 6.81 2.32
N HIS B 638 67.42 5.73 1.53
CA HIS B 638 68.04 4.45 1.88
C HIS B 638 67.50 3.85 3.18
N GLY B 639 66.23 4.09 3.50
CA GLY B 639 65.64 3.44 4.65
C GLY B 639 64.48 2.55 4.27
N TRP B 640 63.74 2.97 3.25
CA TRP B 640 62.57 2.21 2.80
C TRP B 640 62.96 0.82 2.34
N ASP B 641 64.11 0.72 1.66
CA ASP B 641 64.41 -0.42 0.81
C ASP B 641 64.63 -1.71 1.59
N GLN B 642 65.00 -1.63 2.87
CA GLN B 642 65.08 -2.83 3.71
C GLN B 642 63.75 -3.58 3.69
N LEU B 643 62.66 -2.86 3.85
CA LEU B 643 61.36 -3.45 3.87
C LEU B 643 60.54 -2.94 2.68
N LEU B 647 62.44 -5.65 5.67
CA LEU B 647 62.35 -7.06 5.99
C LEU B 647 61.20 -7.74 5.21
N ASN B 648 61.55 -8.17 3.98
CA ASN B 648 60.71 -9.00 3.13
C ASN B 648 60.82 -10.49 3.45
N GLN B 649 61.77 -10.88 4.32
CA GLN B 649 61.97 -12.29 4.70
C GLN B 649 61.40 -12.61 6.09
N ASN B 650 61.87 -11.93 7.14
CA ASN B 650 61.25 -11.99 8.48
C ASN B 650 60.51 -10.67 8.68
N HIS B 651 59.18 -10.71 8.57
CA HIS B 651 58.37 -9.52 8.72
C HIS B 651 58.00 -9.21 10.16
N THR B 652 57.98 -10.23 11.02
CA THR B 652 57.61 -10.03 12.41
C THR B 652 58.69 -9.30 13.22
N LEU B 653 59.82 -8.97 12.62
CA LEU B 653 60.71 -7.95 13.20
C LEU B 653 59.90 -6.68 13.47
N LEU B 654 59.16 -6.20 12.47
CA LEU B 654 58.33 -5.03 12.60
C LEU B 654 56.92 -5.44 13.01
N ARG B 655 56.36 -4.74 14.00
CA ARG B 655 55.11 -5.13 14.62
C ARG B 655 53.93 -5.02 13.66
N PRO B 656 52.82 -5.69 13.97
CA PRO B 656 51.74 -5.81 12.97
C PRO B 656 51.11 -4.48 12.59
N LYS B 657 50.83 -3.60 13.55
CA LYS B 657 50.26 -2.28 13.22
C LYS B 657 51.22 -1.45 12.38
N ASP B 658 52.49 -1.36 12.83
CA ASP B 658 53.52 -0.72 12.01
C ASP B 658 53.64 -1.40 10.66
N ARG B 659 53.29 -2.69 10.57
CA ARG B 659 53.28 -3.37 9.29
C ARG B 659 52.35 -2.67 8.32
N VAL B 660 51.07 -2.51 8.71
CA VAL B 660 50.13 -1.85 7.80
C VAL B 660 50.32 -0.33 7.79
N GLY B 661 50.83 0.24 8.89
CA GLY B 661 51.23 1.63 8.87
C GLY B 661 52.21 1.92 7.75
N LEU B 662 53.23 1.07 7.62
CA LEU B 662 54.19 1.18 6.52
C LEU B 662 53.53 0.93 5.17
N ILE B 663 52.67 -0.08 5.08
CA ILE B 663 51.93 -0.35 3.85
C ILE B 663 51.13 0.88 3.44
N HIS B 664 50.35 1.43 4.39
CA HIS B 664 49.53 2.59 4.08
C HIS B 664 50.37 3.76 3.62
N ASP B 665 51.44 4.07 4.37
CA ASP B 665 52.29 5.19 4.00
C ASP B 665 52.96 5.00 2.63
N VAL B 666 53.07 3.77 2.11
CA VAL B 666 53.84 3.56 0.88
C VAL B 666 52.91 3.50 -0.32
N PHE B 667 51.75 4.13 -0.23
CA PHE B 667 50.91 4.40 -1.40
C PHE B 667 50.53 5.86 -1.52
N GLN B 668 50.29 6.51 -0.38
CA GLN B 668 50.05 7.94 -0.40
C GLN B 668 51.31 8.70 -0.74
N LEU B 669 52.48 8.19 -0.29
CA LEU B 669 53.74 8.73 -0.77
C LEU B 669 53.88 8.54 -2.28
N VAL B 670 53.34 7.45 -2.82
CA VAL B 670 53.34 7.24 -4.27
C VAL B 670 52.49 8.32 -4.96
N GLY B 671 51.24 8.46 -4.53
CA GLY B 671 50.40 9.52 -5.07
C GLY B 671 51.00 10.89 -4.82
N ALA B 672 51.56 11.09 -3.62
CA ALA B 672 52.03 12.40 -3.16
C ALA B 672 53.02 13.01 -4.14
N GLY B 673 53.98 12.22 -4.59
CA GLY B 673 54.91 12.72 -5.58
C GLY B 673 56.33 12.33 -5.30
N ARG B 674 56.62 11.77 -4.13
CA ARG B 674 58.01 11.44 -3.82
C ARG B 674 58.38 10.06 -4.32
N LEU B 675 57.66 9.03 -3.90
CA LEU B 675 58.04 7.70 -4.35
C LEU B 675 57.30 7.35 -5.64
N THR B 676 57.79 6.30 -6.30
CA THR B 676 57.21 5.79 -7.52
C THR B 676 56.47 4.49 -7.20
N LEU B 677 55.82 3.96 -8.22
CA LEU B 677 55.04 2.76 -8.03
C LEU B 677 55.86 1.46 -8.02
N ASP B 678 57.12 1.47 -8.44
CA ASP B 678 57.82 0.19 -8.50
C ASP B 678 57.99 -0.37 -7.13
N LYS B 679 58.40 0.46 -6.13
CA LYS B 679 58.36 -0.08 -4.80
C LYS B 679 56.95 -0.14 -4.19
N ALA B 680 55.94 0.32 -4.94
CA ALA B 680 54.58 0.38 -4.40
C ALA B 680 54.05 -1.00 -4.07
N LEU B 681 54.35 -1.99 -4.90
CA LEU B 681 53.79 -3.32 -4.67
C LEU B 681 54.74 -4.22 -3.92
N ASP B 682 55.71 -3.62 -3.22
CA ASP B 682 56.78 -4.31 -2.50
C ASP B 682 56.28 -5.52 -1.73
N MET B 683 55.26 -5.31 -0.88
CA MET B 683 54.75 -6.38 -0.01
C MET B 683 54.02 -7.50 -0.75
N LEU B 687 54.44 -10.37 0.84
CA LEU B 687 54.14 -11.09 2.10
C LEU B 687 52.92 -12.01 2.03
N GLN B 688 53.12 -13.13 1.35
CA GLN B 688 52.10 -14.19 1.32
C GLN B 688 52.11 -15.04 2.58
N HIS B 689 52.96 -14.70 3.54
CA HIS B 689 53.00 -15.35 4.84
C HIS B 689 52.77 -14.32 5.94
N GLU B 690 51.87 -13.38 5.67
CA GLU B 690 51.40 -12.42 6.66
C GLU B 690 50.17 -13.02 7.32
N THR B 691 50.20 -13.17 8.64
CA THR B 691 49.07 -13.79 9.31
C THR B 691 48.10 -12.79 9.92
N SER B 692 48.58 -11.65 10.43
CA SER B 692 47.65 -10.62 10.92
C SER B 692 46.82 -10.10 9.77
N SER B 693 45.55 -10.49 9.72
CA SER B 693 44.71 -10.06 8.60
C SER B 693 44.58 -8.56 8.45
N PRO B 694 44.59 -7.72 9.55
CA PRO B 694 44.69 -6.28 9.33
C PRO B 694 45.71 -5.87 8.27
N ALA B 695 46.97 -6.31 8.42
CA ALA B 695 47.97 -6.12 7.38
C ALA B 695 47.54 -6.72 6.04
N LEU B 696 46.98 -7.93 6.06
CA LEU B 696 46.64 -8.62 4.81
C LEU B 696 45.50 -7.91 4.07
N LEU B 697 44.43 -7.56 4.78
CA LEU B 697 43.29 -6.97 4.11
C LEU B 697 43.58 -5.54 3.70
N GLU B 698 44.31 -4.80 4.52
CA GLU B 698 44.58 -3.39 4.24
C GLU B 698 45.35 -3.25 2.93
N GLY B 699 46.41 -4.03 2.79
CA GLY B 699 47.17 -4.00 1.54
C GLY B 699 46.39 -4.56 0.36
N LEU B 700 45.63 -5.62 0.59
CA LEU B 700 44.87 -6.19 -0.53
C LEU B 700 43.69 -5.30 -0.90
N SER B 701 43.05 -4.69 0.10
CA SER B 701 42.07 -3.67 -0.20
C SER B 701 42.69 -2.58 -1.04
N TYR B 702 43.98 -2.29 -0.81
CA TYR B 702 44.66 -1.36 -1.68
C TYR B 702 44.76 -1.89 -3.11
N LEU B 703 44.86 -3.21 -3.30
CA LEU B 703 44.89 -3.73 -4.67
C LEU B 703 43.50 -3.71 -5.32
N GLU B 704 42.47 -4.00 -4.55
CA GLU B 704 41.09 -3.88 -5.01
C GLU B 704 40.85 -2.55 -5.74
N SER B 705 41.34 -1.45 -5.14
CA SER B 705 41.15 -0.11 -5.70
C SER B 705 41.76 -0.01 -7.09
N PHE B 706 42.87 -0.73 -7.33
CA PHE B 706 43.56 -0.62 -8.61
C PHE B 706 42.78 -1.31 -9.71
N TYR B 707 42.40 -2.58 -9.47
CA TYR B 707 41.45 -3.30 -10.32
C TYR B 707 40.24 -2.42 -10.65
N HIS B 708 39.49 -2.04 -9.62
CA HIS B 708 38.21 -1.36 -9.84
C HIS B 708 38.40 -0.09 -10.64
N MET B 709 39.41 0.72 -10.30
CA MET B 709 39.62 1.98 -10.98
C MET B 709 39.87 1.78 -12.47
N MET B 710 40.44 0.64 -12.83
CA MET B 710 40.77 0.33 -14.22
C MET B 710 39.64 -0.41 -14.93
N ASP B 711 38.98 -1.35 -14.26
CA ASP B 711 37.83 -1.97 -14.89
C ASP B 711 36.68 -0.99 -15.06
N ARG B 712 36.65 0.09 -14.26
CA ARG B 712 35.64 1.12 -14.43
C ARG B 712 35.82 1.93 -15.70
N ARG B 713 37.03 1.99 -16.27
CA ARG B 713 37.17 2.66 -17.56
C ARG B 713 37.27 1.67 -18.72
N ASN B 714 37.09 0.37 -18.42
CA ASN B 714 36.81 -0.79 -19.30
C ASN B 714 38.02 -1.27 -20.12
N ILE B 715 39.23 -0.97 -19.65
CA ILE B 715 40.46 -1.44 -20.29
C ILE B 715 40.94 -2.71 -19.58
N SER B 716 40.76 -3.87 -20.19
CA SER B 716 41.25 -5.12 -19.61
C SER B 716 42.77 -5.28 -19.74
N ASP B 717 43.42 -4.39 -20.49
CA ASP B 717 44.86 -4.48 -20.75
C ASP B 717 45.67 -4.41 -19.48
N ILE B 718 45.15 -3.73 -18.45
CA ILE B 718 45.77 -3.71 -17.13
C ILE B 718 44.93 -4.43 -16.09
N SER B 719 43.67 -4.78 -16.40
CA SER B 719 42.78 -5.38 -15.41
C SER B 719 43.01 -6.88 -15.28
N GLU B 720 43.12 -7.58 -16.41
CA GLU B 720 43.25 -9.05 -16.38
C GLU B 720 44.51 -9.49 -15.65
N ASN B 721 45.61 -8.72 -15.81
CA ASN B 721 46.85 -9.05 -15.10
C ASN B 721 46.66 -8.92 -13.59
N LEU B 722 45.93 -7.89 -13.16
CA LEU B 722 45.60 -7.75 -11.74
C LEU B 722 44.70 -8.86 -11.25
N LYS B 723 43.85 -9.43 -12.11
CA LYS B 723 42.83 -10.37 -11.65
C LYS B 723 43.40 -11.72 -11.21
N ARG B 724 43.86 -12.53 -12.17
CA ARG B 724 44.34 -13.87 -11.83
C ARG B 724 45.71 -13.84 -11.17
N TYR B 725 46.39 -12.70 -11.19
CA TYR B 725 47.51 -12.53 -10.28
C TYR B 725 47.06 -12.74 -8.84
N LEU B 726 46.03 -12.00 -8.43
CA LEU B 726 45.54 -12.08 -7.06
C LEU B 726 45.01 -13.47 -6.72
N LEU B 727 44.41 -14.17 -7.68
CA LEU B 727 43.85 -15.50 -7.37
C LEU B 727 44.95 -16.55 -7.23
N GLN B 728 45.86 -16.62 -8.21
CA GLN B 728 46.96 -17.56 -8.12
C GLN B 728 47.78 -17.30 -6.86
N TYR B 729 48.27 -16.07 -6.68
CA TYR B 729 49.14 -15.79 -5.54
C TYR B 729 48.40 -15.99 -4.22
N PHE B 730 47.12 -15.64 -4.15
CA PHE B 730 46.36 -15.80 -2.91
C PHE B 730 45.38 -16.97 -3.01
N LYS B 731 45.70 -17.95 -3.86
CA LYS B 731 44.89 -19.17 -3.92
C LYS B 731 44.90 -20.01 -2.64
N PRO B 732 46.05 -20.17 -1.91
CA PRO B 732 46.04 -21.01 -0.68
C PRO B 732 45.05 -20.56 0.37
N VAL B 733 45.19 -19.30 0.77
CA VAL B 733 44.31 -18.61 1.73
C VAL B 733 42.83 -18.69 1.34
N ILE B 734 42.55 -18.51 0.05
CA ILE B 734 41.18 -18.40 -0.43
C ILE B 734 40.51 -19.75 -0.35
N ASP B 735 41.26 -20.79 -0.72
CA ASP B 735 40.69 -22.13 -0.71
C ASP B 735 40.49 -22.63 0.72
N ARG B 736 41.31 -22.14 1.66
CA ARG B 736 41.25 -22.59 3.04
C ARG B 736 39.90 -22.29 3.68
N GLN B 737 39.29 -21.15 3.34
CA GLN B 737 38.09 -20.68 4.03
C GLN B 737 36.91 -21.63 3.81
N SER B 738 36.14 -21.82 4.88
CA SER B 738 35.03 -22.76 4.95
C SER B 738 33.72 -21.98 4.99
N TRP B 739 32.86 -22.23 4.00
CA TRP B 739 31.66 -21.41 3.79
C TRP B 739 30.66 -21.67 4.90
N SER B 740 30.91 -21.05 6.05
CA SER B 740 30.01 -21.08 7.20
C SER B 740 30.51 -20.02 8.17
N ASP B 741 29.61 -19.60 9.07
CA ASP B 741 29.91 -18.49 9.98
C ASP B 741 30.62 -18.94 11.27
N LYS B 742 31.68 -19.72 11.13
CA LYS B 742 32.36 -20.34 12.27
C LYS B 742 33.76 -19.75 12.45
N GLY B 743 34.24 -19.78 13.69
CA GLY B 743 35.50 -19.14 14.02
C GLY B 743 35.30 -17.81 14.73
N SER B 744 36.41 -17.11 14.92
CA SER B 744 36.40 -15.84 15.65
C SER B 744 36.06 -14.68 14.72
N VAL B 745 35.99 -13.47 15.27
CA VAL B 745 35.36 -12.35 14.55
C VAL B 745 36.24 -11.89 13.39
N TRP B 746 37.55 -11.72 13.61
CA TRP B 746 38.40 -11.41 12.47
C TRP B 746 38.51 -12.62 11.57
N ASP B 747 38.37 -13.82 12.13
CA ASP B 747 38.25 -15.02 11.31
C ASP B 747 37.06 -14.90 10.38
N ARG B 748 35.87 -14.63 10.95
CA ARG B 748 34.63 -14.59 10.17
C ARG B 748 34.64 -13.43 9.16
N MET B 749 35.21 -12.28 9.54
CA MET B 749 35.31 -11.16 8.61
C MET B 749 36.26 -11.45 7.47
N LEU B 750 37.39 -12.11 7.77
CA LEU B 750 38.34 -12.46 6.71
C LEU B 750 37.72 -13.37 5.68
N ARG B 751 36.79 -14.24 6.11
CA ARG B 751 36.11 -15.16 5.22
C ARG B 751 35.25 -14.42 4.20
N SER B 752 34.31 -13.59 4.67
CA SER B 752 33.44 -12.87 3.74
C SER B 752 34.22 -11.89 2.89
N ALA B 753 35.21 -11.21 3.49
CA ALA B 753 36.07 -10.29 2.73
C ALA B 753 36.79 -11.01 1.63
N LEU B 754 37.33 -12.19 1.92
CA LEU B 754 38.07 -12.99 0.95
C LEU B 754 37.16 -13.57 -0.13
N LEU B 755 36.08 -14.26 0.28
CA LEU B 755 35.17 -14.82 -0.70
C LEU B 755 34.44 -13.75 -1.49
N LYS B 756 34.48 -12.49 -1.04
CA LYS B 756 33.94 -11.39 -1.82
C LYS B 756 34.59 -11.33 -3.19
N LEU B 757 35.89 -11.10 -3.19
CA LEU B 757 36.71 -11.15 -4.40
C LEU B 757 36.56 -12.50 -5.12
N ALA B 758 36.54 -13.56 -4.36
CA ALA B 758 36.52 -14.95 -4.82
C ALA B 758 35.47 -15.21 -5.90
N CYS B 759 34.30 -14.57 -5.81
CA CYS B 759 33.34 -14.64 -6.90
C CYS B 759 32.89 -13.29 -7.43
N ASP B 760 33.39 -12.17 -6.88
CA ASP B 760 33.42 -10.93 -7.64
C ASP B 760 34.38 -11.01 -8.84
N LEU B 761 35.07 -12.15 -9.00
CA LEU B 761 36.01 -12.38 -10.08
C LEU B 761 35.61 -13.54 -11.00
N ASN B 762 34.43 -14.14 -10.81
CA ASN B 762 34.00 -15.32 -11.57
C ASN B 762 35.05 -16.45 -11.48
N HIS B 763 35.60 -16.65 -10.29
CA HIS B 763 36.49 -17.78 -10.03
C HIS B 763 35.60 -18.96 -9.66
N ALA B 764 35.26 -19.75 -10.70
CA ALA B 764 34.30 -20.84 -10.65
C ALA B 764 34.28 -21.68 -9.37
N PRO B 765 35.43 -22.11 -8.80
CA PRO B 765 35.42 -22.99 -7.60
C PRO B 765 34.47 -22.58 -6.50
N CYS B 766 34.21 -21.29 -6.38
CA CYS B 766 33.37 -20.77 -5.31
C CYS B 766 32.10 -20.10 -5.83
N ILE B 767 32.16 -19.36 -6.93
CA ILE B 767 30.94 -18.82 -7.54
C ILE B 767 29.99 -19.96 -7.89
N GLN B 768 30.54 -21.07 -8.37
CA GLN B 768 29.74 -22.27 -8.57
C GLN B 768 29.16 -22.77 -7.26
N LYS B 769 29.94 -22.68 -6.17
CA LYS B 769 29.51 -23.08 -4.83
C LYS B 769 28.24 -22.34 -4.41
N ALA B 770 28.29 -21.00 -4.47
CA ALA B 770 27.16 -20.16 -4.14
C ALA B 770 25.88 -20.64 -4.80
N ALA B 771 25.93 -20.85 -6.12
CA ALA B 771 24.73 -21.09 -6.92
C ALA B 771 23.94 -22.29 -6.42
N GLU B 772 24.61 -23.32 -5.88
CA GLU B 772 23.89 -24.47 -5.38
C GLU B 772 23.29 -24.18 -4.02
N LEU B 773 24.02 -23.49 -3.15
CA LEU B 773 23.42 -22.96 -1.92
C LEU B 773 22.29 -21.98 -2.23
N PHE B 774 22.59 -20.98 -3.09
CA PHE B 774 21.58 -20.02 -3.55
C PHE B 774 20.32 -20.73 -4.03
N SER B 775 20.45 -21.60 -5.02
CA SER B 775 19.24 -22.23 -5.51
C SER B 775 18.75 -23.31 -4.57
N GLN B 776 19.61 -23.92 -3.72
CA GLN B 776 19.00 -24.73 -2.69
C GLN B 776 18.08 -23.88 -1.82
N TRP B 777 18.52 -22.66 -1.43
CA TRP B 777 17.65 -21.83 -0.61
C TRP B 777 16.44 -21.34 -1.42
N MET B 778 16.68 -20.82 -2.63
CA MET B 778 15.60 -20.31 -3.47
C MET B 778 14.59 -21.40 -3.83
N GLU B 779 15.05 -22.65 -3.98
CA GLU B 779 14.16 -23.79 -4.15
C GLU B 779 13.65 -24.33 -2.81
N SER B 780 14.35 -24.06 -1.70
CA SER B 780 13.82 -24.37 -0.39
C SER B 780 12.71 -23.41 0.01
N SER B 781 12.75 -22.18 -0.51
CA SER B 781 11.79 -21.12 -0.22
C SER B 781 11.80 -20.72 1.26
N GLY B 782 12.96 -20.20 1.70
CA GLY B 782 13.14 -19.73 3.07
C GLY B 782 13.37 -20.82 4.10
N LYS B 783 13.36 -22.09 3.70
CA LYS B 783 13.53 -23.22 4.59
C LYS B 783 15.01 -23.51 4.86
N LEU B 784 15.81 -23.65 3.80
CA LEU B 784 17.25 -23.74 3.96
C LEU B 784 17.76 -22.52 4.70
N ASN B 785 18.79 -22.72 5.51
CA ASN B 785 19.48 -21.62 6.17
C ASN B 785 20.90 -21.51 5.61
N ILE B 786 21.23 -20.31 5.15
CA ILE B 786 22.54 -19.96 4.59
C ILE B 786 23.38 -19.43 5.74
N PRO B 787 24.67 -19.73 5.79
CA PRO B 787 25.50 -19.19 6.88
C PRO B 787 25.61 -17.68 6.76
N THR B 788 25.82 -17.06 7.91
CA THR B 788 25.77 -15.61 8.01
C THR B 788 26.75 -14.96 7.05
N ASP B 789 28.04 -15.24 7.23
CA ASP B 789 29.08 -14.44 6.61
C ASP B 789 29.14 -14.58 5.08
N VAL B 790 28.29 -15.38 4.45
CA VAL B 790 28.31 -15.51 3.00
C VAL B 790 27.07 -14.93 2.34
N LEU B 791 26.10 -14.43 3.13
CA LEU B 791 24.78 -14.06 2.62
C LEU B 791 24.83 -13.01 1.52
N LYS B 792 25.47 -11.87 1.82
CA LYS B 792 25.69 -10.83 0.82
C LYS B 792 26.35 -11.37 -0.46
N ILE B 793 27.22 -12.38 -0.33
CA ILE B 793 27.91 -12.97 -1.49
C ILE B 793 26.95 -13.83 -2.31
N VAL B 794 26.33 -14.81 -1.65
CA VAL B 794 25.38 -15.71 -2.30
C VAL B 794 24.31 -14.91 -3.06
N TYR B 795 23.56 -14.05 -2.33
CA TYR B 795 22.54 -13.19 -2.94
C TYR B 795 23.11 -12.41 -4.12
N SER B 796 24.27 -11.81 -3.92
CA SER B 796 24.90 -11.06 -5.00
C SER B 796 25.17 -11.94 -6.20
N VAL B 797 25.65 -13.18 -5.98
CA VAL B 797 25.95 -14.08 -7.10
C VAL B 797 24.69 -14.36 -7.91
N GLY B 798 23.63 -14.80 -7.24
CA GLY B 798 22.39 -15.20 -7.88
C GLY B 798 21.49 -14.09 -8.35
N ALA B 799 21.99 -12.85 -8.38
CA ALA B 799 21.21 -11.74 -8.89
C ALA B 799 21.02 -11.86 -10.40
N GLN B 800 22.11 -12.19 -11.11
CA GLN B 800 22.20 -12.08 -12.56
C GLN B 800 21.05 -12.82 -13.30
N THR B 801 20.68 -14.00 -12.82
CA THR B 801 19.47 -14.68 -13.31
C THR B 801 18.23 -13.89 -12.91
N THR B 802 17.49 -13.35 -13.89
CA THR B 802 16.31 -12.53 -13.59
C THR B 802 15.29 -13.29 -12.75
N ALA B 803 15.24 -14.61 -12.88
CA ALA B 803 14.39 -15.40 -11.99
C ALA B 803 14.83 -15.27 -10.52
N GLY B 804 16.11 -14.98 -10.29
CA GLY B 804 16.59 -14.72 -8.94
C GLY B 804 16.31 -13.29 -8.53
N TRP B 805 16.85 -12.34 -9.30
CA TRP B 805 16.66 -10.90 -9.07
C TRP B 805 15.19 -10.57 -8.79
N ASN B 806 14.28 -11.18 -9.54
CA ASN B 806 12.86 -11.00 -9.26
C ASN B 806 12.46 -11.74 -7.99
N TYR B 807 13.11 -12.86 -7.67
CA TYR B 807 12.76 -13.52 -6.42
C TYR B 807 13.36 -12.80 -5.23
N LEU B 808 14.48 -12.12 -5.42
CA LEU B 808 15.10 -11.41 -4.32
C LEU B 808 14.30 -10.15 -3.97
N LEU B 809 13.94 -9.37 -4.99
CA LEU B 809 13.07 -8.21 -4.80
C LEU B 809 11.79 -8.60 -4.09
N GLU B 810 11.13 -9.67 -4.56
CA GLU B 810 9.89 -10.07 -3.93
C GLU B 810 10.11 -10.50 -2.50
N GLN B 811 11.20 -11.22 -2.22
CA GLN B 811 11.37 -11.65 -0.82
C GLN B 811 11.84 -10.53 0.08
N TYR B 812 12.53 -9.52 -0.47
CA TYR B 812 12.89 -8.29 0.24
C TYR B 812 11.71 -7.72 1.03
N GLU B 813 10.60 -7.46 0.33
CA GLU B 813 9.38 -6.98 0.96
C GLU B 813 8.97 -7.85 2.14
N LEU B 814 9.17 -9.17 2.02
CA LEU B 814 8.55 -10.04 3.00
C LEU B 814 9.36 -10.10 4.30
N SER B 815 10.67 -9.85 4.25
CA SER B 815 11.55 -10.18 5.36
C SER B 815 11.42 -9.23 6.54
N MET B 816 11.59 -9.77 7.74
CA MET B 816 11.48 -9.03 8.99
C MET B 816 12.83 -8.61 9.57
N SER B 817 13.92 -8.70 8.80
CA SER B 817 15.25 -8.30 9.26
C SER B 817 15.79 -7.17 8.39
N SER B 818 15.96 -5.98 8.97
CA SER B 818 16.51 -4.87 8.21
C SER B 818 17.95 -5.14 7.78
N ALA B 819 18.72 -5.86 8.60
CA ALA B 819 20.02 -6.36 8.14
C ALA B 819 19.89 -7.26 6.91
N GLU B 820 19.00 -8.25 6.96
CA GLU B 820 18.85 -9.14 5.82
C GLU B 820 18.41 -8.38 4.58
N GLN B 821 17.47 -7.42 4.74
CA GLN B 821 16.98 -6.73 3.55
C GLN B 821 17.97 -5.70 3.03
N ASN B 822 18.81 -5.13 3.90
CA ASN B 822 19.92 -4.33 3.39
C ASN B 822 20.77 -5.15 2.44
N LYS B 823 21.15 -6.37 2.85
CA LYS B 823 22.04 -7.17 2.02
C LYS B 823 21.37 -7.58 0.71
N ILE B 824 20.07 -7.91 0.74
CA ILE B 824 19.32 -8.09 -0.50
C ILE B 824 19.41 -6.85 -1.37
N LEU B 825 19.24 -5.66 -0.77
CA LEU B 825 19.23 -4.43 -1.55
C LEU B 825 20.57 -4.21 -2.23
N TYR B 826 21.68 -4.51 -1.54
CA TYR B 826 22.97 -4.57 -2.23
C TYR B 826 22.90 -5.60 -3.35
N ALA B 827 22.33 -6.77 -3.04
CA ALA B 827 22.33 -7.90 -3.96
C ALA B 827 21.64 -7.55 -5.27
N LEU B 828 20.70 -6.62 -5.24
CA LEU B 828 20.05 -6.17 -6.47
C LEU B 828 20.80 -5.03 -7.15
N SER B 829 21.67 -4.32 -6.44
CA SER B 829 22.52 -3.34 -7.12
C SER B 829 23.64 -3.98 -7.94
N THR B 830 23.81 -5.30 -7.86
CA THR B 830 24.92 -5.92 -8.56
C THR B 830 24.63 -6.24 -10.01
N SER B 831 23.34 -6.41 -10.37
CA SER B 831 22.97 -6.76 -11.73
C SER B 831 23.40 -5.69 -12.73
N LYS B 832 23.75 -6.13 -13.95
CA LYS B 832 24.27 -5.25 -15.00
C LYS B 832 23.19 -4.82 -16.00
N HIS B 833 21.93 -5.18 -15.75
CA HIS B 833 20.79 -4.73 -16.57
C HIS B 833 20.49 -3.27 -16.28
N GLN B 834 20.68 -2.40 -17.28
CA GLN B 834 20.38 -0.99 -17.08
C GLN B 834 18.90 -0.77 -16.71
N GLU B 835 17.98 -1.56 -17.24
CA GLU B 835 16.65 -1.22 -16.76
C GLU B 835 16.37 -1.83 -15.42
N LYS B 836 16.78 -3.10 -15.14
CA LYS B 836 16.52 -3.63 -13.80
C LYS B 836 17.13 -2.70 -12.73
N LEU B 837 18.32 -2.14 -13.00
CA LEU B 837 18.94 -1.21 -12.07
C LEU B 837 18.07 0.01 -11.83
N LEU B 838 17.49 0.58 -12.90
CA LEU B 838 16.72 1.82 -12.73
C LEU B 838 15.35 1.58 -12.14
N LYS B 839 14.77 0.38 -12.26
CA LYS B 839 13.53 0.10 -11.54
C LYS B 839 13.72 0.20 -10.03
N LEU B 840 14.85 -0.34 -9.54
CA LEU B 840 15.26 -0.15 -8.14
C LEU B 840 15.24 1.32 -7.77
N ILE B 841 15.82 2.16 -8.63
CA ILE B 841 15.90 3.58 -8.33
C ILE B 841 14.53 4.22 -8.37
N GLU B 842 13.65 3.74 -9.26
CA GLU B 842 12.30 4.30 -9.33
C GLU B 842 11.52 4.00 -8.07
N LEU B 843 11.69 2.80 -7.50
CA LEU B 843 10.97 2.48 -6.28
C LEU B 843 11.52 3.23 -5.08
N GLY B 844 12.81 3.58 -5.12
CA GLY B 844 13.36 4.44 -4.07
C GLY B 844 12.75 5.82 -4.08
N MET B 845 12.71 6.46 -5.26
CA MET B 845 12.07 7.77 -5.40
C MET B 845 10.62 7.73 -4.91
N GLU B 846 9.90 6.66 -5.24
CA GLU B 846 8.54 6.49 -4.71
C GLU B 846 8.55 6.41 -3.19
N GLY B 847 9.43 5.58 -2.65
CA GLY B 847 9.62 5.52 -1.22
C GLY B 847 8.79 4.49 -0.47
N LYS B 848 7.97 3.69 -1.15
CA LYS B 848 7.13 2.78 -0.36
C LYS B 848 7.73 1.38 -0.22
N VAL B 849 8.10 0.72 -1.31
CA VAL B 849 8.68 -0.63 -1.18
C VAL B 849 10.10 -0.55 -0.62
N ILE B 850 10.93 0.31 -1.19
CA ILE B 850 12.25 0.64 -0.63
C ILE B 850 12.15 1.99 0.07
N LYS B 851 12.40 2.02 1.37
CA LYS B 851 12.25 3.24 2.15
C LYS B 851 13.20 4.32 1.64
N THR B 852 12.77 5.59 1.77
CA THR B 852 13.58 6.70 1.26
C THR B 852 14.89 6.85 2.03
N GLN B 853 14.96 6.35 3.28
CA GLN B 853 16.20 6.41 4.05
C GLN B 853 17.34 5.68 3.34
N ASN B 854 17.01 4.74 2.45
CA ASN B 854 17.97 3.92 1.74
C ASN B 854 18.33 4.45 0.37
N LEU B 855 17.62 5.48 -0.11
CA LEU B 855 17.78 5.92 -1.50
C LEU B 855 19.23 6.29 -1.82
N ALA B 856 19.85 7.17 -1.02
CA ALA B 856 21.22 7.59 -1.33
C ALA B 856 22.17 6.39 -1.40
N ALA B 857 22.06 5.48 -0.43
CA ALA B 857 22.94 4.31 -0.43
C ALA B 857 22.69 3.43 -1.65
N LEU B 858 21.41 3.33 -2.07
CA LEU B 858 21.08 2.53 -3.24
C LEU B 858 21.77 3.10 -4.48
N LEU B 859 21.60 4.40 -4.73
CA LEU B 859 22.36 5.10 -5.76
C LEU B 859 23.86 4.81 -5.62
N HIS B 860 24.39 5.03 -4.41
CA HIS B 860 25.83 4.92 -4.18
C HIS B 860 26.37 3.55 -4.52
N ALA B 861 25.57 2.50 -4.31
CA ALA B 861 25.98 1.15 -4.68
C ALA B 861 26.03 1.00 -6.20
N ILE B 862 25.00 1.51 -6.88
CA ILE B 862 24.89 1.35 -8.31
C ILE B 862 26.03 2.09 -9.00
N ALA B 863 26.21 3.37 -8.68
CA ALA B 863 27.28 4.17 -9.29
C ALA B 863 28.67 3.57 -9.12
N ARG B 864 28.87 2.64 -8.18
CA ARG B 864 30.17 2.01 -8.01
C ARG B 864 30.45 0.95 -9.07
N ARG B 865 29.43 0.23 -9.53
CA ARG B 865 29.62 -0.66 -10.67
C ARG B 865 29.89 0.16 -11.94
N PRO B 866 30.72 -0.36 -12.85
CA PRO B 866 30.97 0.37 -14.10
C PRO B 866 29.76 0.38 -15.03
N LYS B 867 28.95 -0.69 -14.99
CA LYS B 867 27.78 -0.80 -15.85
C LYS B 867 26.75 0.29 -15.54
N GLY B 868 26.46 0.52 -14.26
CA GLY B 868 25.56 1.57 -13.86
C GLY B 868 26.19 2.91 -13.54
N GLN B 869 27.52 3.05 -13.69
CA GLN B 869 28.21 4.27 -13.27
C GLN B 869 27.63 5.51 -13.93
N GLN B 870 27.37 5.45 -15.24
CA GLN B 870 26.90 6.64 -15.95
C GLN B 870 25.39 6.82 -15.80
N LEU B 871 24.63 5.73 -15.64
CA LEU B 871 23.19 5.85 -15.43
C LEU B 871 22.91 6.73 -14.22
N ALA B 872 23.51 6.38 -13.07
CA ALA B 872 23.38 7.17 -11.84
C ALA B 872 23.73 8.64 -12.08
N TRP B 873 24.91 8.90 -12.67
CA TRP B 873 25.31 10.26 -12.97
C TRP B 873 24.28 10.97 -13.84
N ASP B 874 23.77 10.28 -14.87
CA ASP B 874 22.70 10.86 -15.69
C ASP B 874 21.48 11.18 -14.84
N PHE B 875 21.04 10.21 -14.04
CA PHE B 875 19.77 10.32 -13.33
C PHE B 875 19.77 11.46 -12.32
N VAL B 876 20.87 11.60 -11.58
CA VAL B 876 20.96 12.66 -10.59
C VAL B 876 20.80 14.02 -11.26
N ARG B 877 21.47 14.22 -12.41
CA ARG B 877 21.37 15.50 -13.12
C ARG B 877 19.98 15.71 -13.72
N GLU B 878 19.24 14.62 -14.01
CA GLU B 878 17.91 14.77 -14.61
C GLU B 878 16.85 15.05 -13.56
N ASN B 879 16.96 14.42 -12.38
CA ASN B 879 15.96 14.55 -11.32
C ASN B 879 16.47 15.33 -10.11
N TRP B 880 17.40 16.27 -10.33
CA TRP B 880 18.03 16.97 -9.20
C TRP B 880 17.02 17.71 -8.35
N THR B 881 16.16 18.51 -8.99
CA THR B 881 15.25 19.35 -8.22
C THR B 881 14.27 18.50 -7.41
N HIS B 882 13.99 17.28 -7.86
CA HIS B 882 13.11 16.39 -7.08
C HIS B 882 13.85 15.77 -5.89
N LEU B 883 15.06 15.26 -6.12
CA LEU B 883 15.89 14.82 -5.00
C LEU B 883 16.04 15.93 -3.96
N LEU B 884 16.18 17.16 -4.42
CA LEU B 884 16.30 18.28 -3.49
C LEU B 884 15.00 18.58 -2.79
N LYS B 885 13.86 18.18 -3.35
CA LYS B 885 12.64 18.33 -2.55
C LYS B 885 12.57 17.29 -1.44
N LYS B 886 13.11 16.10 -1.68
CA LYS B 886 13.21 15.10 -0.61
C LYS B 886 14.13 15.58 0.52
N PHE B 887 15.34 16.00 0.17
CA PHE B 887 16.42 16.20 1.14
CA PHE B 887 16.42 16.20 1.14
C PHE B 887 16.82 17.65 1.28
N ASP B 888 17.39 17.97 2.45
CA ASP B 888 17.73 19.32 2.91
C ASP B 888 18.99 19.93 2.27
N LEU B 889 19.75 19.19 1.47
CA LEU B 889 20.90 19.73 0.72
C LEU B 889 22.14 20.01 1.56
N GLY B 890 22.01 20.20 2.85
CA GLY B 890 23.10 20.03 3.78
C GLY B 890 22.99 18.64 4.33
N SER B 891 21.94 17.93 3.94
CA SER B 891 21.67 16.58 4.34
C SER B 891 22.84 15.68 4.04
N TYR B 892 22.88 14.54 4.72
CA TYR B 892 23.90 13.55 4.40
C TYR B 892 23.54 12.84 3.12
N ASP B 893 22.23 12.64 2.87
CA ASP B 893 21.82 11.96 1.64
C ASP B 893 22.26 12.75 0.41
N ILE B 894 22.09 14.07 0.44
CA ILE B 894 22.56 14.87 -0.68
C ILE B 894 24.06 14.79 -0.79
N ARG B 895 24.75 14.80 0.35
CA ARG B 895 26.21 14.73 0.34
C ARG B 895 26.70 13.39 -0.18
N MET B 896 26.02 12.31 0.17
CA MET B 896 26.44 10.99 -0.26
C MET B 896 26.03 10.69 -1.69
N ILE B 897 24.99 11.37 -2.19
CA ILE B 897 24.57 11.11 -3.56
C ILE B 897 25.54 11.72 -4.55
N ILE B 898 26.00 12.94 -4.31
CA ILE B 898 26.87 13.58 -5.30
C ILE B 898 28.28 12.98 -5.27
N SER B 899 28.88 12.83 -4.09
CA SER B 899 30.19 12.19 -4.12
C SER B 899 30.07 10.68 -4.33
N GLY B 900 28.88 10.12 -4.12
CA GLY B 900 28.67 8.72 -4.45
C GLY B 900 28.60 8.49 -5.94
N THR B 901 28.18 9.50 -6.70
CA THR B 901 28.03 9.42 -8.15
C THR B 901 29.21 9.97 -8.92
N THR B 902 30.11 10.69 -8.26
CA THR B 902 31.14 11.43 -8.98
C THR B 902 32.56 11.24 -8.47
N ALA B 903 32.77 10.80 -7.22
CA ALA B 903 34.10 10.85 -6.60
C ALA B 903 35.04 9.76 -7.09
N HIS B 904 34.54 8.84 -7.92
CA HIS B 904 35.26 7.70 -8.46
C HIS B 904 35.71 7.91 -9.90
N PHE B 905 35.61 9.13 -10.40
CA PHE B 905 36.01 9.44 -11.76
C PHE B 905 37.49 9.78 -11.79
N SER B 906 38.11 9.55 -12.95
CA SER B 906 39.53 9.74 -13.13
C SER B 906 39.90 10.43 -14.45
N SER B 907 38.92 10.75 -15.29
CA SER B 907 39.11 11.32 -16.61
C SER B 907 39.14 12.84 -16.55
N LYS B 908 39.67 13.45 -17.62
CA LYS B 908 39.53 14.90 -17.78
C LYS B 908 38.16 15.25 -18.35
N ASP B 909 37.62 14.35 -19.19
CA ASP B 909 36.24 14.39 -19.68
C ASP B 909 35.26 14.70 -18.53
N LYS B 910 35.20 13.81 -17.56
CA LYS B 910 34.22 13.98 -16.49
C LYS B 910 34.58 15.13 -15.57
N LEU B 911 35.86 15.48 -15.47
CA LEU B 911 36.26 16.56 -14.56
C LEU B 911 35.67 17.90 -15.01
N GLN B 912 35.65 18.17 -16.32
CA GLN B 912 34.98 19.40 -16.75
C GLN B 912 33.47 19.28 -16.62
N GLU B 913 32.92 18.10 -16.93
CA GLU B 913 31.47 17.87 -16.90
C GLU B 913 30.93 17.96 -15.48
N VAL B 914 31.76 17.67 -14.48
CA VAL B 914 31.44 17.89 -13.08
C VAL B 914 31.80 19.30 -12.61
N LYS B 915 32.76 19.98 -13.27
CA LYS B 915 32.91 21.42 -13.08
C LYS B 915 31.66 22.15 -13.56
N LEU B 916 31.09 21.69 -14.68
CA LEU B 916 29.73 22.07 -15.00
C LEU B 916 28.78 21.30 -14.09
N PHE B 917 27.59 21.85 -13.92
CA PHE B 917 26.55 21.29 -13.05
C PHE B 917 26.86 21.49 -11.58
N PHE B 918 28.12 21.76 -11.23
CA PHE B 918 28.44 22.39 -9.94
C PHE B 918 28.33 23.89 -10.05
N GLU B 919 28.84 24.44 -11.15
CA GLU B 919 28.55 25.83 -11.49
C GLU B 919 27.11 26.01 -11.98
N SER B 920 26.44 24.92 -12.41
CA SER B 920 25.02 25.00 -12.77
C SER B 920 24.14 25.08 -11.53
N LEU B 921 24.60 24.55 -10.40
CA LEU B 921 23.79 24.58 -9.19
C LEU B 921 24.13 25.76 -8.29
N GLU B 922 25.25 26.42 -8.51
CA GLU B 922 25.44 27.76 -7.99
C GLU B 922 24.69 28.80 -8.81
N ALA B 923 24.01 28.38 -9.88
CA ALA B 923 22.91 29.16 -10.43
C ALA B 923 21.88 29.47 -9.34
N GLN B 924 21.30 28.42 -8.75
CA GLN B 924 20.58 28.60 -7.51
C GLN B 924 21.56 28.83 -6.37
N GLY B 925 21.04 29.23 -5.22
CA GLY B 925 21.90 29.43 -4.06
C GLY B 925 22.22 28.10 -3.43
N SER B 926 23.11 27.35 -4.05
CA SER B 926 23.46 25.98 -3.63
C SER B 926 24.99 25.82 -3.57
N HIS B 927 25.61 26.21 -2.46
CA HIS B 927 27.03 26.01 -2.30
C HIS B 927 27.32 25.01 -1.19
N LEU B 928 28.13 24.00 -1.54
CA LEU B 928 28.56 22.92 -0.65
C LEU B 928 30.05 22.68 -0.84
N ASP B 929 30.80 22.65 0.26
CA ASP B 929 32.23 22.37 0.17
C ASP B 929 32.52 21.03 -0.49
N ILE B 930 31.57 20.10 -0.47
CA ILE B 930 31.77 18.80 -1.11
C ILE B 930 31.95 18.99 -2.61
N PHE B 931 31.46 20.10 -3.16
CA PHE B 931 31.81 20.49 -4.52
C PHE B 931 33.32 20.46 -4.71
N GLN B 932 34.05 21.27 -3.96
CA GLN B 932 35.46 21.30 -4.25
C GLN B 932 36.13 20.04 -3.83
N THR B 933 35.74 19.43 -2.67
CA THR B 933 36.37 18.18 -2.28
C THR B 933 36.31 17.12 -3.39
N VAL B 934 35.19 17.00 -4.11
CA VAL B 934 35.10 16.01 -5.18
C VAL B 934 35.78 16.50 -6.46
N LEU B 935 35.66 17.80 -6.77
CA LEU B 935 36.42 18.39 -7.88
C LEU B 935 37.89 17.99 -7.78
N GLU B 936 38.53 18.45 -6.71
CA GLU B 936 39.92 18.14 -6.43
C GLU B 936 40.17 16.64 -6.34
N THR B 937 39.14 15.85 -6.04
CA THR B 937 39.38 14.43 -5.87
C THR B 937 39.44 13.71 -7.22
N ILE B 938 38.65 14.13 -8.20
CA ILE B 938 38.86 13.59 -9.54
C ILE B 938 40.13 14.17 -10.15
N THR B 939 40.43 15.45 -9.88
CA THR B 939 41.67 16.06 -10.34
C THR B 939 42.89 15.30 -9.83
N LYS B 940 42.86 14.86 -8.57
CA LYS B 940 43.92 14.00 -8.05
C LYS B 940 43.85 12.58 -8.62
N ASN B 941 42.72 12.18 -9.22
CA ASN B 941 42.67 10.87 -9.87
C ASN B 941 43.27 10.92 -11.27
N ILE B 942 43.06 12.02 -11.98
CA ILE B 942 43.79 12.22 -13.24
C ILE B 942 45.28 12.15 -13.01
N LYS B 943 45.81 13.08 -12.21
CA LYS B 943 47.26 13.24 -12.02
C LYS B 943 47.92 12.05 -11.34
N TRP B 944 47.15 11.09 -10.80
CA TRP B 944 47.72 9.84 -10.33
C TRP B 944 47.76 8.79 -11.43
N LEU B 945 47.00 8.97 -12.51
CA LEU B 945 47.16 8.20 -13.75
C LEU B 945 48.10 8.88 -14.73
N GLU B 946 48.12 10.22 -14.68
CA GLU B 946 48.92 11.06 -15.57
C GLU B 946 50.40 10.74 -15.45
N LYS B 947 50.84 10.37 -14.26
CA LYS B 947 52.27 10.14 -14.05
C LYS B 947 52.52 8.89 -13.24
N ASN B 948 51.58 7.96 -13.21
CA ASN B 948 51.83 6.76 -12.41
C ASN B 948 51.34 5.46 -13.04
N LEU B 949 50.49 5.47 -14.02
CA LEU B 949 50.08 4.17 -14.55
C LEU B 949 51.12 3.51 -15.43
N PRO B 950 51.86 4.27 -16.32
CA PRO B 950 52.89 3.62 -17.16
C PRO B 950 53.74 2.65 -16.38
N THR B 951 54.08 3.08 -15.16
CA THR B 951 54.86 2.25 -14.24
C THR B 951 54.17 0.91 -13.93
N LEU B 952 52.85 0.89 -13.77
CA LEU B 952 52.21 -0.34 -13.29
C LEU B 952 51.71 -1.27 -14.39
N ARG B 953 51.70 -0.86 -15.66
CA ARG B 953 51.57 -1.86 -16.70
C ARG B 953 52.70 -2.90 -16.63
N THR B 954 53.83 -2.50 -16.07
CA THR B 954 55.08 -3.21 -16.03
C THR B 954 55.10 -4.36 -14.99
N TRP B 955 53.94 -4.88 -14.58
CA TRP B 955 53.89 -6.07 -13.71
C TRP B 955 53.08 -7.22 -14.34
N LEU B 956 53.26 -7.46 -15.65
CA LEU B 956 52.81 -8.70 -16.25
C LEU B 956 53.67 -9.85 -15.73
N MET B 957 53.02 -10.93 -15.31
CA MET B 957 53.85 -12.05 -14.89
C MET B 957 53.96 -13.12 -15.97
N VAL B 958 52.89 -13.88 -16.21
CA VAL B 958 52.92 -15.04 -17.15
C VAL B 958 51.74 -15.99 -16.97
C1 NAG C . -32.87 -24.66 15.40
C2 NAG C . -33.28 -24.62 16.89
C3 NAG C . -34.80 -24.68 17.05
C4 NAG C . -35.50 -23.65 16.17
C5 NAG C . -35.02 -23.79 14.73
C6 NAG C . -35.59 -22.72 13.82
C7 NAG C . -31.66 -25.53 18.48
C8 NAG C . -31.13 -26.78 19.15
N2 NAG C . -32.65 -25.71 17.61
O3 NAG C . -35.14 -24.43 18.41
O4 NAG C . -36.90 -23.91 16.21
O5 NAG C . -33.59 -23.64 14.67
O6 NAG C . -35.65 -23.16 12.47
O7 NAG C . -31.23 -24.42 18.76
C1 NAG C . -37.59 -23.13 17.20
C2 NAG C . -39.10 -23.09 16.87
C3 NAG C . -39.86 -22.28 17.91
C4 NAG C . -39.53 -22.76 19.33
C5 NAG C . -38.02 -22.87 19.54
C6 NAG C . -37.64 -23.51 20.86
C7 NAG C . -39.43 -23.28 14.44
C8 NAG C . -39.65 -22.53 13.15
N2 NAG C . -39.32 -22.53 15.53
O3 NAG C . -41.27 -22.36 17.67
O4 NAG C . -40.06 -21.81 20.26
O5 NAG C . -37.42 -23.67 18.50
O6 NAG C . -37.84 -24.92 20.83
O7 NAG C . -39.35 -24.50 14.46
C1 BMA C . -41.02 -22.43 21.15
C2 BMA C . -41.21 -21.49 22.37
C3 BMA C . -42.17 -22.16 23.34
C4 BMA C . -43.52 -22.32 22.64
C5 BMA C . -43.32 -23.26 21.42
C6 BMA C . -44.60 -23.49 20.64
O2 BMA C . -41.82 -20.26 21.97
O3 BMA C . -42.29 -21.48 24.59
O4 BMA C . -44.46 -22.84 23.55
O5 BMA C . -42.30 -22.69 20.53
O6 BMA C . -44.79 -24.89 20.42
C1 NAG D . -1.72 -14.56 16.96
C2 NAG D . -2.21 -14.51 18.41
C3 NAG D . -1.41 -13.52 19.24
C4 NAG D . 0.08 -13.73 19.03
C5 NAG D . 0.39 -13.70 17.56
C6 NAG D . 1.86 -13.85 17.22
C7 NAG D . -4.63 -15.00 18.59
C8 NAG D . -5.99 -14.38 18.61
N2 NAG D . -3.62 -14.13 18.43
O3 NAG D . -1.73 -13.68 20.62
O4 NAG D . 0.76 -12.66 19.67
O5 NAG D . -0.31 -14.79 16.94
O6 NAG D . 2.28 -15.21 17.30
O7 NAG D . -4.45 -16.22 18.71
C1 NAG D . 1.64 -13.19 20.65
C2 NAG D . 2.35 -11.93 20.99
C3 NAG D . 3.43 -12.20 22.01
C4 NAG D . 2.85 -12.91 23.23
C5 NAG D . 1.95 -14.08 22.84
C6 NAG D . 1.09 -14.55 23.99
C7 NAG D . 2.98 -9.97 19.68
C8 NAG D . 3.54 -9.47 18.38
N2 NAG D . 2.89 -11.29 19.81
O3 NAG D . 3.96 -10.94 22.40
O4 NAG D . 3.92 -13.41 23.99
O5 NAG D . 1.03 -13.72 21.79
O6 NAG D . 0.47 -13.45 24.64
O7 NAG D . 2.63 -9.21 20.57
C1 BMA D . 3.75 -13.06 25.37
C2 BMA D . 4.51 -14.12 26.19
C3 BMA D . 4.31 -13.82 27.67
C4 BMA D . 4.72 -12.35 27.99
C5 BMA D . 3.95 -11.38 27.04
C6 BMA D . 4.30 -9.91 27.21
O2 BMA D . 5.92 -14.07 25.92
O3 BMA D . 5.01 -14.76 28.49
O4 BMA D . 4.40 -12.04 29.34
O5 BMA D . 4.24 -11.76 25.68
O6 BMA D . 3.07 -9.18 27.04
C1 NAG E . -45.48 2.21 -6.37
C2 NAG E . -46.42 1.05 -6.74
C3 NAG E . -47.80 1.58 -7.10
C4 NAG E . -48.33 2.57 -6.06
C5 NAG E . -47.27 3.59 -5.64
C6 NAG E . -47.69 4.37 -4.42
C7 NAG E . -45.76 -1.09 -7.78
C8 NAG E . -45.16 -1.73 -9.01
N2 NAG E . -45.88 0.25 -7.83
O3 NAG E . -48.70 0.48 -7.18
O4 NAG E . -49.39 3.31 -6.66
O5 NAG E . -46.04 2.95 -5.30
O6 NAG E . -48.02 3.49 -3.36
O7 NAG E . -46.11 -1.75 -6.80
C1 NAG E . -50.70 3.05 -6.13
C2 NAG E . -51.67 3.98 -6.89
C3 NAG E . -53.11 3.74 -6.44
C4 NAG E . -53.46 2.27 -6.52
C5 NAG E . -52.43 1.43 -5.77
C6 NAG E . -52.65 -0.06 -5.88
C7 NAG E . -50.59 6.08 -7.61
C8 NAG E . -50.31 7.50 -7.25
N2 NAG E . -51.30 5.38 -6.70
O3 NAG E . -53.99 4.51 -7.26
O4 NAG E . -54.74 2.07 -5.91
O5 NAG E . -51.12 1.70 -6.30
O6 NAG E . -52.60 -0.53 -7.22
O7 NAG E . -50.19 5.58 -8.66
C1 BMA E . -55.83 1.93 -6.84
C2 BMA E . -56.94 1.20 -6.08
C3 BMA E . -58.11 0.94 -7.02
C4 BMA E . -58.63 2.28 -7.57
C5 BMA E . -57.46 3.09 -8.27
C6 BMA E . -57.84 4.52 -8.75
O2 BMA E . -57.42 2.06 -5.02
O3 BMA E . -59.14 0.14 -6.42
O4 BMA E . -59.71 2.05 -8.49
O5 BMA E . -56.31 3.19 -7.36
O6 BMA E . -57.76 5.45 -7.65
C1 NAG F . -29.65 -23.42 -30.44
C2 NAG F . -29.02 -24.24 -31.57
C3 NAG F . -29.66 -25.61 -31.63
C4 NAG F . -29.61 -26.29 -30.27
C5 NAG F . -30.15 -25.37 -29.18
C6 NAG F . -29.97 -25.93 -27.78
C7 NAG F . -28.21 -22.77 -33.38
C8 NAG F . -28.52 -22.17 -34.73
N2 NAG F . -29.15 -23.57 -32.86
O3 NAG F . -29.00 -26.42 -32.59
O4 NAG F . -30.40 -27.48 -30.31
O5 NAG F . -29.47 -24.10 -29.20
O6 NAG F . -30.27 -24.95 -26.79
O7 NAG F . -27.16 -22.54 -32.80
C1 NAG F . -29.60 -28.60 -29.88
C2 NAG F . -30.36 -29.89 -30.22
C3 NAG F . -29.55 -31.09 -29.76
C4 NAG F . -28.17 -31.06 -30.41
C5 NAG F . -27.48 -29.72 -30.11
C6 NAG F . -26.15 -29.55 -30.81
C7 NAG F . -32.79 -29.59 -30.29
C8 NAG F . -34.07 -29.65 -29.51
N2 NAG F . -31.67 -29.90 -29.61
O3 NAG F . -30.22 -32.31 -30.05
O4 NAG F . -27.37 -32.13 -29.91
O5 NAG F . -28.31 -28.62 -30.53
O6 NAG F . -26.31 -29.32 -32.21
O7 NAG F . -32.76 -29.26 -31.47
C1 NAG G . -7.35 12.08 16.53
C2 NAG G . -7.83 11.80 17.96
C3 NAG G . -8.91 10.73 17.99
C4 NAG G . -9.96 10.99 16.91
C5 NAG G . -9.29 11.24 15.57
C6 NAG G . -10.27 11.56 14.47
C7 NAG G . -6.00 12.29 19.52
C8 NAG G . -4.86 11.71 20.33
N2 NAG G . -6.70 11.41 18.79
O3 NAG G . -9.55 10.79 19.27
O4 NAG G . -10.79 9.85 16.79
O5 NAG G . -8.43 12.39 15.72
O6 NAG G . -10.62 12.94 14.49
O7 NAG G . -6.29 13.50 19.54
C1 NAG G . -12.15 10.22 17.00
C2 NAG G . -12.85 8.91 16.80
C3 NAG G . -14.34 9.05 17.02
C4 NAG G . -14.64 9.83 18.30
C5 NAG G . -13.81 11.10 18.39
C6 NAG G . -13.97 11.85 19.69
C7 NAG G . -11.99 7.21 15.24
C8 NAG G . -11.75 6.87 13.81
N2 NAG G . -12.57 8.40 15.47
O3 NAG G . -14.87 7.73 17.11
O4 NAG G . -16.01 10.21 18.26
O5 NAG G . -12.43 10.74 18.28
O6 NAG G . -13.60 11.05 20.81
O7 NAG G . -11.67 6.44 16.17
C1 BMA G . -16.63 9.66 19.42
C2 BMA G . -17.78 10.62 19.74
C3 BMA G . -18.54 10.10 20.93
C4 BMA G . -18.94 8.65 20.74
C5 BMA G . -17.71 7.77 20.39
C6 BMA G . -18.06 6.30 20.15
O2 BMA G . -18.66 10.75 18.60
O3 BMA G . -19.67 10.87 21.21
O4 BMA G . -19.52 8.20 21.94
O5 BMA G . -17.09 8.34 19.18
O6 BMA G . -19.14 6.28 19.19
C1 MAN G . -19.38 11.86 22.22
C2 MAN G . -20.50 11.76 23.29
C3 MAN G . -21.83 12.32 22.70
C4 MAN G . -21.62 13.72 22.06
C5 MAN G . -20.49 13.64 21.01
C6 MAN G . -20.22 14.95 20.32
O2 MAN G . -20.20 12.53 24.48
O3 MAN G . -22.93 12.32 23.64
O4 MAN G . -22.82 14.18 21.43
O5 MAN G . -19.27 13.16 21.64
O6 MAN G . -21.45 15.34 19.68
C1 MAN G . -19.75 4.97 19.06
C2 MAN G . -20.87 5.02 18.01
C3 MAN G . -21.95 6.00 18.46
C4 MAN G . -22.52 5.56 19.80
C5 MAN G . -21.38 5.43 20.83
C6 MAN G . -21.83 4.88 22.18
O2 MAN G . -21.52 3.77 18.00
O3 MAN G . -22.98 6.17 17.53
O4 MAN G . -23.48 6.53 20.24
O5 MAN G . -20.30 4.57 20.28
O6 MAN G . -22.21 3.50 21.99
C1 NAG H . 17.01 22.10 36.03
C2 NAG H . 16.31 21.79 37.36
C3 NAG H . 17.28 21.92 38.54
C4 NAG H . 18.55 21.11 38.29
C5 NAG H . 19.14 21.52 36.94
C6 NAG H . 20.41 20.78 36.56
C7 NAG H . 13.90 22.18 37.61
C8 NAG H . 12.83 23.20 37.76
N2 NAG H . 15.15 22.65 37.54
O3 NAG H . 16.63 21.48 39.71
O4 NAG H . 19.49 21.34 39.34
O5 NAG H . 18.18 21.29 35.90
O6 NAG H . 20.16 19.43 36.21
O7 NAG H . 13.65 20.98 37.55
C1 NAG H . 19.62 20.28 40.32
C2 NAG H . 20.91 20.54 41.06
C3 NAG H . 21.08 19.59 42.26
C4 NAG H . 19.80 19.42 43.06
C5 NAG H . 18.61 19.22 42.14
C6 NAG H . 17.29 19.22 42.86
C7 NAG H . 22.72 21.48 39.72
C8 NAG H . 23.88 21.20 38.81
N2 NAG H . 22.05 20.42 40.17
O3 NAG H . 22.09 20.11 43.12
O4 NAG H . 19.96 18.29 43.92
O5 NAG H . 18.57 20.30 41.19
O6 NAG H . 16.96 20.55 43.27
O7 NAG H . 22.39 22.64 40.02
C1 NAG I . 43.22 26.19 -1.53
C2 NAG I . 42.48 26.82 -2.74
C3 NAG I . 42.43 28.36 -2.65
C4 NAG I . 42.07 28.84 -1.24
C5 NAG I . 42.96 28.11 -0.24
C6 NAG I . 42.77 28.56 1.19
C7 NAG I . 44.41 26.72 -4.26
C8 NAG I . 44.95 26.20 -5.57
N2 NAG I . 43.14 26.41 -3.98
O3 NAG I . 41.49 28.84 -3.61
O4 NAG I . 42.29 30.25 -1.10
O5 NAG I . 42.69 26.71 -0.31
O6 NAG I . 43.36 29.83 1.39
O7 NAG I . 45.11 27.39 -3.49
C1 NAG I . 41.12 31.12 -1.19
C2 NAG I . 41.44 32.49 -0.50
C3 NAG I . 40.36 33.55 -0.79
C4 NAG I . 40.01 33.62 -2.26
C5 NAG I . 39.60 32.23 -2.73
C6 NAG I . 39.22 32.19 -4.20
C7 NAG I . 40.72 31.72 1.75
C8 NAG I . 41.08 31.69 3.20
N2 NAG I . 41.61 32.33 0.94
O3 NAG I . 40.86 34.82 -0.38
O4 NAG I . 38.96 34.55 -2.47
O5 NAG I . 40.73 31.36 -2.57
O6 NAG I . 38.61 33.40 -4.62
O7 NAG I . 39.69 31.21 1.31
C1 NAG J . 23.10 45.03 28.93
C2 NAG J . 24.46 44.54 29.51
C3 NAG J . 25.46 45.60 29.31
C4 NAG J . 25.42 45.91 27.82
C5 NAG J . 24.02 46.31 27.37
C6 NAG J . 23.89 46.58 25.89
C7 NAG J . 23.96 44.61 32.00
C8 NAG J . 23.42 45.99 31.84
N2 NAG J . 24.45 44.00 30.88
O3 NAG J . 26.75 45.22 29.75
O4 NAG J . 26.33 46.90 27.41
O5 NAG J . 23.21 45.17 27.65
O6 NAG J . 24.10 45.41 25.12
O7 NAG J . 24.00 44.06 33.12
C1 NAG J . 27.16 46.18 26.51
C2 NAG J . 27.95 47.26 25.72
C3 NAG J . 29.33 46.79 25.21
C4 NAG J . 29.98 45.68 26.03
C5 NAG J . 28.93 44.68 26.44
C6 NAG J . 29.47 43.56 27.31
C7 NAG J . 26.86 47.04 23.51
C8 NAG J . 26.03 47.73 22.47
N2 NAG J . 27.15 47.76 24.62
O3 NAG J . 30.19 47.92 25.25
O4 NAG J . 30.99 45.03 25.25
O5 NAG J . 28.01 45.41 27.25
O6 NAG J . 30.76 43.15 26.88
O7 NAG J . 27.26 45.89 23.38
C1 NAG K . 42.47 -2.63 24.55
C2 NAG K . 43.48 -1.52 24.82
C3 NAG K . 44.84 -2.11 25.17
C4 NAG K . 44.71 -3.04 26.36
C5 NAG K . 43.71 -4.14 26.02
C6 NAG K . 43.45 -5.10 27.15
C7 NAG K . 43.37 0.70 23.77
C8 NAG K . 43.53 1.47 22.49
N2 NAG K . 43.58 -0.61 23.68
O3 NAG K . 45.75 -1.06 25.46
O4 NAG K . 45.97 -3.59 26.76
O5 NAG K . 42.43 -3.55 25.69
O6 NAG K . 43.02 -4.42 28.31
O7 NAG K . 43.07 1.25 24.82
C1 NAG K . 46.41 -2.87 27.96
C2 NAG K . 47.07 -3.81 28.99
C3 NAG K . 47.44 -2.98 30.21
C4 NAG K . 48.41 -1.87 29.80
C5 NAG K . 47.86 -1.04 28.64
C6 NAG K . 48.91 -0.12 28.06
C7 NAG K . 46.34 -6.16 28.88
C8 NAG K . 47.37 -6.33 27.80
N2 NAG K . 46.21 -4.93 29.38
O3 NAG K . 48.02 -3.79 31.23
O4 NAG K . 48.64 -1.02 30.92
O5 NAG K . 47.39 -1.88 27.56
O6 NAG K . 48.61 0.24 26.72
O7 NAG K . 45.62 -7.08 29.25
C1 NAG L . -53.45 16.71 -26.56
C2 NAG L . -53.52 18.24 -26.73
C3 NAG L . -53.96 18.89 -25.43
C4 NAG L . -55.35 18.36 -25.08
C5 NAG L . -55.25 16.85 -24.85
C6 NAG L . -56.59 16.21 -24.53
C7 NAG L . -52.00 19.03 -28.49
C8 NAG L . -50.66 19.60 -28.80
N2 NAG L . -52.26 18.79 -27.20
O3 NAG L . -53.95 20.31 -25.52
O4 NAG L . -55.92 19.04 -23.96
O5 NAG L . -54.75 16.20 -26.03
O6 NAG L . -57.46 16.15 -25.65
O7 NAG L . -52.82 18.78 -29.37
C1 NAG M . -33.10 -46.80 2.16
C2 NAG M . -34.40 -47.06 2.94
C3 NAG M . -35.39 -47.80 2.05
C4 NAG M . -35.59 -47.06 0.73
C5 NAG M . -34.25 -46.74 0.09
C6 NAG M . -34.39 -45.91 -1.18
C7 NAG M . -34.68 -47.58 5.33
C8 NAG M . -34.23 -48.47 6.46
N2 NAG M . -34.10 -47.83 4.14
O3 NAG M . -36.64 -47.95 2.70
O4 NAG M . -36.35 -47.88 -0.15
O5 NAG M . -33.40 -45.99 0.99
O6 NAG M . -35.33 -46.52 -2.06
O7 NAG M . -35.51 -46.71 5.49
C1 NAG N . -7.29 -35.31 18.76
C2 NAG N . -6.01 -34.67 19.30
C3 NAG N . -6.14 -34.41 20.81
C4 NAG N . -7.45 -33.68 21.13
C5 NAG N . -8.64 -34.36 20.46
C6 NAG N . -9.93 -33.61 20.62
C7 NAG N . -3.61 -35.26 19.36
C8 NAG N . -2.59 -36.30 19.00
N2 NAG N . -4.88 -35.54 19.04
O3 NAG N . -5.05 -33.61 21.27
O4 NAG N . -7.65 -33.66 22.54
O5 NAG N . -8.41 -34.48 19.05
O6 NAG N . -10.91 -34.07 19.69
O7 NAG N . -3.30 -34.21 19.93
C1 NAG O . -9.46 6.34 -39.20
C2 NAG O . -7.94 6.15 -39.09
C3 NAG O . -7.24 7.44 -39.48
C4 NAG O . -7.71 7.96 -40.84
C5 NAG O . -9.23 7.87 -41.08
C6 NAG O . -9.57 7.91 -42.56
C7 NAG O . -7.81 4.56 -37.17
C8 NAG O . -7.14 4.32 -35.86
N2 NAG O . -7.48 5.70 -37.79
O3 NAG O . -5.84 7.22 -39.53
O4 NAG O . -7.33 9.33 -40.94
O5 NAG O . -9.80 6.66 -40.57
O6 NAG O . -10.94 7.73 -42.82
O7 NAG O . -8.65 3.79 -37.62
C1 NAG P . -16.93 13.41 7.88
C2 NAG P . -17.70 14.60 7.41
C3 NAG P . -16.86 15.28 6.33
C4 NAG P . -15.48 15.58 6.94
C5 NAG P . -14.90 14.39 7.73
C6 NAG P . -13.71 14.77 8.61
C7 NAG P . -19.73 13.95 5.88
C8 NAG P . -19.59 14.97 4.80
N2 NAG P . -19.01 14.09 7.01
O3 NAG P . -17.41 16.50 5.85
O4 NAG P . -14.53 16.07 5.99
O5 NAG P . -15.87 13.79 8.62
O6 NAG P . -14.11 15.60 9.71
O7 NAG P . -20.69 13.17 5.89
C10 7OO Q . -22.63 -12.50 -7.90
C13 7OO Q . -24.01 -11.80 -10.12
C20 7OO Q . -25.77 -8.25 -9.06
C21 7OO Q . -25.18 -8.05 -10.31
C22 7OO Q . -25.74 -8.79 -11.52
C24 7OO Q . -25.29 -9.96 -13.60
C26 7OO Q . -27.55 -9.79 -12.75
C28 7OO Q . -24.08 -7.21 -10.43
C02 7OO Q . -25.88 -12.41 -3.83
C05 7OO Q . -25.92 -9.51 -4.69
C06 7OO Q . -25.69 -9.20 -6.17
C07 7OO Q . -24.30 -9.57 -6.41
C09 7OO Q . -22.59 -11.01 -7.45
C11 7OO Q . -23.00 -12.63 -9.35
C12 7OO Q . -21.72 -12.92 -10.06
C14 7OO Q . -21.68 -10.30 -8.32
C18 7OO Q . -25.92 -7.81 -6.57
C19 7OO Q . -25.27 -7.57 -7.92
C23 7OO Q . -24.84 -9.25 -12.48
C25 7OO Q . -26.65 -10.23 -13.73
C27 7OO Q . -27.10 -9.07 -11.65
C29 7OO Q . -23.60 -6.56 -9.28
C30 7OO Q . -22.41 -5.63 -9.32
C31 7OO Q . -21.20 -6.16 -8.92
C32 7OO Q . -20.07 -5.37 -8.94
C33 7OO Q . -20.21 -4.02 -9.35
C34 7OO Q . -21.43 -3.48 -9.75
C35 7OO Q . -22.57 -4.28 -9.74
C36 7OO Q . -24.17 -6.74 -8.03
C38 7OO Q . -24.79 -12.78 -4.78
C39 7OO Q . -23.72 -13.71 -4.15
C40 7OO Q . -22.86 -14.51 -5.14
C41 7OO Q . -21.54 -14.20 -5.33
C42 7OO Q . -20.79 -14.92 -6.28
C43 7OO Q . -21.40 -15.94 -7.05
C44 7OO Q . -22.74 -16.25 -6.85
C45 7OO Q . -23.49 -15.53 -5.89
N01 7OO Q . -26.82 -13.47 -3.82
N08 7OO Q . -23.97 -10.65 -7.32
N15 7OO Q . -20.32 -10.72 -8.26
O04 7OO Q . -28.02 -10.77 -3.29
O16 7OO Q . -22.07 -9.52 -9.16
O17 7OO Q . -23.41 -8.96 -5.81
O37 7OO Q . -27.64 -11.42 -5.55
P03 7OO Q . -26.92 -11.04 -4.33
H102 7OO Q . -23.27 -12.98 -7.36
H101 7OO Q . -21.75 -12.90 -7.75
H132 7OO Q . -24.18 -12.20 -10.99
H131 7OO Q . -23.66 -10.89 -10.26
H133 7OO Q . -24.84 -11.74 -9.61
H201 7OO Q . -26.52 -8.87 -8.98
H241 7OO Q . -24.67 -10.27 -14.28
H261 7OO Q . -28.51 -9.99 -12.84
H281 7OO Q . -23.64 -7.07 -11.29
H021 7OO Q . -25.42 -12.20 -3.00
H052 7OO Q . -26.36 -8.74 -4.28
H051 7OO Q . -25.04 -9.60 -4.26
H061 7OO Q . -26.36 -9.71 -6.71
H091 7OO Q . -22.18 -10.76 -6.58
H111 7OO Q . -23.66 -13.35 -9.30
H122 7OO Q . -21.65 -11.93 -10.00
H123 7OO Q . -22.36 -13.30 -10.72
H121 7OO Q . -21.56 -13.44 -9.23
H181 7OO Q . -26.87 -7.61 -6.62
H182 7OO Q . -25.52 -7.21 -5.91
H231 7OO Q . -23.89 -9.06 -12.38
H251 7OO Q . -26.98 -10.72 -14.50
H271 7OO Q . -27.74 -8.75 -10.97
H311 7OO Q . -21.14 -7.09 -8.63
H321 7OO Q . -19.21 -5.72 -8.67
H331 7OO Q . -19.43 -3.45 -9.36
H341 7OO Q . -21.51 -2.54 -10.03
H351 7OO Q . -23.43 -3.95 -10.01
H361 7OO Q . -23.82 -6.29 -7.26
H382 7OO Q . -25.19 -13.23 -5.55
H381 7OO Q . -24.35 -11.97 -5.10
H392 7OO Q . -23.14 -13.18 -3.61
H391 7OO Q . -24.17 -14.34 -3.57
H411 7OO Q . -21.12 -13.50 -4.81
H421 7OO Q . -19.84 -14.72 -6.41
H431 7OO Q . -20.89 -16.42 -7.73
H441 7OO Q . -23.17 -16.96 -7.36
H451 7OO Q . -24.43 -15.74 -5.74
H1 7OO Q . -26.55 -14.18 -3.35
H011 7OO Q . -27.65 -13.19 -3.55
H081 7OO Q . -24.62 -11.08 -7.77
H152 7OO Q . -19.72 -10.42 -8.86
H151 7OO Q . -20.04 -11.30 -7.60
H041 7OO Q . -27.73 -10.99 -2.49
C1 EDO R . -1.68 -23.01 9.06
O1 EDO R . -2.29 -23.86 10.05
C2 EDO R . -0.68 -23.76 8.20
O2 EDO R . -1.34 -24.27 7.03
C1 EDO S . -61.05 -20.14 -24.47
O1 EDO S . -62.00 -19.36 -23.73
C2 EDO S . -60.88 -21.47 -23.74
O2 EDO S . -59.86 -21.34 -22.73
C1 EDO T . -39.27 -26.05 -26.76
O1 EDO T . -40.51 -25.68 -26.13
C2 EDO T . -38.14 -26.03 -25.74
O2 EDO T . -36.97 -26.61 -26.33
N1 IMD U . -27.09 -27.60 22.16
C2 IMD U . -27.17 -27.64 23.50
N3 IMD U . -26.17 -28.40 23.98
C4 IMD U . -25.43 -28.85 22.94
C5 IMD U . -26.02 -28.34 21.78
ZN ZN V . -29.40 -11.42 -4.71
C10 7OO W . 25.15 12.95 10.44
C13 7OO W . 27.74 12.27 10.47
C20 7OO W . 27.97 8.47 11.36
C21 7OO W . 28.44 8.34 10.05
C22 7OO W . 29.60 9.22 9.63
C24 7OO W . 30.62 10.54 7.88
C26 7OO W . 31.57 10.53 10.11
C28 7OO W . 27.80 7.47 9.14
C02 7OO W . 24.34 11.90 16.03
C05 7OO W . 25.19 9.36 14.75
C06 7OO W . 25.94 9.25 13.42
C07 7OO W . 25.03 9.70 12.36
C09 7OO W . 24.43 11.64 10.84
C11 7OO W . 26.48 12.79 9.76
C12 7OO W . 26.33 12.24 8.38
C14 7OO W . 24.07 10.85 9.66
C18 7OO W . 26.34 7.84 13.20
C19 7OO W . 26.85 7.71 11.78
C23 7OO W . 29.62 9.68 8.32
C25 7OO W . 31.60 10.96 8.78
C27 7OO W . 30.56 9.67 10.55
C29 7OO W . 26.66 6.72 9.59
C30 7OO W . 25.88 5.74 8.71
C31 7OO W . 24.50 5.93 8.65
C32 7OO W . 23.72 5.10 7.89
C33 7OO W . 24.33 4.06 7.16
C34 7OO W . 25.71 3.87 7.21
C35 7OO W . 26.51 4.70 7.98
C36 7OO W . 26.20 6.85 10.90
C38 7OO W . 24.43 12.94 14.95
C39 7OO W . 23.09 13.56 14.49
C40 7OO W . 22.99 14.38 13.18
C41 7OO W . 22.18 13.94 12.14
C42 7OO W . 22.10 14.69 10.95
C43 7OO W . 22.78 15.93 10.83
C44 7OO W . 23.55 16.40 11.89
C45 7OO W . 23.66 15.63 13.07
N01 7OO W . 24.36 12.39 17.37
N08 7OO W . 25.29 11.03 11.82
N15 7OO W . 23.08 11.37 8.81
O04 7OO W . 25.98 10.02 17.29
O16 7OO W . 24.79 9.90 9.28
O17 7OO W . 24.08 9.02 11.97
O37 7OO W . 26.98 11.36 15.44
P03 7OO W . 25.73 10.70 15.92
H102 7OO W . 25.28 13.48 11.24
H101 7OO W . 24.57 13.46 9.84
H132 7OO W . 27.67 12.42 11.43
H131 7OO W . 28.53 12.73 10.13
H133 7OO W . 27.85 11.31 10.31
H201 7OO W . 28.41 9.08 11.98
H241 7OO W . 30.65 10.84 6.95
H261 7OO W . 32.26 10.82 10.74
H281 7OO W . 28.11 7.38 8.23
H021 7OO W . 23.47 11.47 15.87
H052 7OO W . 25.28 8.52 15.21
H051 7OO W . 24.26 9.50 14.56
H061 7OO W . 26.77 9.79 13.42
H091 7OO W . 23.53 11.76 11.23
H111 7OO W . 26.72 13.73 9.80
H122 7OO W . 26.27 11.40 8.89
H123 7OO W . 27.22 12.67 8.29
H121 7OO W . 25.54 12.85 8.40
H181 7OO W . 27.03 7.59 13.84
H182 7OO W . 25.57 7.25 13.34
H231 7OO W . 28.91 9.41 7.70
H251 7OO W . 32.31 11.56 8.49
H271 7OO W . 30.53 9.39 11.47
H311 7OO W . 24.11 6.65 9.16
H321 7OO W . 22.75 5.23 7.85
H331 7OO W . 23.79 3.47 6.62
H341 7OO W . 26.12 3.14 6.69
H351 7OO W . 27.45 4.58 8.03
H361 7OO W . 25.44 6.35 11.19
H382 7OO W . 24.99 13.67 15.27
H381 7OO W . 24.86 12.55 14.17
H392 7OO W . 22.46 12.82 14.41
H391 7OO W . 22.78 14.12 15.21
H411 7OO W . 21.69 13.11 12.24
H421 7OO W . 21.57 14.36 10.20
H431 7OO W . 22.70 16.46 10.00
H441 7OO W . 24.02 17.27 11.81
H451 7OO W . 24.20 15.96 13.81
H1 7OO W . 23.53 12.71 17.56
H011 7OO W . 24.55 11.72 17.95
H081 7OO W . 26.00 11.48 12.12
H152 7OO W . 22.95 11.00 7.98
H151 7OO W . 22.56 12.07 9.07
H041 7OO W . 26.38 10.59 17.84
C1 NAG X . 62.13 -14.29 12.98
C2 NAG X . 62.22 -15.84 12.99
C3 NAG X . 62.09 -16.39 14.41
C4 NAG X . 63.12 -15.75 15.33
C5 NAG X . 62.97 -14.24 15.32
C6 NAG X . 64.05 -13.55 16.12
C7 NAG X . 61.49 -16.98 10.93
C8 NAG X . 62.91 -16.86 10.46
N2 NAG X . 61.22 -16.45 12.13
O3 NAG X . 62.29 -17.80 14.40
O4 NAG X . 62.93 -16.25 16.65
O5 NAG X . 63.07 -13.74 13.96
O6 NAG X . 64.54 -14.37 17.17
O7 NAG X . 60.63 -17.51 10.25
C1 NAG Y . 33.52 -0.81 -22.06
C2 NAG Y . 32.30 0.13 -22.37
C3 NAG Y . 30.98 -0.61 -22.19
C4 NAG Y . 30.98 -1.90 -23.00
C5 NAG Y . 32.12 -2.77 -22.51
C6 NAG Y . 32.19 -4.16 -23.14
C7 NAG Y . 32.42 2.57 -21.96
C8 NAG Y . 32.42 3.65 -20.89
N2 NAG Y . 32.32 1.31 -21.52
O3 NAG Y . 29.85 0.18 -22.57
O4 NAG Y . 29.73 -2.59 -22.91
O5 NAG Y . 33.35 -2.06 -22.77
O6 NAG Y . 30.92 -4.80 -23.05
O7 NAG Y . 32.45 2.84 -23.13
C1 NAG Z . -5.21 33.87 23.89
C2 NAG Z . -6.33 34.67 23.21
C3 NAG Z . -7.15 35.42 24.26
C4 NAG Z . -7.76 34.42 25.22
C5 NAG Z . -6.61 33.68 25.92
C6 NAG Z . -7.08 32.61 26.89
C7 NAG Z . -5.70 35.28 20.91
C8 NAG Z . -5.18 36.36 20.02
N2 NAG Z . -5.82 35.59 22.21
O3 NAG Z . -8.16 36.23 23.64
O4 NAG Z . -8.60 35.08 26.17
O5 NAG Z . -5.78 33.01 24.94
O6 NAG Z . -7.45 31.42 26.20
O7 NAG Z . -5.97 34.17 20.49
ZN ZN AA . 27.89 11.16 17.33
#